data_1NEQ
# 
_entry.id   1NEQ 
# 
_audit_conform.dict_name       mmcif_pdbx.dic 
_audit_conform.dict_version    5.392 
_audit_conform.dict_location   http://mmcif.pdb.org/dictionaries/ascii/mmcif_pdbx.dic 
# 
loop_
_database_2.database_id 
_database_2.database_code 
_database_2.pdbx_database_accession 
_database_2.pdbx_DOI 
PDB   1NEQ         pdb_00001neq 10.2210/pdb1neq/pdb 
WWPDB D_1000175260 ?            ?                   
# 
loop_
_pdbx_audit_revision_history.ordinal 
_pdbx_audit_revision_history.data_content_type 
_pdbx_audit_revision_history.major_revision 
_pdbx_audit_revision_history.minor_revision 
_pdbx_audit_revision_history.revision_date 
1 'Structure model' 1 0 1995-12-07 
2 'Structure model' 1 1 2008-03-24 
3 'Structure model' 1 2 2011-07-13 
4 'Structure model' 1 3 2022-02-23 
5 'Structure model' 1 4 2024-05-22 
# 
_pdbx_audit_revision_details.ordinal             1 
_pdbx_audit_revision_details.revision_ordinal    1 
_pdbx_audit_revision_details.data_content_type   'Structure model' 
_pdbx_audit_revision_details.provider            repository 
_pdbx_audit_revision_details.type                'Initial release' 
_pdbx_audit_revision_details.description         ? 
_pdbx_audit_revision_details.details             ? 
# 
loop_
_pdbx_audit_revision_group.ordinal 
_pdbx_audit_revision_group.revision_ordinal 
_pdbx_audit_revision_group.data_content_type 
_pdbx_audit_revision_group.group 
1 2 'Structure model' 'Version format compliance' 
2 3 'Structure model' 'Version format compliance' 
3 4 'Structure model' 'Database references'       
4 4 'Structure model' 'Derived calculations'      
5 4 'Structure model' Other                       
6 4 'Structure model' 'Structure summary'         
7 5 'Structure model' 'Data collection'           
# 
loop_
_pdbx_audit_revision_category.ordinal 
_pdbx_audit_revision_category.revision_ordinal 
_pdbx_audit_revision_category.data_content_type 
_pdbx_audit_revision_category.category 
1 4 'Structure model' database_2            
2 4 'Structure model' pdbx_database_status  
3 4 'Structure model' pdbx_struct_assembly  
4 4 'Structure model' pdbx_struct_oper_list 
5 4 'Structure model' struct_keywords       
6 5 'Structure model' chem_comp_atom        
7 5 'Structure model' chem_comp_bond        
# 
loop_
_pdbx_audit_revision_item.ordinal 
_pdbx_audit_revision_item.revision_ordinal 
_pdbx_audit_revision_item.data_content_type 
_pdbx_audit_revision_item.item 
1 4 'Structure model' '_database_2.pdbx_DOI'                
2 4 'Structure model' '_database_2.pdbx_database_accession' 
3 4 'Structure model' '_pdbx_database_status.process_site'  
4 4 'Structure model' '_struct_keywords.text'               
# 
_pdbx_database_status.status_code                     REL 
_pdbx_database_status.entry_id                        1NEQ 
_pdbx_database_status.recvd_initial_deposition_date   1995-08-24 
_pdbx_database_status.deposit_site                    ? 
_pdbx_database_status.process_site                    BNL 
_pdbx_database_status.SG_entry                        . 
_pdbx_database_status.pdb_format_compatible           Y 
_pdbx_database_status.status_code_mr                  ? 
_pdbx_database_status.status_code_sf                  ? 
_pdbx_database_status.status_code_cs                  ? 
_pdbx_database_status.status_code_nmr_data            ? 
_pdbx_database_status.methods_development_category    ? 
# 
_pdbx_database_related.db_name        PDB 
_pdbx_database_related.db_id          1NER 
_pdbx_database_related.details        . 
_pdbx_database_related.content_type   ensemble 
# 
loop_
_audit_author.name 
_audit_author.pdbx_ordinal 
'Clore, G.M.'      1 
'Strzelecka, T.E.' 2 
'Gronenborn, A.M.' 3 
# 
loop_
_citation.id 
_citation.title 
_citation.journal_abbrev 
_citation.journal_volume 
_citation.page_first 
_citation.page_last 
_citation.year 
_citation.journal_id_ASTM 
_citation.country 
_citation.journal_id_ISSN 
_citation.journal_id_CSD 
_citation.book_publisher 
_citation.pdbx_database_id_PubMed 
_citation.pdbx_database_id_DOI 
primary 'The solution structure of the Mu Ner protein reveals a helix-turn-helix DNA recognition motif.' Structure    3  1087 1095 
1995 STRUE6 UK 0969-2126 2005 ? 8590003 '10.1016/S0969-2126(01)00244-1' 
1       
;Determination of the Secondary Structure of the DNA Binding Protein Ner from Phage Mu Using 1H Homonuclear and 15N-1H Heteronuclear NMR Spectroscopy
;
Biochemistry 28 5081 ?    1989 BICHAW US 0006-2960 0033 ? ?       ?                               
# 
loop_
_citation_author.citation_id 
_citation_author.name 
_citation_author.ordinal 
_citation_author.identifier_ORCID 
primary 'Strzelecka, T.E.' 1 ? 
primary 'Clore, G.M.'      2 ? 
primary 'Gronenborn, A.M.' 3 ? 
1       'Gronenborn, A.M.' 4 ? 
1       'Wingfield, P.T.'  5 ? 
1       'Clore, G.M.'      6 ? 
# 
_entity.id                         1 
_entity.type                       polymer 
_entity.src_method                 nat 
_entity.pdbx_description           'DNA-BINDING PROTEIN NER' 
_entity.formula_weight             8388.538 
_entity.pdbx_number_of_molecules   1 
_entity.pdbx_ec                    ? 
_entity.pdbx_mutation              ? 
_entity.pdbx_fragment              ? 
_entity.details                    ? 
# 
_entity_poly.entity_id                      1 
_entity_poly.type                           'polypeptide(L)' 
_entity_poly.nstd_linkage                   no 
_entity_poly.nstd_monomer                   no 
_entity_poly.pdbx_seq_one_letter_code       CSNEKARDWHRADVIAGLKKRKLSLSALSRQFGYAPTTLANALERHWPKGEQIIANALETKPEVIWPSRYQAGE 
_entity_poly.pdbx_seq_one_letter_code_can   CSNEKARDWHRADVIAGLKKRKLSLSALSRQFGYAPTTLANALERHWPKGEQIIANALETKPEVIWPSRYQAGE 
_entity_poly.pdbx_strand_id                 A 
_entity_poly.pdbx_target_identifier         ? 
# 
loop_
_entity_poly_seq.entity_id 
_entity_poly_seq.num 
_entity_poly_seq.mon_id 
_entity_poly_seq.hetero 
1 1  CYS n 
1 2  SER n 
1 3  ASN n 
1 4  GLU n 
1 5  LYS n 
1 6  ALA n 
1 7  ARG n 
1 8  ASP n 
1 9  TRP n 
1 10 HIS n 
1 11 ARG n 
1 12 ALA n 
1 13 ASP n 
1 14 VAL n 
1 15 ILE n 
1 16 ALA n 
1 17 GLY n 
1 18 LEU n 
1 19 LYS n 
1 20 LYS n 
1 21 ARG n 
1 22 LYS n 
1 23 LEU n 
1 24 SER n 
1 25 LEU n 
1 26 SER n 
1 27 ALA n 
1 28 LEU n 
1 29 SER n 
1 30 ARG n 
1 31 GLN n 
1 32 PHE n 
1 33 GLY n 
1 34 TYR n 
1 35 ALA n 
1 36 PRO n 
1 37 THR n 
1 38 THR n 
1 39 LEU n 
1 40 ALA n 
1 41 ASN n 
1 42 ALA n 
1 43 LEU n 
1 44 GLU n 
1 45 ARG n 
1 46 HIS n 
1 47 TRP n 
1 48 PRO n 
1 49 LYS n 
1 50 GLY n 
1 51 GLU n 
1 52 GLN n 
1 53 ILE n 
1 54 ILE n 
1 55 ALA n 
1 56 ASN n 
1 57 ALA n 
1 58 LEU n 
1 59 GLU n 
1 60 THR n 
1 61 LYS n 
1 62 PRO n 
1 63 GLU n 
1 64 VAL n 
1 65 ILE n 
1 66 TRP n 
1 67 PRO n 
1 68 SER n 
1 69 ARG n 
1 70 TYR n 
1 71 GLN n 
1 72 ALA n 
1 73 GLY n 
1 74 GLU n 
# 
_entity_src_nat.entity_id                  1 
_entity_src_nat.pdbx_src_id                1 
_entity_src_nat.pdbx_alt_source_flag       sample 
_entity_src_nat.pdbx_beg_seq_num           ? 
_entity_src_nat.pdbx_end_seq_num           ? 
_entity_src_nat.common_name                ? 
_entity_src_nat.pdbx_organism_scientific   'Enterobacteria phage Mu' 
_entity_src_nat.pdbx_ncbi_taxonomy_id      10677 
_entity_src_nat.genus                      'Mu-like viruses' 
_entity_src_nat.species                    ? 
_entity_src_nat.strain                     ? 
_entity_src_nat.tissue                     ? 
_entity_src_nat.tissue_fraction            ? 
_entity_src_nat.pdbx_secretion             ? 
_entity_src_nat.pdbx_fragment              ? 
_entity_src_nat.pdbx_variant               ? 
_entity_src_nat.pdbx_cell_line             ? 
_entity_src_nat.pdbx_atcc                  ? 
_entity_src_nat.pdbx_cellular_location     ? 
_entity_src_nat.pdbx_organ                 ? 
_entity_src_nat.pdbx_organelle             ? 
_entity_src_nat.pdbx_cell                  ? 
_entity_src_nat.pdbx_plasmid_name          ? 
_entity_src_nat.pdbx_plasmid_details       ? 
_entity_src_nat.details                    ? 
# 
loop_
_chem_comp.id 
_chem_comp.type 
_chem_comp.mon_nstd_flag 
_chem_comp.name 
_chem_comp.pdbx_synonyms 
_chem_comp.formula 
_chem_comp.formula_weight 
ALA 'L-peptide linking' y ALANINE         ? 'C3 H7 N O2'     89.093  
ARG 'L-peptide linking' y ARGININE        ? 'C6 H15 N4 O2 1' 175.209 
ASN 'L-peptide linking' y ASPARAGINE      ? 'C4 H8 N2 O3'    132.118 
ASP 'L-peptide linking' y 'ASPARTIC ACID' ? 'C4 H7 N O4'     133.103 
CYS 'L-peptide linking' y CYSTEINE        ? 'C3 H7 N O2 S'   121.158 
GLN 'L-peptide linking' y GLUTAMINE       ? 'C5 H10 N2 O3'   146.144 
GLU 'L-peptide linking' y 'GLUTAMIC ACID' ? 'C5 H9 N O4'     147.129 
GLY 'peptide linking'   y GLYCINE         ? 'C2 H5 N O2'     75.067  
HIS 'L-peptide linking' y HISTIDINE       ? 'C6 H10 N3 O2 1' 156.162 
ILE 'L-peptide linking' y ISOLEUCINE      ? 'C6 H13 N O2'    131.173 
LEU 'L-peptide linking' y LEUCINE         ? 'C6 H13 N O2'    131.173 
LYS 'L-peptide linking' y LYSINE          ? 'C6 H15 N2 O2 1' 147.195 
PHE 'L-peptide linking' y PHENYLALANINE   ? 'C9 H11 N O2'    165.189 
PRO 'L-peptide linking' y PROLINE         ? 'C5 H9 N O2'     115.130 
SER 'L-peptide linking' y SERINE          ? 'C3 H7 N O3'     105.093 
THR 'L-peptide linking' y THREONINE       ? 'C4 H9 N O3'     119.119 
TRP 'L-peptide linking' y TRYPTOPHAN      ? 'C11 H12 N2 O2'  204.225 
TYR 'L-peptide linking' y TYROSINE        ? 'C9 H11 N O3'    181.189 
VAL 'L-peptide linking' y VALINE          ? 'C5 H11 N O2'    117.146 
# 
loop_
_pdbx_poly_seq_scheme.asym_id 
_pdbx_poly_seq_scheme.entity_id 
_pdbx_poly_seq_scheme.seq_id 
_pdbx_poly_seq_scheme.mon_id 
_pdbx_poly_seq_scheme.ndb_seq_num 
_pdbx_poly_seq_scheme.pdb_seq_num 
_pdbx_poly_seq_scheme.auth_seq_num 
_pdbx_poly_seq_scheme.pdb_mon_id 
_pdbx_poly_seq_scheme.auth_mon_id 
_pdbx_poly_seq_scheme.pdb_strand_id 
_pdbx_poly_seq_scheme.pdb_ins_code 
_pdbx_poly_seq_scheme.hetero 
A 1 1  CYS 1  1  1  CYS CYS A . n 
A 1 2  SER 2  2  2  SER SER A . n 
A 1 3  ASN 3  3  3  ASN ASN A . n 
A 1 4  GLU 4  4  4  GLU GLU A . n 
A 1 5  LYS 5  5  5  LYS LYS A . n 
A 1 6  ALA 6  6  6  ALA ALA A . n 
A 1 7  ARG 7  7  7  ARG ARG A . n 
A 1 8  ASP 8  8  8  ASP ASP A . n 
A 1 9  TRP 9  9  9  TRP TRP A . n 
A 1 10 HIS 10 10 10 HIS HIS A . n 
A 1 11 ARG 11 11 11 ARG ARG A . n 
A 1 12 ALA 12 12 12 ALA ALA A . n 
A 1 13 ASP 13 13 13 ASP ASP A . n 
A 1 14 VAL 14 14 14 VAL VAL A . n 
A 1 15 ILE 15 15 15 ILE ILE A . n 
A 1 16 ALA 16 16 16 ALA ALA A . n 
A 1 17 GLY 17 17 17 GLY GLY A . n 
A 1 18 LEU 18 18 18 LEU LEU A . n 
A 1 19 LYS 19 19 19 LYS LYS A . n 
A 1 20 LYS 20 20 20 LYS LYS A . n 
A 1 21 ARG 21 21 21 ARG ARG A . n 
A 1 22 LYS 22 22 22 LYS LYS A . n 
A 1 23 LEU 23 23 23 LEU LEU A . n 
A 1 24 SER 24 24 24 SER SER A . n 
A 1 25 LEU 25 25 25 LEU LEU A . n 
A 1 26 SER 26 26 26 SER SER A . n 
A 1 27 ALA 27 27 27 ALA ALA A . n 
A 1 28 LEU 28 28 28 LEU LEU A . n 
A 1 29 SER 29 29 29 SER SER A . n 
A 1 30 ARG 30 30 30 ARG ARG A . n 
A 1 31 GLN 31 31 31 GLN GLN A . n 
A 1 32 PHE 32 32 32 PHE PHE A . n 
A 1 33 GLY 33 33 33 GLY GLY A . n 
A 1 34 TYR 34 34 34 TYR TYR A . n 
A 1 35 ALA 35 35 35 ALA ALA A . n 
A 1 36 PRO 36 36 36 PRO PRO A . n 
A 1 37 THR 37 37 37 THR THR A . n 
A 1 38 THR 38 38 38 THR THR A . n 
A 1 39 LEU 39 39 39 LEU LEU A . n 
A 1 40 ALA 40 40 40 ALA ALA A . n 
A 1 41 ASN 41 41 41 ASN ASN A . n 
A 1 42 ALA 42 42 42 ALA ALA A . n 
A 1 43 LEU 43 43 43 LEU LEU A . n 
A 1 44 GLU 44 44 44 GLU GLU A . n 
A 1 45 ARG 45 45 45 ARG ARG A . n 
A 1 46 HIS 46 46 46 HIS HIS A . n 
A 1 47 TRP 47 47 47 TRP TRP A . n 
A 1 48 PRO 48 48 48 PRO PRO A . n 
A 1 49 LYS 49 49 49 LYS LYS A . n 
A 1 50 GLY 50 50 50 GLY GLY A . n 
A 1 51 GLU 51 51 51 GLU GLU A . n 
A 1 52 GLN 52 52 52 GLN GLN A . n 
A 1 53 ILE 53 53 53 ILE ILE A . n 
A 1 54 ILE 54 54 54 ILE ILE A . n 
A 1 55 ALA 55 55 55 ALA ALA A . n 
A 1 56 ASN 56 56 56 ASN ASN A . n 
A 1 57 ALA 57 57 57 ALA ALA A . n 
A 1 58 LEU 58 58 58 LEU LEU A . n 
A 1 59 GLU 59 59 59 GLU GLU A . n 
A 1 60 THR 60 60 60 THR THR A . n 
A 1 61 LYS 61 61 61 LYS LYS A . n 
A 1 62 PRO 62 62 62 PRO PRO A . n 
A 1 63 GLU 63 63 63 GLU GLU A . n 
A 1 64 VAL 64 64 64 VAL VAL A . n 
A 1 65 ILE 65 65 65 ILE ILE A . n 
A 1 66 TRP 66 66 66 TRP TRP A . n 
A 1 67 PRO 67 67 67 PRO PRO A . n 
A 1 68 SER 68 68 68 SER SER A . n 
A 1 69 ARG 69 69 69 ARG ARG A . n 
A 1 70 TYR 70 70 70 TYR TYR A . n 
A 1 71 GLN 71 71 71 GLN GLN A . n 
A 1 72 ALA 72 72 72 ALA ALA A . n 
A 1 73 GLY 73 73 73 GLY GLY A . n 
A 1 74 GLU 74 74 74 GLU GLU A . n 
# 
loop_
_software.name 
_software.classification 
_software.version 
_software.citation_id 
_software.pdbx_ordinal 
X-PLOR 'model building' . ? 1 
X-PLOR refinement       . ? 2 
X-PLOR phasing          . ? 3 
# 
_cell.entry_id           1NEQ 
_cell.length_a           1.000 
_cell.length_b           1.000 
_cell.length_c           1.000 
_cell.angle_alpha        90.00 
_cell.angle_beta         90.00 
_cell.angle_gamma        90.00 
_cell.Z_PDB              1 
_cell.pdbx_unique_axis   ? 
# 
_symmetry.entry_id                         1NEQ 
_symmetry.space_group_name_H-M             'P 1' 
_symmetry.pdbx_full_space_group_name_H-M   ? 
_symmetry.cell_setting                     ? 
_symmetry.Int_Tables_number                1 
# 
_exptl.entry_id          1NEQ 
_exptl.method            'SOLUTION NMR' 
_exptl.crystals_number   ? 
# 
_struct.entry_id                  1NEQ 
_struct.title                     'SOLUTION STRUCTURE OF THE MU NER PROTEIN BY MULTIDIMENSIONAL NMR' 
_struct.pdbx_model_details        ? 
_struct.pdbx_CASP_flag            ? 
_struct.pdbx_model_type_details   ? 
# 
_struct_keywords.entry_id        1NEQ 
_struct_keywords.pdbx_keywords   'DNA BINDING PROTEIN' 
_struct_keywords.text            'DNA-BINDING PROTEIN, DNA BINDING PROTEIN' 
# 
_struct_asym.id                            A 
_struct_asym.pdbx_blank_PDB_chainid_flag   Y 
_struct_asym.pdbx_modified                 N 
_struct_asym.entity_id                     1 
_struct_asym.details                       ? 
# 
_struct_ref.id                         1 
_struct_ref.db_name                    UNP 
_struct_ref.db_code                    NER_BPMU 
_struct_ref.entity_id                  1 
_struct_ref.pdbx_db_accession          P06020 
_struct_ref.pdbx_align_begin           1 
_struct_ref.pdbx_seq_one_letter_code   CSNEKARDWHRADVIAGLKKRKLSLSALSRQFGYAPTTLANALERHWPKGEQIIANALETKPEVIWPSRYQAGE 
_struct_ref.pdbx_db_isoform            ? 
# 
_struct_ref_seq.align_id                      1 
_struct_ref_seq.ref_id                        1 
_struct_ref_seq.pdbx_PDB_id_code              1NEQ 
_struct_ref_seq.pdbx_strand_id                A 
_struct_ref_seq.seq_align_beg                 1 
_struct_ref_seq.pdbx_seq_align_beg_ins_code   ? 
_struct_ref_seq.seq_align_end                 74 
_struct_ref_seq.pdbx_seq_align_end_ins_code   ? 
_struct_ref_seq.pdbx_db_accession             P06020 
_struct_ref_seq.db_align_beg                  1 
_struct_ref_seq.pdbx_db_align_beg_ins_code    ? 
_struct_ref_seq.db_align_end                  74 
_struct_ref_seq.pdbx_db_align_end_ins_code    ? 
_struct_ref_seq.pdbx_auth_seq_align_beg       1 
_struct_ref_seq.pdbx_auth_seq_align_end       74 
# 
_pdbx_struct_assembly.id                   1 
_pdbx_struct_assembly.details              author_defined_assembly 
_pdbx_struct_assembly.method_details       ? 
_pdbx_struct_assembly.oligomeric_details   monomeric 
_pdbx_struct_assembly.oligomeric_count     1 
# 
_pdbx_struct_assembly_gen.assembly_id       1 
_pdbx_struct_assembly_gen.oper_expression   1 
_pdbx_struct_assembly_gen.asym_id_list      A 
# 
_pdbx_struct_oper_list.id                   1 
_pdbx_struct_oper_list.type                 'identity operation' 
_pdbx_struct_oper_list.name                 1_555 
_pdbx_struct_oper_list.symmetry_operation   x,y,z 
_pdbx_struct_oper_list.matrix[1][1]         1.0000000000 
_pdbx_struct_oper_list.matrix[1][2]         0.0000000000 
_pdbx_struct_oper_list.matrix[1][3]         0.0000000000 
_pdbx_struct_oper_list.vector[1]            0.0000000000 
_pdbx_struct_oper_list.matrix[2][1]         0.0000000000 
_pdbx_struct_oper_list.matrix[2][2]         1.0000000000 
_pdbx_struct_oper_list.matrix[2][3]         0.0000000000 
_pdbx_struct_oper_list.vector[2]            0.0000000000 
_pdbx_struct_oper_list.matrix[3][1]         0.0000000000 
_pdbx_struct_oper_list.matrix[3][2]         0.0000000000 
_pdbx_struct_oper_list.matrix[3][3]         1.0000000000 
_pdbx_struct_oper_list.vector[3]            0.0000000000 
# 
_struct_biol.id   1 
# 
loop_
_struct_conf.conf_type_id 
_struct_conf.id 
_struct_conf.pdbx_PDB_helix_id 
_struct_conf.beg_label_comp_id 
_struct_conf.beg_label_asym_id 
_struct_conf.beg_label_seq_id 
_struct_conf.pdbx_beg_PDB_ins_code 
_struct_conf.end_label_comp_id 
_struct_conf.end_label_asym_id 
_struct_conf.end_label_seq_id 
_struct_conf.pdbx_end_PDB_ins_code 
_struct_conf.beg_auth_comp_id 
_struct_conf.beg_auth_asym_id 
_struct_conf.beg_auth_seq_id 
_struct_conf.end_auth_comp_id 
_struct_conf.end_auth_asym_id 
_struct_conf.end_auth_seq_id 
_struct_conf.pdbx_PDB_helix_class 
_struct_conf.details 
_struct_conf.pdbx_PDB_helix_length 
HELX_P HELX_P1 1 ARG A 11 ? LYS A 19 ? ARG A 11 LYS A 19 1 ? 9  
HELX_P HELX_P2 2 LEU A 25 ? PHE A 32 ? LEU A 25 PHE A 32 1 ? 8  
HELX_P HELX_P3 3 PRO A 36 ? LEU A 43 ? PRO A 36 LEU A 43 1 ? 8  
HELX_P HELX_P4 4 PRO A 48 ? LEU A 58 ? PRO A 48 LEU A 58 1 ? 11 
HELX_P HELX_P5 5 PRO A 62 ? ILE A 65 ? PRO A 62 ILE A 65 1 ? 4  
# 
_struct_conf_type.id          HELX_P 
_struct_conf_type.criteria    ? 
_struct_conf_type.reference   ? 
# 
_pdbx_validate_close_contact.id               1 
_pdbx_validate_close_contact.PDB_model_num    1 
_pdbx_validate_close_contact.auth_atom_id_1   HG 
_pdbx_validate_close_contact.auth_asym_id_1   A 
_pdbx_validate_close_contact.auth_comp_id_1   CYS 
_pdbx_validate_close_contact.auth_seq_id_1    1 
_pdbx_validate_close_contact.PDB_ins_code_1   ? 
_pdbx_validate_close_contact.label_alt_id_1   ? 
_pdbx_validate_close_contact.auth_atom_id_2   H 
_pdbx_validate_close_contact.auth_asym_id_2   A 
_pdbx_validate_close_contact.auth_comp_id_2   SER 
_pdbx_validate_close_contact.auth_seq_id_2    2 
_pdbx_validate_close_contact.PDB_ins_code_2   ? 
_pdbx_validate_close_contact.label_alt_id_2   ? 
_pdbx_validate_close_contact.dist             1.28 
# 
loop_
_pdbx_validate_torsion.id 
_pdbx_validate_torsion.PDB_model_num 
_pdbx_validate_torsion.auth_comp_id 
_pdbx_validate_torsion.auth_asym_id 
_pdbx_validate_torsion.auth_seq_id 
_pdbx_validate_torsion.PDB_ins_code 
_pdbx_validate_torsion.label_alt_id 
_pdbx_validate_torsion.phi 
_pdbx_validate_torsion.psi 
1  1 GLU A 4  ? ? 28.32   -82.78  
2  1 LYS A 5  ? ? -95.98  53.21   
3  1 ALA A 6  ? ? -35.18  -85.26  
4  1 HIS A 10 ? ? -44.82  155.70  
5  1 ARG A 21 ? ? -103.10 -84.37  
6  1 LYS A 22 ? ? -161.23 63.18   
7  1 ALA A 35 ? ? -46.13  158.17  
8  1 TRP A 47 ? ? -166.85 73.02   
9  1 THR A 60 ? ? -110.81 -169.79 
10 1 GLN A 71 ? ? -151.52 2.41    
11 1 ALA A 72 ? ? -66.76  14.44   
# 
_pdbx_nmr_ensemble.entry_id                             1NEQ 
_pdbx_nmr_ensemble.conformers_calculated_total_number   ? 
_pdbx_nmr_ensemble.conformers_submitted_total_number    1 
_pdbx_nmr_ensemble.conformer_selection_criteria         ? 
# 
_pdbx_nmr_refine.entry_id           1NEQ 
_pdbx_nmr_refine.method             ? 
_pdbx_nmr_refine.details            
;THE 3D STRUCTURE OF THE MU NER PROTEIN BY MULTI-DIMENSIONAL
HETERONUCLEAR NMR IS BASED ON 1546 EXPERIMENTAL RESTRAINTS
COMPRISING THE FOLLOWING:  944 INTERPROTON DISTANCE
RESTRAINTS [251 SEQUENTIAL; 202 SHORT RANGE (1<|I-J|<=5;
157 LONG RANGE (|I-J|>5); AND 334 INTRARESIDUE]; 40
DISTANCE RESTRAINTS FOR 20 BACKBONE HYDROGEN BONDS; 89
TORSION ANGLE RESTRAINTS 56 PHI, 27 CH1 AND 6 CHI2); 46 3
BOND HN-HA COUPLING CONSTANTS; 140 SECONDARY 13C SHIFTS (72
CA AND 68 CB); 287 1H CHEMICAL SHIFTS (74 HA, 39 METHYL AND
174 OTHER, WITH NO EXCHANGEABLE PROTON SHIFTS).

THE STRUCTURE WAS DETERMINED BY SIMULATED ANNEALING
[NILGES, CLORE AND GRONENBORN (1988) FEBS LETT.  229, 317 -
324] USING THE PROGRAM X-PLOR (BRUNGER) MODIFIED TO
INCORPORATE COUPLING CONSTANT [GARRETT ET AL. AND CLORE
(1994) J. MAGN. RESON. B104, 99 - 103], CARBON CHEMICAL
SHIFT [KUSZEWSKI, QIN, GRONENBORN AND CLORE (1995) J. MAGN.
RESON. B106, 92 - 96] AND PROTON CHEMICAL SHIFT
[KUSZEWSKI, GRONENBORN AND CLORE (1995) J. MAGN. RESON.
B107, 293 - 297] RESTRAINTS.

THIS ENTRY CONTAINS THE RESTRAINED REGULARIZED MEAN
STRUCTURE OBTAINED BY AVERAGING THE COORDINATES OF THE 30
SIMULATED ANNEALING STRUCTURES BEST FITTED TO EACH OTHER
(RESIDUES 8 - 66).  THE N- AND C-TERMINI ARE DISORDERED,
AND THE NUMBER IN THE LAST COLUMN (THE B- FACTOR COLUMN)
GIVES THE AVERAGE RMS TO THE MEAN COORDINATE POSITIONS.
;
_pdbx_nmr_refine.software_ordinal   1 
# 
_pdbx_nmr_software.classification   refinement 
_pdbx_nmr_software.name             X-PLOR 
_pdbx_nmr_software.version          ? 
_pdbx_nmr_software.authors          BRUNGER 
_pdbx_nmr_software.ordinal          1 
# 
loop_
_chem_comp_atom.comp_id 
_chem_comp_atom.atom_id 
_chem_comp_atom.type_symbol 
_chem_comp_atom.pdbx_aromatic_flag 
_chem_comp_atom.pdbx_stereo_config 
_chem_comp_atom.pdbx_ordinal 
ALA N    N N N 1   
ALA CA   C N S 2   
ALA C    C N N 3   
ALA O    O N N 4   
ALA CB   C N N 5   
ALA OXT  O N N 6   
ALA H    H N N 7   
ALA H2   H N N 8   
ALA HA   H N N 9   
ALA HB1  H N N 10  
ALA HB2  H N N 11  
ALA HB3  H N N 12  
ALA HXT  H N N 13  
ARG N    N N N 14  
ARG CA   C N S 15  
ARG C    C N N 16  
ARG O    O N N 17  
ARG CB   C N N 18  
ARG CG   C N N 19  
ARG CD   C N N 20  
ARG NE   N N N 21  
ARG CZ   C N N 22  
ARG NH1  N N N 23  
ARG NH2  N N N 24  
ARG OXT  O N N 25  
ARG H    H N N 26  
ARG H2   H N N 27  
ARG HA   H N N 28  
ARG HB2  H N N 29  
ARG HB3  H N N 30  
ARG HG2  H N N 31  
ARG HG3  H N N 32  
ARG HD2  H N N 33  
ARG HD3  H N N 34  
ARG HE   H N N 35  
ARG HH11 H N N 36  
ARG HH12 H N N 37  
ARG HH21 H N N 38  
ARG HH22 H N N 39  
ARG HXT  H N N 40  
ASN N    N N N 41  
ASN CA   C N S 42  
ASN C    C N N 43  
ASN O    O N N 44  
ASN CB   C N N 45  
ASN CG   C N N 46  
ASN OD1  O N N 47  
ASN ND2  N N N 48  
ASN OXT  O N N 49  
ASN H    H N N 50  
ASN H2   H N N 51  
ASN HA   H N N 52  
ASN HB2  H N N 53  
ASN HB3  H N N 54  
ASN HD21 H N N 55  
ASN HD22 H N N 56  
ASN HXT  H N N 57  
ASP N    N N N 58  
ASP CA   C N S 59  
ASP C    C N N 60  
ASP O    O N N 61  
ASP CB   C N N 62  
ASP CG   C N N 63  
ASP OD1  O N N 64  
ASP OD2  O N N 65  
ASP OXT  O N N 66  
ASP H    H N N 67  
ASP H2   H N N 68  
ASP HA   H N N 69  
ASP HB2  H N N 70  
ASP HB3  H N N 71  
ASP HD2  H N N 72  
ASP HXT  H N N 73  
CYS N    N N N 74  
CYS CA   C N R 75  
CYS C    C N N 76  
CYS O    O N N 77  
CYS CB   C N N 78  
CYS SG   S N N 79  
CYS OXT  O N N 80  
CYS H    H N N 81  
CYS H2   H N N 82  
CYS HA   H N N 83  
CYS HB2  H N N 84  
CYS HB3  H N N 85  
CYS HG   H N N 86  
CYS HXT  H N N 87  
GLN N    N N N 88  
GLN CA   C N S 89  
GLN C    C N N 90  
GLN O    O N N 91  
GLN CB   C N N 92  
GLN CG   C N N 93  
GLN CD   C N N 94  
GLN OE1  O N N 95  
GLN NE2  N N N 96  
GLN OXT  O N N 97  
GLN H    H N N 98  
GLN H2   H N N 99  
GLN HA   H N N 100 
GLN HB2  H N N 101 
GLN HB3  H N N 102 
GLN HG2  H N N 103 
GLN HG3  H N N 104 
GLN HE21 H N N 105 
GLN HE22 H N N 106 
GLN HXT  H N N 107 
GLU N    N N N 108 
GLU CA   C N S 109 
GLU C    C N N 110 
GLU O    O N N 111 
GLU CB   C N N 112 
GLU CG   C N N 113 
GLU CD   C N N 114 
GLU OE1  O N N 115 
GLU OE2  O N N 116 
GLU OXT  O N N 117 
GLU H    H N N 118 
GLU H2   H N N 119 
GLU HA   H N N 120 
GLU HB2  H N N 121 
GLU HB3  H N N 122 
GLU HG2  H N N 123 
GLU HG3  H N N 124 
GLU HE2  H N N 125 
GLU HXT  H N N 126 
GLY N    N N N 127 
GLY CA   C N N 128 
GLY C    C N N 129 
GLY O    O N N 130 
GLY OXT  O N N 131 
GLY H    H N N 132 
GLY H2   H N N 133 
GLY HA2  H N N 134 
GLY HA3  H N N 135 
GLY HXT  H N N 136 
HIS N    N N N 137 
HIS CA   C N S 138 
HIS C    C N N 139 
HIS O    O N N 140 
HIS CB   C N N 141 
HIS CG   C Y N 142 
HIS ND1  N Y N 143 
HIS CD2  C Y N 144 
HIS CE1  C Y N 145 
HIS NE2  N Y N 146 
HIS OXT  O N N 147 
HIS H    H N N 148 
HIS H2   H N N 149 
HIS HA   H N N 150 
HIS HB2  H N N 151 
HIS HB3  H N N 152 
HIS HD1  H N N 153 
HIS HD2  H N N 154 
HIS HE1  H N N 155 
HIS HE2  H N N 156 
HIS HXT  H N N 157 
ILE N    N N N 158 
ILE CA   C N S 159 
ILE C    C N N 160 
ILE O    O N N 161 
ILE CB   C N S 162 
ILE CG1  C N N 163 
ILE CG2  C N N 164 
ILE CD1  C N N 165 
ILE OXT  O N N 166 
ILE H    H N N 167 
ILE H2   H N N 168 
ILE HA   H N N 169 
ILE HB   H N N 170 
ILE HG12 H N N 171 
ILE HG13 H N N 172 
ILE HG21 H N N 173 
ILE HG22 H N N 174 
ILE HG23 H N N 175 
ILE HD11 H N N 176 
ILE HD12 H N N 177 
ILE HD13 H N N 178 
ILE HXT  H N N 179 
LEU N    N N N 180 
LEU CA   C N S 181 
LEU C    C N N 182 
LEU O    O N N 183 
LEU CB   C N N 184 
LEU CG   C N N 185 
LEU CD1  C N N 186 
LEU CD2  C N N 187 
LEU OXT  O N N 188 
LEU H    H N N 189 
LEU H2   H N N 190 
LEU HA   H N N 191 
LEU HB2  H N N 192 
LEU HB3  H N N 193 
LEU HG   H N N 194 
LEU HD11 H N N 195 
LEU HD12 H N N 196 
LEU HD13 H N N 197 
LEU HD21 H N N 198 
LEU HD22 H N N 199 
LEU HD23 H N N 200 
LEU HXT  H N N 201 
LYS N    N N N 202 
LYS CA   C N S 203 
LYS C    C N N 204 
LYS O    O N N 205 
LYS CB   C N N 206 
LYS CG   C N N 207 
LYS CD   C N N 208 
LYS CE   C N N 209 
LYS NZ   N N N 210 
LYS OXT  O N N 211 
LYS H    H N N 212 
LYS H2   H N N 213 
LYS HA   H N N 214 
LYS HB2  H N N 215 
LYS HB3  H N N 216 
LYS HG2  H N N 217 
LYS HG3  H N N 218 
LYS HD2  H N N 219 
LYS HD3  H N N 220 
LYS HE2  H N N 221 
LYS HE3  H N N 222 
LYS HZ1  H N N 223 
LYS HZ2  H N N 224 
LYS HZ3  H N N 225 
LYS HXT  H N N 226 
PHE N    N N N 227 
PHE CA   C N S 228 
PHE C    C N N 229 
PHE O    O N N 230 
PHE CB   C N N 231 
PHE CG   C Y N 232 
PHE CD1  C Y N 233 
PHE CD2  C Y N 234 
PHE CE1  C Y N 235 
PHE CE2  C Y N 236 
PHE CZ   C Y N 237 
PHE OXT  O N N 238 
PHE H    H N N 239 
PHE H2   H N N 240 
PHE HA   H N N 241 
PHE HB2  H N N 242 
PHE HB3  H N N 243 
PHE HD1  H N N 244 
PHE HD2  H N N 245 
PHE HE1  H N N 246 
PHE HE2  H N N 247 
PHE HZ   H N N 248 
PHE HXT  H N N 249 
PRO N    N N N 250 
PRO CA   C N S 251 
PRO C    C N N 252 
PRO O    O N N 253 
PRO CB   C N N 254 
PRO CG   C N N 255 
PRO CD   C N N 256 
PRO OXT  O N N 257 
PRO H    H N N 258 
PRO HA   H N N 259 
PRO HB2  H N N 260 
PRO HB3  H N N 261 
PRO HG2  H N N 262 
PRO HG3  H N N 263 
PRO HD2  H N N 264 
PRO HD3  H N N 265 
PRO HXT  H N N 266 
SER N    N N N 267 
SER CA   C N S 268 
SER C    C N N 269 
SER O    O N N 270 
SER CB   C N N 271 
SER OG   O N N 272 
SER OXT  O N N 273 
SER H    H N N 274 
SER H2   H N N 275 
SER HA   H N N 276 
SER HB2  H N N 277 
SER HB3  H N N 278 
SER HG   H N N 279 
SER HXT  H N N 280 
THR N    N N N 281 
THR CA   C N S 282 
THR C    C N N 283 
THR O    O N N 284 
THR CB   C N R 285 
THR OG1  O N N 286 
THR CG2  C N N 287 
THR OXT  O N N 288 
THR H    H N N 289 
THR H2   H N N 290 
THR HA   H N N 291 
THR HB   H N N 292 
THR HG1  H N N 293 
THR HG21 H N N 294 
THR HG22 H N N 295 
THR HG23 H N N 296 
THR HXT  H N N 297 
TRP N    N N N 298 
TRP CA   C N S 299 
TRP C    C N N 300 
TRP O    O N N 301 
TRP CB   C N N 302 
TRP CG   C Y N 303 
TRP CD1  C Y N 304 
TRP CD2  C Y N 305 
TRP NE1  N Y N 306 
TRP CE2  C Y N 307 
TRP CE3  C Y N 308 
TRP CZ2  C Y N 309 
TRP CZ3  C Y N 310 
TRP CH2  C Y N 311 
TRP OXT  O N N 312 
TRP H    H N N 313 
TRP H2   H N N 314 
TRP HA   H N N 315 
TRP HB2  H N N 316 
TRP HB3  H N N 317 
TRP HD1  H N N 318 
TRP HE1  H N N 319 
TRP HE3  H N N 320 
TRP HZ2  H N N 321 
TRP HZ3  H N N 322 
TRP HH2  H N N 323 
TRP HXT  H N N 324 
TYR N    N N N 325 
TYR CA   C N S 326 
TYR C    C N N 327 
TYR O    O N N 328 
TYR CB   C N N 329 
TYR CG   C Y N 330 
TYR CD1  C Y N 331 
TYR CD2  C Y N 332 
TYR CE1  C Y N 333 
TYR CE2  C Y N 334 
TYR CZ   C Y N 335 
TYR OH   O N N 336 
TYR OXT  O N N 337 
TYR H    H N N 338 
TYR H2   H N N 339 
TYR HA   H N N 340 
TYR HB2  H N N 341 
TYR HB3  H N N 342 
TYR HD1  H N N 343 
TYR HD2  H N N 344 
TYR HE1  H N N 345 
TYR HE2  H N N 346 
TYR HH   H N N 347 
TYR HXT  H N N 348 
VAL N    N N N 349 
VAL CA   C N S 350 
VAL C    C N N 351 
VAL O    O N N 352 
VAL CB   C N N 353 
VAL CG1  C N N 354 
VAL CG2  C N N 355 
VAL OXT  O N N 356 
VAL H    H N N 357 
VAL H2   H N N 358 
VAL HA   H N N 359 
VAL HB   H N N 360 
VAL HG11 H N N 361 
VAL HG12 H N N 362 
VAL HG13 H N N 363 
VAL HG21 H N N 364 
VAL HG22 H N N 365 
VAL HG23 H N N 366 
VAL HXT  H N N 367 
# 
loop_
_chem_comp_bond.comp_id 
_chem_comp_bond.atom_id_1 
_chem_comp_bond.atom_id_2 
_chem_comp_bond.value_order 
_chem_comp_bond.pdbx_aromatic_flag 
_chem_comp_bond.pdbx_stereo_config 
_chem_comp_bond.pdbx_ordinal 
ALA N   CA   sing N N 1   
ALA N   H    sing N N 2   
ALA N   H2   sing N N 3   
ALA CA  C    sing N N 4   
ALA CA  CB   sing N N 5   
ALA CA  HA   sing N N 6   
ALA C   O    doub N N 7   
ALA C   OXT  sing N N 8   
ALA CB  HB1  sing N N 9   
ALA CB  HB2  sing N N 10  
ALA CB  HB3  sing N N 11  
ALA OXT HXT  sing N N 12  
ARG N   CA   sing N N 13  
ARG N   H    sing N N 14  
ARG N   H2   sing N N 15  
ARG CA  C    sing N N 16  
ARG CA  CB   sing N N 17  
ARG CA  HA   sing N N 18  
ARG C   O    doub N N 19  
ARG C   OXT  sing N N 20  
ARG CB  CG   sing N N 21  
ARG CB  HB2  sing N N 22  
ARG CB  HB3  sing N N 23  
ARG CG  CD   sing N N 24  
ARG CG  HG2  sing N N 25  
ARG CG  HG3  sing N N 26  
ARG CD  NE   sing N N 27  
ARG CD  HD2  sing N N 28  
ARG CD  HD3  sing N N 29  
ARG NE  CZ   sing N N 30  
ARG NE  HE   sing N N 31  
ARG CZ  NH1  sing N N 32  
ARG CZ  NH2  doub N N 33  
ARG NH1 HH11 sing N N 34  
ARG NH1 HH12 sing N N 35  
ARG NH2 HH21 sing N N 36  
ARG NH2 HH22 sing N N 37  
ARG OXT HXT  sing N N 38  
ASN N   CA   sing N N 39  
ASN N   H    sing N N 40  
ASN N   H2   sing N N 41  
ASN CA  C    sing N N 42  
ASN CA  CB   sing N N 43  
ASN CA  HA   sing N N 44  
ASN C   O    doub N N 45  
ASN C   OXT  sing N N 46  
ASN CB  CG   sing N N 47  
ASN CB  HB2  sing N N 48  
ASN CB  HB3  sing N N 49  
ASN CG  OD1  doub N N 50  
ASN CG  ND2  sing N N 51  
ASN ND2 HD21 sing N N 52  
ASN ND2 HD22 sing N N 53  
ASN OXT HXT  sing N N 54  
ASP N   CA   sing N N 55  
ASP N   H    sing N N 56  
ASP N   H2   sing N N 57  
ASP CA  C    sing N N 58  
ASP CA  CB   sing N N 59  
ASP CA  HA   sing N N 60  
ASP C   O    doub N N 61  
ASP C   OXT  sing N N 62  
ASP CB  CG   sing N N 63  
ASP CB  HB2  sing N N 64  
ASP CB  HB3  sing N N 65  
ASP CG  OD1  doub N N 66  
ASP CG  OD2  sing N N 67  
ASP OD2 HD2  sing N N 68  
ASP OXT HXT  sing N N 69  
CYS N   CA   sing N N 70  
CYS N   H    sing N N 71  
CYS N   H2   sing N N 72  
CYS CA  C    sing N N 73  
CYS CA  CB   sing N N 74  
CYS CA  HA   sing N N 75  
CYS C   O    doub N N 76  
CYS C   OXT  sing N N 77  
CYS CB  SG   sing N N 78  
CYS CB  HB2  sing N N 79  
CYS CB  HB3  sing N N 80  
CYS SG  HG   sing N N 81  
CYS OXT HXT  sing N N 82  
GLN N   CA   sing N N 83  
GLN N   H    sing N N 84  
GLN N   H2   sing N N 85  
GLN CA  C    sing N N 86  
GLN CA  CB   sing N N 87  
GLN CA  HA   sing N N 88  
GLN C   O    doub N N 89  
GLN C   OXT  sing N N 90  
GLN CB  CG   sing N N 91  
GLN CB  HB2  sing N N 92  
GLN CB  HB3  sing N N 93  
GLN CG  CD   sing N N 94  
GLN CG  HG2  sing N N 95  
GLN CG  HG3  sing N N 96  
GLN CD  OE1  doub N N 97  
GLN CD  NE2  sing N N 98  
GLN NE2 HE21 sing N N 99  
GLN NE2 HE22 sing N N 100 
GLN OXT HXT  sing N N 101 
GLU N   CA   sing N N 102 
GLU N   H    sing N N 103 
GLU N   H2   sing N N 104 
GLU CA  C    sing N N 105 
GLU CA  CB   sing N N 106 
GLU CA  HA   sing N N 107 
GLU C   O    doub N N 108 
GLU C   OXT  sing N N 109 
GLU CB  CG   sing N N 110 
GLU CB  HB2  sing N N 111 
GLU CB  HB3  sing N N 112 
GLU CG  CD   sing N N 113 
GLU CG  HG2  sing N N 114 
GLU CG  HG3  sing N N 115 
GLU CD  OE1  doub N N 116 
GLU CD  OE2  sing N N 117 
GLU OE2 HE2  sing N N 118 
GLU OXT HXT  sing N N 119 
GLY N   CA   sing N N 120 
GLY N   H    sing N N 121 
GLY N   H2   sing N N 122 
GLY CA  C    sing N N 123 
GLY CA  HA2  sing N N 124 
GLY CA  HA3  sing N N 125 
GLY C   O    doub N N 126 
GLY C   OXT  sing N N 127 
GLY OXT HXT  sing N N 128 
HIS N   CA   sing N N 129 
HIS N   H    sing N N 130 
HIS N   H2   sing N N 131 
HIS CA  C    sing N N 132 
HIS CA  CB   sing N N 133 
HIS CA  HA   sing N N 134 
HIS C   O    doub N N 135 
HIS C   OXT  sing N N 136 
HIS CB  CG   sing N N 137 
HIS CB  HB2  sing N N 138 
HIS CB  HB3  sing N N 139 
HIS CG  ND1  sing Y N 140 
HIS CG  CD2  doub Y N 141 
HIS ND1 CE1  doub Y N 142 
HIS ND1 HD1  sing N N 143 
HIS CD2 NE2  sing Y N 144 
HIS CD2 HD2  sing N N 145 
HIS CE1 NE2  sing Y N 146 
HIS CE1 HE1  sing N N 147 
HIS NE2 HE2  sing N N 148 
HIS OXT HXT  sing N N 149 
ILE N   CA   sing N N 150 
ILE N   H    sing N N 151 
ILE N   H2   sing N N 152 
ILE CA  C    sing N N 153 
ILE CA  CB   sing N N 154 
ILE CA  HA   sing N N 155 
ILE C   O    doub N N 156 
ILE C   OXT  sing N N 157 
ILE CB  CG1  sing N N 158 
ILE CB  CG2  sing N N 159 
ILE CB  HB   sing N N 160 
ILE CG1 CD1  sing N N 161 
ILE CG1 HG12 sing N N 162 
ILE CG1 HG13 sing N N 163 
ILE CG2 HG21 sing N N 164 
ILE CG2 HG22 sing N N 165 
ILE CG2 HG23 sing N N 166 
ILE CD1 HD11 sing N N 167 
ILE CD1 HD12 sing N N 168 
ILE CD1 HD13 sing N N 169 
ILE OXT HXT  sing N N 170 
LEU N   CA   sing N N 171 
LEU N   H    sing N N 172 
LEU N   H2   sing N N 173 
LEU CA  C    sing N N 174 
LEU CA  CB   sing N N 175 
LEU CA  HA   sing N N 176 
LEU C   O    doub N N 177 
LEU C   OXT  sing N N 178 
LEU CB  CG   sing N N 179 
LEU CB  HB2  sing N N 180 
LEU CB  HB3  sing N N 181 
LEU CG  CD1  sing N N 182 
LEU CG  CD2  sing N N 183 
LEU CG  HG   sing N N 184 
LEU CD1 HD11 sing N N 185 
LEU CD1 HD12 sing N N 186 
LEU CD1 HD13 sing N N 187 
LEU CD2 HD21 sing N N 188 
LEU CD2 HD22 sing N N 189 
LEU CD2 HD23 sing N N 190 
LEU OXT HXT  sing N N 191 
LYS N   CA   sing N N 192 
LYS N   H    sing N N 193 
LYS N   H2   sing N N 194 
LYS CA  C    sing N N 195 
LYS CA  CB   sing N N 196 
LYS CA  HA   sing N N 197 
LYS C   O    doub N N 198 
LYS C   OXT  sing N N 199 
LYS CB  CG   sing N N 200 
LYS CB  HB2  sing N N 201 
LYS CB  HB3  sing N N 202 
LYS CG  CD   sing N N 203 
LYS CG  HG2  sing N N 204 
LYS CG  HG3  sing N N 205 
LYS CD  CE   sing N N 206 
LYS CD  HD2  sing N N 207 
LYS CD  HD3  sing N N 208 
LYS CE  NZ   sing N N 209 
LYS CE  HE2  sing N N 210 
LYS CE  HE3  sing N N 211 
LYS NZ  HZ1  sing N N 212 
LYS NZ  HZ2  sing N N 213 
LYS NZ  HZ3  sing N N 214 
LYS OXT HXT  sing N N 215 
PHE N   CA   sing N N 216 
PHE N   H    sing N N 217 
PHE N   H2   sing N N 218 
PHE CA  C    sing N N 219 
PHE CA  CB   sing N N 220 
PHE CA  HA   sing N N 221 
PHE C   O    doub N N 222 
PHE C   OXT  sing N N 223 
PHE CB  CG   sing N N 224 
PHE CB  HB2  sing N N 225 
PHE CB  HB3  sing N N 226 
PHE CG  CD1  doub Y N 227 
PHE CG  CD2  sing Y N 228 
PHE CD1 CE1  sing Y N 229 
PHE CD1 HD1  sing N N 230 
PHE CD2 CE2  doub Y N 231 
PHE CD2 HD2  sing N N 232 
PHE CE1 CZ   doub Y N 233 
PHE CE1 HE1  sing N N 234 
PHE CE2 CZ   sing Y N 235 
PHE CE2 HE2  sing N N 236 
PHE CZ  HZ   sing N N 237 
PHE OXT HXT  sing N N 238 
PRO N   CA   sing N N 239 
PRO N   CD   sing N N 240 
PRO N   H    sing N N 241 
PRO CA  C    sing N N 242 
PRO CA  CB   sing N N 243 
PRO CA  HA   sing N N 244 
PRO C   O    doub N N 245 
PRO C   OXT  sing N N 246 
PRO CB  CG   sing N N 247 
PRO CB  HB2  sing N N 248 
PRO CB  HB3  sing N N 249 
PRO CG  CD   sing N N 250 
PRO CG  HG2  sing N N 251 
PRO CG  HG3  sing N N 252 
PRO CD  HD2  sing N N 253 
PRO CD  HD3  sing N N 254 
PRO OXT HXT  sing N N 255 
SER N   CA   sing N N 256 
SER N   H    sing N N 257 
SER N   H2   sing N N 258 
SER CA  C    sing N N 259 
SER CA  CB   sing N N 260 
SER CA  HA   sing N N 261 
SER C   O    doub N N 262 
SER C   OXT  sing N N 263 
SER CB  OG   sing N N 264 
SER CB  HB2  sing N N 265 
SER CB  HB3  sing N N 266 
SER OG  HG   sing N N 267 
SER OXT HXT  sing N N 268 
THR N   CA   sing N N 269 
THR N   H    sing N N 270 
THR N   H2   sing N N 271 
THR CA  C    sing N N 272 
THR CA  CB   sing N N 273 
THR CA  HA   sing N N 274 
THR C   O    doub N N 275 
THR C   OXT  sing N N 276 
THR CB  OG1  sing N N 277 
THR CB  CG2  sing N N 278 
THR CB  HB   sing N N 279 
THR OG1 HG1  sing N N 280 
THR CG2 HG21 sing N N 281 
THR CG2 HG22 sing N N 282 
THR CG2 HG23 sing N N 283 
THR OXT HXT  sing N N 284 
TRP N   CA   sing N N 285 
TRP N   H    sing N N 286 
TRP N   H2   sing N N 287 
TRP CA  C    sing N N 288 
TRP CA  CB   sing N N 289 
TRP CA  HA   sing N N 290 
TRP C   O    doub N N 291 
TRP C   OXT  sing N N 292 
TRP CB  CG   sing N N 293 
TRP CB  HB2  sing N N 294 
TRP CB  HB3  sing N N 295 
TRP CG  CD1  doub Y N 296 
TRP CG  CD2  sing Y N 297 
TRP CD1 NE1  sing Y N 298 
TRP CD1 HD1  sing N N 299 
TRP CD2 CE2  doub Y N 300 
TRP CD2 CE3  sing Y N 301 
TRP NE1 CE2  sing Y N 302 
TRP NE1 HE1  sing N N 303 
TRP CE2 CZ2  sing Y N 304 
TRP CE3 CZ3  doub Y N 305 
TRP CE3 HE3  sing N N 306 
TRP CZ2 CH2  doub Y N 307 
TRP CZ2 HZ2  sing N N 308 
TRP CZ3 CH2  sing Y N 309 
TRP CZ3 HZ3  sing N N 310 
TRP CH2 HH2  sing N N 311 
TRP OXT HXT  sing N N 312 
TYR N   CA   sing N N 313 
TYR N   H    sing N N 314 
TYR N   H2   sing N N 315 
TYR CA  C    sing N N 316 
TYR CA  CB   sing N N 317 
TYR CA  HA   sing N N 318 
TYR C   O    doub N N 319 
TYR C   OXT  sing N N 320 
TYR CB  CG   sing N N 321 
TYR CB  HB2  sing N N 322 
TYR CB  HB3  sing N N 323 
TYR CG  CD1  doub Y N 324 
TYR CG  CD2  sing Y N 325 
TYR CD1 CE1  sing Y N 326 
TYR CD1 HD1  sing N N 327 
TYR CD2 CE2  doub Y N 328 
TYR CD2 HD2  sing N N 329 
TYR CE1 CZ   doub Y N 330 
TYR CE1 HE1  sing N N 331 
TYR CE2 CZ   sing Y N 332 
TYR CE2 HE2  sing N N 333 
TYR CZ  OH   sing N N 334 
TYR OH  HH   sing N N 335 
TYR OXT HXT  sing N N 336 
VAL N   CA   sing N N 337 
VAL N   H    sing N N 338 
VAL N   H2   sing N N 339 
VAL CA  C    sing N N 340 
VAL CA  CB   sing N N 341 
VAL CA  HA   sing N N 342 
VAL C   O    doub N N 343 
VAL C   OXT  sing N N 344 
VAL CB  CG1  sing N N 345 
VAL CB  CG2  sing N N 346 
VAL CB  HB   sing N N 347 
VAL CG1 HG11 sing N N 348 
VAL CG1 HG12 sing N N 349 
VAL CG1 HG13 sing N N 350 
VAL CG2 HG21 sing N N 351 
VAL CG2 HG22 sing N N 352 
VAL CG2 HG23 sing N N 353 
VAL OXT HXT  sing N N 354 
# 
_atom_sites.entry_id                    1NEQ 
_atom_sites.fract_transf_matrix[1][1]   1.000000 
_atom_sites.fract_transf_matrix[1][2]   0.000000 
_atom_sites.fract_transf_matrix[1][3]   0.000000 
_atom_sites.fract_transf_matrix[2][1]   0.000000 
_atom_sites.fract_transf_matrix[2][2]   1.000000 
_atom_sites.fract_transf_matrix[2][3]   0.000000 
_atom_sites.fract_transf_matrix[3][1]   0.000000 
_atom_sites.fract_transf_matrix[3][2]   0.000000 
_atom_sites.fract_transf_matrix[3][3]   1.000000 
_atom_sites.fract_transf_vector[1]      0.00000 
_atom_sites.fract_transf_vector[2]      0.00000 
_atom_sites.fract_transf_vector[3]      0.00000 
# 
loop_
_atom_type.symbol 
C 
H 
N 
O 
S 
# 
loop_
_atom_site.group_PDB 
_atom_site.id 
_atom_site.type_symbol 
_atom_site.label_atom_id 
_atom_site.label_alt_id 
_atom_site.label_comp_id 
_atom_site.label_asym_id 
_atom_site.label_entity_id 
_atom_site.label_seq_id 
_atom_site.pdbx_PDB_ins_code 
_atom_site.Cartn_x 
_atom_site.Cartn_y 
_atom_site.Cartn_z 
_atom_site.occupancy 
_atom_site.B_iso_or_equiv 
_atom_site.pdbx_formal_charge 
_atom_site.auth_seq_id 
_atom_site.auth_comp_id 
_atom_site.auth_asym_id 
_atom_site.auth_atom_id 
_atom_site.pdbx_PDB_model_num 
ATOM 1    N N    . CYS A 1 1  ? 14.781  9.258   -15.168 1.00 7.87 ? 1  CYS A N    1 
ATOM 2    C CA   . CYS A 1 1  ? 14.070  8.490   -16.228 1.00 7.60 ? 1  CYS A CA   1 
ATOM 3    C C    . CYS A 1 1  ? 12.908  7.720   -15.604 1.00 6.79 ? 1  CYS A C    1 
ATOM 4    O O    . CYS A 1 1  ? 11.763  7.891   -15.973 1.00 6.76 ? 1  CYS A O    1 
ATOM 5    C CB   . CYS A 1 1  ? 15.037  7.498   -16.878 1.00 8.19 ? 1  CYS A CB   1 
ATOM 6    S SG   . CYS A 1 1  ? 15.891  6.554   -15.588 1.00 8.84 ? 1  CYS A SG   1 
ATOM 7    H H1   . CYS A 1 1  ? 14.118  9.481   -14.398 1.00 8.13 ? 1  CYS A H1   1 
ATOM 8    H H2   . CYS A 1 1  ? 15.566  8.687   -14.795 1.00 8.07 ? 1  CYS A H2   1 
ATOM 9    H H3   . CYS A 1 1  ? 15.158  10.139  -15.570 1.00 7.88 ? 1  CYS A H3   1 
ATOM 10   H HA   . CYS A 1 1  ? 13.692  9.170   -16.977 1.00 7.90 ? 1  CYS A HA   1 
ATOM 11   H HB2  . CYS A 1 1  ? 14.485  6.820   -17.511 1.00 8.35 ? 1  CYS A HB2  1 
ATOM 12   H HB3  . CYS A 1 1  ? 15.762  8.034   -17.470 1.00 8.37 ? 1  CYS A HB3  1 
ATOM 13   H HG   . CYS A 1 1  ? 15.302  6.485   -14.831 1.00 8.91 ? 1  CYS A HG   1 
ATOM 14   N N    . SER A 1 2  ? 13.198  6.865   -14.663 1.00 6.45 ? 2  SER A N    1 
ATOM 15   C CA   . SER A 1 2  ? 12.123  6.067   -14.009 1.00 5.96 ? 2  SER A CA   1 
ATOM 16   C C    . SER A 1 2  ? 11.722  6.739   -12.698 1.00 5.31 ? 2  SER A C    1 
ATOM 17   O O    . SER A 1 2  ? 12.532  6.921   -11.810 1.00 5.36 ? 2  SER A O    1 
ATOM 18   C CB   . SER A 1 2  ? 12.653  4.665   -13.722 1.00 6.16 ? 2  SER A CB   1 
ATOM 19   O OG   . SER A 1 2  ? 13.280  4.154   -14.889 1.00 6.63 ? 2  SER A OG   1 
ATOM 20   H H    . SER A 1 2  ? 14.130  6.743   -14.384 1.00 6.74 ? 2  SER A H    1 
ATOM 21   H HA   . SER A 1 2  ? 11.261  5.999   -14.657 1.00 6.30 ? 2  SER A HA   1 
ATOM 22   H HB2  . SER A 1 2  ? 13.376  4.708   -12.923 1.00 6.35 ? 2  SER A HB2  1 
ATOM 23   H HB3  . SER A 1 2  ? 11.828  4.023   -13.437 1.00 6.17 ? 2  SER A HB3  1 
ATOM 24   H HG   . SER A 1 2  ? 12.593  3.830   -15.476 1.00 6.76 ? 2  SER A HG   1 
ATOM 25   N N    . ASN A 1 3  ? 10.477  7.102   -12.558 1.00 5.02 ? 3  ASN A N    1 
ATOM 26   C CA   . ASN A 1 3  ? 10.046  7.747   -11.294 1.00 4.61 ? 3  ASN A CA   1 
ATOM 27   C C    . ASN A 1 3  ? 9.887   6.667   -10.231 1.00 4.00 ? 3  ASN A C    1 
ATOM 28   O O    . ASN A 1 3  ? 9.876   6.968   -9.059  1.00 4.08 ? 3  ASN A O    1 
ATOM 29   C CB   . ASN A 1 3  ? 8.710   8.468   -11.495 1.00 4.87 ? 3  ASN A CB   1 
ATOM 30   C CG   . ASN A 1 3  ? 8.916   9.665   -12.426 1.00 5.38 ? 3  ASN A CG   1 
ATOM 31   O OD1  . ASN A 1 3  ? 8.113   9.911   -13.305 1.00 5.75 ? 3  ASN A OD1  1 
ATOM 32   N ND2  . ASN A 1 3  ? 9.963   10.428  -12.266 1.00 5.82 ? 3  ASN A ND2  1 
ATOM 33   H H    . ASN A 1 3  ? 9.831   6.944   -13.277 1.00 5.32 ? 3  ASN A H    1 
ATOM 34   H HA   . ASN A 1 3  ? 10.796  8.456   -10.976 1.00 4.89 ? 3  ASN A HA   1 
ATOM 35   H HB2  . ASN A 1 3  ? 7.994   7.787   -11.932 1.00 5.10 ? 3  ASN A HB2  1 
ATOM 36   H HB3  . ASN A 1 3  ? 8.341   8.815   -10.542 1.00 4.92 ? 3  ASN A HB3  1 
ATOM 37   H HD21 . ASN A 1 3  ? 10.610  10.229  -11.557 1.00 5.82 ? 3  ASN A HD21 1 
ATOM 38   H HD22 . ASN A 1 3  ? 10.105  11.197  -12.857 1.00 6.38 ? 3  ASN A HD22 1 
ATOM 39   N N    . GLU A 1 4  ? 9.774   5.416   -10.654 1.00 3.84 ? 4  GLU A N    1 
ATOM 40   C CA   . GLU A 1 4  ? 9.623   4.256   -9.700  1.00 3.60 ? 4  GLU A CA   1 
ATOM 41   C C    . GLU A 1 4  ? 8.942   4.704   -8.408  1.00 2.77 ? 4  GLU A C    1 
ATOM 42   O O    . GLU A 1 4  ? 7.751   4.567   -8.206  1.00 2.98 ? 4  GLU A O    1 
ATOM 43   C CB   . GLU A 1 4  ? 11.018  3.709   -9.327  1.00 4.18 ? 4  GLU A CB   1 
ATOM 44   C CG   . GLU A 1 4  ? 11.781  3.203   -10.550 1.00 4.56 ? 4  GLU A CG   1 
ATOM 45   C CD   . GLU A 1 4  ? 10.922  2.240   -11.369 1.00 5.36 ? 4  GLU A CD   1 
ATOM 46   O OE1  . GLU A 1 4  ? 10.098  2.717   -12.130 1.00 5.94 ? 4  GLU A OE1  1 
ATOM 47   O OE2  . GLU A 1 4  ? 11.107  1.042   -11.224 1.00 5.67 ? 4  GLU A OE2  1 
ATOM 48   H H    . GLU A 1 4  ? 9.799   5.236   -11.616 1.00 4.21 ? 4  GLU A H    1 
ATOM 49   H HA   . GLU A 1 4  ? 9.038   3.480   -10.160 1.00 4.01 ? 4  GLU A HA   1 
ATOM 50   H HB2  . GLU A 1 4  ? 11.596  4.501   -8.883  1.00 4.55 ? 4  GLU A HB2  1 
ATOM 51   H HB3  . GLU A 1 4  ? 10.910  2.903   -8.616  1.00 4.46 ? 4  GLU A HB3  1 
ATOM 52   H HG2  . GLU A 1 4  ? 12.059  4.045   -11.154 1.00 4.70 ? 4  GLU A HG2  1 
ATOM 53   H HG3  . GLU A 1 4  ? 12.675  2.693   -10.220 1.00 4.63 ? 4  GLU A HG3  1 
ATOM 54   N N    . LYS A 1 5  ? 9.741   5.243   -7.550  1.00 2.41 ? 5  LYS A N    1 
ATOM 55   C CA   . LYS A 1 5  ? 9.308   5.750   -6.236  1.00 1.98 ? 5  LYS A CA   1 
ATOM 56   C C    . LYS A 1 5  ? 9.072   7.253   -6.407  1.00 1.86 ? 5  LYS A C    1 
ATOM 57   O O    . LYS A 1 5  ? 9.635   8.071   -5.707  1.00 2.40 ? 5  LYS A O    1 
ATOM 58   C CB   . LYS A 1 5  ? 10.461  5.460   -5.232  1.00 2.50 ? 5  LYS A CB   1 
ATOM 59   C CG   . LYS A 1 5  ? 11.731  5.056   -6.015  1.00 3.20 ? 5  LYS A CG   1 
ATOM 60   C CD   . LYS A 1 5  ? 12.893  4.737   -5.069  1.00 4.10 ? 5  LYS A CD   1 
ATOM 61   C CE   . LYS A 1 5  ? 12.825  3.265   -4.635  1.00 4.85 ? 5  LYS A CE   1 
ATOM 62   N NZ   . LYS A 1 5  ? 12.994  2.375   -5.825  1.00 5.55 ? 5  LYS A NZ   1 
ATOM 63   H H    . LYS A 1 5  ? 10.684  5.324   -7.781  1.00 2.89 ? 5  LYS A H    1 
ATOM 64   H HA   . LYS A 1 5  ? 8.396   5.258   -5.922  1.00 2.06 ? 5  LYS A HA   1 
ATOM 65   H HB2  . LYS A 1 5  ? 10.669  6.330   -4.630  1.00 2.94 ? 5  LYS A HB2  1 
ATOM 66   H HB3  . LYS A 1 5  ? 10.181  4.652   -4.593  1.00 2.68 ? 5  LYS A HB3  1 
ATOM 67   H HG2  . LYS A 1 5  ? 11.515  4.180   -6.606  1.00 3.33 ? 5  LYS A HG2  1 
ATOM 68   H HG3  . LYS A 1 5  ? 12.013  5.865   -6.673  1.00 3.57 ? 5  LYS A HG3  1 
ATOM 69   H HD2  . LYS A 1 5  ? 13.830  4.915   -5.580  1.00 4.40 ? 5  LYS A HD2  1 
ATOM 70   H HD3  . LYS A 1 5  ? 12.834  5.369   -4.200  1.00 4.39 ? 5  LYS A HD3  1 
ATOM 71   H HE2  . LYS A 1 5  ? 13.609  3.063   -3.923  1.00 5.12 ? 5  LYS A HE2  1 
ATOM 72   H HE3  . LYS A 1 5  ? 11.867  3.074   -4.181  1.00 5.03 ? 5  LYS A HE3  1 
ATOM 73   H HZ1  . LYS A 1 5  ? 12.604  2.842   -6.668  1.00 5.77 ? 5  LYS A HZ1  1 
ATOM 74   H HZ2  . LYS A 1 5  ? 14.003  2.181   -5.974  1.00 5.78 ? 5  LYS A HZ2  1 
ATOM 75   H HZ3  . LYS A 1 5  ? 12.491  1.480   -5.663  1.00 5.94 ? 5  LYS A HZ3  1 
ATOM 76   N N    . ALA A 1 6  ? 8.269   7.609   -7.381  1.00 1.88 ? 6  ALA A N    1 
ATOM 77   C CA   . ALA A 1 6  ? 7.998   9.048   -7.676  1.00 2.06 ? 6  ALA A CA   1 
ATOM 78   C C    . ALA A 1 6  ? 7.967   9.879   -6.388  1.00 1.60 ? 6  ALA A C    1 
ATOM 79   O O    . ALA A 1 6  ? 8.965   10.456  -6.004  1.00 1.81 ? 6  ALA A O    1 
ATOM 80   C CB   . ALA A 1 6  ? 6.667   9.171   -8.436  1.00 2.73 ? 6  ALA A CB   1 
ATOM 81   H H    . ALA A 1 6  ? 7.861   6.918   -7.945  1.00 2.27 ? 6  ALA A H    1 
ATOM 82   H HA   . ALA A 1 6  ? 8.789   9.421   -8.303  1.00 2.53 ? 6  ALA A HA   1 
ATOM 83   H HB1  . ALA A 1 6  ? 6.560   8.331   -9.106  1.00 3.01 ? 6  ALA A HB1  1 
ATOM 84   H HB2  . ALA A 1 6  ? 5.842   9.177   -7.742  1.00 3.11 ? 6  ALA A HB2  1 
ATOM 85   H HB3  . ALA A 1 6  ? 6.660   10.087  -9.008  1.00 3.17 ? 6  ALA A HB3  1 
ATOM 86   N N    . ARG A 1 7  ? 6.848   9.945   -5.718  1.00 1.43 ? 7  ARG A N    1 
ATOM 87   C CA   . ARG A 1 7  ? 6.758   10.742  -4.455  1.00 1.36 ? 7  ARG A CA   1 
ATOM 88   C C    . ARG A 1 7  ? 6.226   9.818   -3.358  1.00 0.97 ? 7  ARG A C    1 
ATOM 89   O O    . ARG A 1 7  ? 6.430   10.035  -2.180  1.00 1.35 ? 7  ARG A O    1 
ATOM 90   C CB   . ARG A 1 7  ? 5.761   11.914  -4.638  1.00 1.93 ? 7  ARG A CB   1 
ATOM 91   C CG   . ARG A 1 7  ? 5.685   12.381  -6.109  1.00 2.24 ? 7  ARG A CG   1 
ATOM 92   C CD   . ARG A 1 7  ? 6.988   13.099  -6.518  1.00 2.94 ? 7  ARG A CD   1 
ATOM 93   N NE   . ARG A 1 7  ? 6.699   14.141  -7.556  1.00 3.62 ? 7  ARG A NE   1 
ATOM 94   C CZ   . ARG A 1 7  ? 6.036   13.858  -8.646  1.00 4.14 ? 7  ARG A CZ   1 
ATOM 95   N NH1  . ARG A 1 7  ? 5.715   12.625  -8.935  1.00 4.23 ? 7  ARG A NH1  1 
ATOM 96   N NH2  . ARG A 1 7  ? 5.739   14.816  -9.482  1.00 4.97 ? 7  ARG A NH2  1 
ATOM 97   H H    . ARG A 1 7  ? 6.060   9.468   -6.042  1.00 1.70 ? 7  ARG A H    1 
ATOM 98   H HA   . ARG A 1 7  ? 7.729   11.124  -4.170  1.00 1.62 ? 7  ARG A HA   1 
ATOM 99   H HB2  . ARG A 1 7  ? 4.782   11.595  -4.325  1.00 2.13 ? 7  ARG A HB2  1 
ATOM 100  H HB3  . ARG A 1 7  ? 6.068   12.743  -4.017  1.00 2.26 ? 7  ARG A HB3  1 
ATOM 101  H HG2  . ARG A 1 7  ? 5.514   11.530  -6.748  1.00 2.19 ? 7  ARG A HG2  1 
ATOM 102  H HG3  . ARG A 1 7  ? 4.853   13.066  -6.216  1.00 2.56 ? 7  ARG A HG3  1 
ATOM 103  H HD2  . ARG A 1 7  ? 7.410   13.603  -5.668  1.00 3.29 ? 7  ARG A HD2  1 
ATOM 104  H HD3  . ARG A 1 7  ? 7.702   12.373  -6.884  1.00 3.14 ? 7  ARG A HD3  1 
ATOM 105  H HE   . ARG A 1 7  ? 6.989   15.063  -7.400  1.00 3.99 ? 7  ARG A HE   1 
ATOM 106  H HH11 . ARG A 1 7  ? 5.980   11.884  -8.326  1.00 3.87 ? 7  ARG A HH11 1 
ATOM 107  H HH12 . ARG A 1 7  ? 5.202   12.426  -9.770  1.00 4.92 ? 7  ARG A HH12 1 
ATOM 108  H HH21 . ARG A 1 7  ? 6.019   15.755  -9.284  1.00 5.23 ? 7  ARG A HH21 1 
ATOM 109  H HH22 . ARG A 1 7  ? 5.233   14.610  -10.320 1.00 5.51 ? 7  ARG A HH22 1 
ATOM 110  N N    . ASP A 1 8  ? 5.509   8.808   -3.757  1.00 0.61 ? 8  ASP A N    1 
ATOM 111  C CA   . ASP A 1 8  ? 4.908   7.872   -2.776  1.00 0.77 ? 8  ASP A CA   1 
ATOM 112  C C    . ASP A 1 8  ? 5.979   7.033   -2.086  1.00 0.58 ? 8  ASP A C    1 
ATOM 113  O O    . ASP A 1 8  ? 7.161   7.160   -2.336  1.00 0.58 ? 8  ASP A O    1 
ATOM 114  C CB   . ASP A 1 8  ? 3.926   6.959   -3.501  1.00 1.24 ? 8  ASP A CB   1 
ATOM 115  C CG   . ASP A 1 8  ? 3.081   7.800   -4.462  1.00 1.48 ? 8  ASP A CG   1 
ATOM 116  O OD1  . ASP A 1 8  ? 2.871   8.966   -4.168  1.00 1.75 ? 8  ASP A OD1  1 
ATOM 117  O OD2  . ASP A 1 8  ? 2.658   7.266   -5.473  1.00 2.01 ? 8  ASP A OD2  1 
ATOM 118  H H    . ASP A 1 8  ? 5.342   8.680   -4.715  1.00 0.80 ? 8  ASP A H    1 
ATOM 119  H HA   . ASP A 1 8  ? 4.372   8.442   -2.031  1.00 1.13 ? 8  ASP A HA   1 
ATOM 120  H HB2  . ASP A 1 8  ? 4.474   6.208   -4.059  1.00 1.33 ? 8  ASP A HB2  1 
ATOM 121  H HB3  . ASP A 1 8  ? 3.280   6.478   -2.779  1.00 1.59 ? 8  ASP A HB3  1 
ATOM 122  N N    . TRP A 1 9  ? 5.547   6.180   -1.204  1.00 0.47 ? 9  TRP A N    1 
ATOM 123  C CA   . TRP A 1 9  ? 6.477   5.319   -0.429  1.00 0.35 ? 9  TRP A CA   1 
ATOM 124  C C    . TRP A 1 9  ? 7.104   4.249   -1.333  1.00 0.39 ? 9  TRP A C    1 
ATOM 125  O O    . TRP A 1 9  ? 6.412   3.492   -1.985  1.00 0.67 ? 9  TRP A O    1 
ATOM 126  C CB   . TRP A 1 9  ? 5.678   4.617   0.673   1.00 0.30 ? 9  TRP A CB   1 
ATOM 127  C CG   . TRP A 1 9  ? 5.261   5.594   1.741   1.00 0.28 ? 9  TRP A CG   1 
ATOM 128  C CD1  . TRP A 1 9  ? 4.856   6.880   1.541   1.00 0.31 ? 9  TRP A CD1  1 
ATOM 129  C CD2  . TRP A 1 9  ? 5.196   5.373   3.181   1.00 0.26 ? 9  TRP A CD2  1 
ATOM 130  N NE1  . TRP A 1 9  ? 4.560   7.454   2.765   1.00 0.31 ? 9  TRP A NE1  1 
ATOM 131  C CE2  . TRP A 1 9  ? 4.751   6.570   3.805   1.00 0.27 ? 9  TRP A CE2  1 
ATOM 132  C CE3  . TRP A 1 9  ? 5.482   4.259   4.002   1.00 0.29 ? 9  TRP A CE3  1 
ATOM 133  C CZ2  . TRP A 1 9  ? 4.594   6.659   5.195   1.00 0.30 ? 9  TRP A CZ2  1 
ATOM 134  C CZ3  . TRP A 1 9  ? 5.324   4.343   5.403   1.00 0.33 ? 9  TRP A CZ3  1 
ATOM 135  C CH2  . TRP A 1 9  ? 4.881   5.542   5.996   1.00 0.32 ? 9  TRP A CH2  1 
ATOM 136  H H    . TRP A 1 9  ? 4.583   6.121   -1.030  1.00 0.52 ? 9  TRP A H    1 
ATOM 137  H HA   . TRP A 1 9  ? 7.254   5.926   0.021   1.00 0.39 ? 9  TRP A HA   1 
ATOM 138  H HB2  . TRP A 1 9  ? 4.798   4.167   0.239   1.00 0.33 ? 9  TRP A HB2  1 
ATOM 139  H HB3  . TRP A 1 9  ? 6.289   3.845   1.117   1.00 0.32 ? 9  TRP A HB3  1 
ATOM 140  H HD1  . TRP A 1 9  ? 4.775   7.379   0.594   1.00 0.36 ? 9  TRP A HD1  1 
ATOM 141  H HE1  . TRP A 1 9  ? 4.250   8.373   2.896   1.00 0.35 ? 9  TRP A HE1  1 
ATOM 142  H HE3  . TRP A 1 9  ? 5.824   3.336   3.555   1.00 0.31 ? 9  TRP A HE3  1 
ATOM 143  H HZ2  . TRP A 1 9  ? 4.251   7.578   5.648   1.00 0.33 ? 9  TRP A HZ2  1 
ATOM 144  H HZ3  . TRP A 1 9  ? 5.545   3.487   6.021   1.00 0.38 ? 9  TRP A HZ3  1 
ATOM 145  H HH2  . TRP A 1 9  ? 4.762   5.601   7.068   1.00 0.37 ? 9  TRP A HH2  1 
ATOM 146  N N    . HIS A 1 10 ? 8.408   4.160   -1.347  1.00 0.39 ? 10 HIS A N    1 
ATOM 147  C CA   . HIS A 1 10 ? 9.090   3.121   -2.175  1.00 0.44 ? 10 HIS A CA   1 
ATOM 148  C C    . HIS A 1 10 ? 8.386   1.777   -2.003  1.00 0.41 ? 10 HIS A C    1 
ATOM 149  O O    . HIS A 1 10 ? 7.772   1.517   -0.989  1.00 0.40 ? 10 HIS A O    1 
ATOM 150  C CB   . HIS A 1 10 ? 10.539  2.937   -1.689  1.00 0.49 ? 10 HIS A CB   1 
ATOM 151  C CG   . HIS A 1 10 ? 11.340  4.201   -1.817  1.00 1.23 ? 10 HIS A CG   1 
ATOM 152  N ND1  . HIS A 1 10 ? 10.761  5.450   -1.959  1.00 2.07 ? 10 HIS A ND1  1 
ATOM 153  C CD2  . HIS A 1 10 ? 12.694  4.418   -1.771  1.00 2.12 ? 10 HIS A CD2  1 
ATOM 154  C CE1  . HIS A 1 10 ? 11.757  6.356   -1.988  1.00 2.83 ? 10 HIS A CE1  1 
ATOM 155  N NE2  . HIS A 1 10 ? 12.956  5.778   -1.875  1.00 2.92 ? 10 HIS A NE2  1 
ATOM 156  H H    . HIS A 1 10 ? 8.942   4.766   -0.792  1.00 0.58 ? 10 HIS A H    1 
ATOM 157  H HA   . HIS A 1 10 ? 9.077   3.402   -3.206  1.00 0.51 ? 10 HIS A HA   1 
ATOM 158  H HB2  . HIS A 1 10 ? 10.526  2.654   -0.651  1.00 0.95 ? 10 HIS A HB2  1 
ATOM 159  H HB3  . HIS A 1 10 ? 11.009  2.152   -2.263  1.00 1.07 ? 10 HIS A HB3  1 
ATOM 160  H HD1  . HIS A 1 10 ? 9.802   5.640   -2.024  1.00 2.45 ? 10 HIS A HD1  1 
ATOM 161  H HD2  . HIS A 1 10 ? 13.444  3.646   -1.666  1.00 2.55 ? 10 HIS A HD2  1 
ATOM 162  H HE1  . HIS A 1 10 ? 11.606  7.420   -2.088  1.00 3.60 ? 10 HIS A HE1  1 
ATOM 163  N N    . ARG A 1 11 ? 8.504   0.896   -2.964  1.00 0.43 ? 11 ARG A N    1 
ATOM 164  C CA   . ARG A 1 11 ? 7.878   -0.441  -2.798  1.00 0.43 ? 11 ARG A CA   1 
ATOM 165  C C    . ARG A 1 11 ? 8.507   -1.048  -1.549  1.00 0.37 ? 11 ARG A C    1 
ATOM 166  O O    . ARG A 1 11 ? 7.978   -1.949  -0.931  1.00 0.40 ? 11 ARG A O    1 
ATOM 167  C CB   . ARG A 1 11 ? 8.193   -1.337  -4.000  1.00 0.50 ? 11 ARG A CB   1 
ATOM 168  C CG   . ARG A 1 11 ? 7.605   -0.735  -5.279  1.00 1.42 ? 11 ARG A CG   1 
ATOM 169  C CD   . ARG A 1 11 ? 7.756   -1.742  -6.423  1.00 1.76 ? 11 ARG A CD   1 
ATOM 170  N NE   . ARG A 1 11 ? 9.192   -1.859  -6.803  1.00 2.63 ? 11 ARG A NE   1 
ATOM 171  C CZ   . ARG A 1 11 ? 9.605   -2.898  -7.477  1.00 3.16 ? 11 ARG A CZ   1 
ATOM 172  N NH1  . ARG A 1 11 ? 8.773   -3.859  -7.775  1.00 3.06 ? 11 ARG A NH1  1 
ATOM 173  N NH2  . ARG A 1 11 ? 10.855  -2.982  -7.845  1.00 4.19 ? 11 ARG A NH2  1 
ATOM 174  H H    . ARG A 1 11 ? 9.030   1.102   -3.765  1.00 0.47 ? 11 ARG A H    1 
ATOM 175  H HA   . ARG A 1 11 ? 6.810   -0.342  -2.669  1.00 0.45 ? 11 ARG A HA   1 
ATOM 176  H HB2  . ARG A 1 11 ? 9.263   -1.429  -4.107  1.00 1.07 ? 11 ARG A HB2  1 
ATOM 177  H HB3  . ARG A 1 11 ? 7.764   -2.314  -3.836  1.00 1.12 ? 11 ARG A HB3  1 
ATOM 178  H HG2  . ARG A 1 11 ? 6.558   -0.513  -5.126  1.00 2.02 ? 11 ARG A HG2  1 
ATOM 179  H HG3  . ARG A 1 11 ? 8.134   0.172   -5.528  1.00 2.03 ? 11 ARG A HG3  1 
ATOM 180  H HD2  . ARG A 1 11 ? 7.384   -2.707  -6.103  1.00 2.11 ? 11 ARG A HD2  1 
ATOM 181  H HD3  . ARG A 1 11 ? 7.194   -1.403  -7.278  1.00 1.95 ? 11 ARG A HD3  1 
ATOM 182  H HE   . ARG A 1 11 ? 9.822   -1.148  -6.562  1.00 3.16 ? 11 ARG A HE   1 
ATOM 183  H HH11 . ARG A 1 11 ? 7.817   -3.800  -7.487  1.00 2.69 ? 11 ARG A HH11 1 
ATOM 184  H HH12 . ARG A 1 11 ? 9.091   -4.654  -8.291  1.00 3.69 ? 11 ARG A HH12 1 
ATOM 185  H HH21 . ARG A 1 11 ? 11.496  -2.251  -7.610  1.00 4.64 ? 11 ARG A HH21 1 
ATOM 186  H HH22 . ARG A 1 11 ? 11.172  -3.778  -8.362  1.00 4.67 ? 11 ARG A HH22 1 
ATOM 187  N N    . ALA A 1 12 ? 9.657   -0.534  -1.192  1.00 0.34 ? 12 ALA A N    1 
ATOM 188  C CA   . ALA A 1 12 ? 10.382  -1.024  0.011   1.00 0.32 ? 12 ALA A CA   1 
ATOM 189  C C    . ALA A 1 12 ? 9.951   -0.197  1.228   1.00 0.27 ? 12 ALA A C    1 
ATOM 190  O O    . ALA A 1 12 ? 9.901   -0.687  2.327   1.00 0.25 ? 12 ALA A O    1 
ATOM 191  C CB   . ALA A 1 12 ? 11.889  -0.870  -0.212  1.00 0.39 ? 12 ALA A CB   1 
ATOM 192  H H    . ALA A 1 12 ? 10.046  0.190   -1.724  1.00 0.37 ? 12 ALA A H    1 
ATOM 193  H HA   . ALA A 1 12 ? 10.148  -2.066  0.180   1.00 0.35 ? 12 ALA A HA   1 
ATOM 194  H HB1  . ALA A 1 12 ? 12.132  -1.148  -1.226  1.00 1.09 ? 12 ALA A HB1  1 
ATOM 195  H HB2  . ALA A 1 12 ? 12.179  0.157   -0.044  1.00 1.07 ? 12 ALA A HB2  1 
ATOM 196  H HB3  . ALA A 1 12 ? 12.422  -1.512  0.474   1.00 1.08 ? 12 ALA A HB3  1 
ATOM 197  N N    . ASP A 1 13 ? 9.630   1.052   1.041   1.00 0.27 ? 13 ASP A N    1 
ATOM 198  C CA   . ASP A 1 13 ? 9.192   1.878   2.203   1.00 0.26 ? 13 ASP A CA   1 
ATOM 199  C C    . ASP A 1 13 ? 7.827   1.369   2.630   1.00 0.23 ? 13 ASP A C    1 
ATOM 200  O O    . ASP A 1 13 ? 7.412   1.510   3.763   1.00 0.24 ? 13 ASP A O    1 
ATOM 201  C CB   . ASP A 1 13 ? 9.090   3.350   1.806   1.00 0.30 ? 13 ASP A CB   1 
ATOM 202  C CG   . ASP A 1 13 ? 10.490  3.946   1.662   1.00 0.37 ? 13 ASP A CG   1 
ATOM 203  O OD1  . ASP A 1 13 ? 11.309  3.702   2.532   1.00 1.15 ? 13 ASP A OD1  1 
ATOM 204  O OD2  . ASP A 1 13 ? 10.720  4.639   0.684   1.00 1.15 ? 13 ASP A OD2  1 
ATOM 205  H H    . ASP A 1 13 ? 9.659   1.436   0.146   1.00 0.29 ? 13 ASP A H    1 
ATOM 206  H HA   . ASP A 1 13 ? 9.893   1.764   3.016   1.00 0.27 ? 13 ASP A HA   1 
ATOM 207  H HB2  . ASP A 1 13 ? 8.568   3.426   0.870   1.00 0.30 ? 13 ASP A HB2  1 
ATOM 208  H HB3  . ASP A 1 13 ? 8.546   3.893   2.567   1.00 0.33 ? 13 ASP A HB3  1 
ATOM 209  N N    . VAL A 1 14 ? 7.138   0.747   1.718   1.00 0.22 ? 14 VAL A N    1 
ATOM 210  C CA   . VAL A 1 14 ? 5.807   0.188   2.040   1.00 0.22 ? 14 VAL A CA   1 
ATOM 211  C C    . VAL A 1 14 ? 6.030   -1.089  2.842   1.00 0.21 ? 14 VAL A C    1 
ATOM 212  O O    . VAL A 1 14 ? 5.654   -1.194  3.989   1.00 0.21 ? 14 VAL A O    1 
ATOM 213  C CB   . VAL A 1 14 ? 5.075   -0.145  0.730   1.00 0.27 ? 14 VAL A CB   1 
ATOM 214  C CG1  . VAL A 1 14 ? 3.808   -0.954  1.016   1.00 0.32 ? 14 VAL A CG1  1 
ATOM 215  C CG2  . VAL A 1 14 ? 4.692   1.151   0.013   1.00 0.33 ? 14 VAL A CG2  1 
ATOM 216  H H    . VAL A 1 14 ? 7.510   0.633   0.819   1.00 0.23 ? 14 VAL A H    1 
ATOM 217  H HA   . VAL A 1 14 ? 5.232   0.897   2.617   1.00 0.23 ? 14 VAL A HA   1 
ATOM 218  H HB   . VAL A 1 14 ? 5.730   -0.724  0.096   1.00 0.29 ? 14 VAL A HB   1 
ATOM 219  H HG11 . VAL A 1 14 ? 3.220   -0.447  1.766   1.00 1.04 ? 14 VAL A HG11 1 
ATOM 220  H HG12 . VAL A 1 14 ? 3.229   -1.045  0.108   1.00 1.06 ? 14 VAL A HG12 1 
ATOM 221  H HG13 . VAL A 1 14 ? 4.077   -1.938  1.370   1.00 1.08 ? 14 VAL A HG13 1 
ATOM 222  H HG21 . VAL A 1 14 ? 5.579   1.734   -0.173  1.00 1.04 ? 14 VAL A HG21 1 
ATOM 223  H HG22 . VAL A 1 14 ? 4.213   0.913   -0.926  1.00 1.05 ? 14 VAL A HG22 1 
ATOM 224  H HG23 . VAL A 1 14 ? 4.011   1.715   0.632   1.00 1.13 ? 14 VAL A HG23 1 
ATOM 225  N N    . ILE A 1 15 ? 6.654   -2.059  2.239   1.00 0.24 ? 15 ILE A N    1 
ATOM 226  C CA   . ILE A 1 15 ? 6.908   -3.344  2.944   1.00 0.27 ? 15 ILE A CA   1 
ATOM 227  C C    . ILE A 1 15 ? 7.952   -3.158  4.052   1.00 0.26 ? 15 ILE A C    1 
ATOM 228  O O    . ILE A 1 15 ? 7.762   -3.604  5.155   1.00 0.29 ? 15 ILE A O    1 
ATOM 229  C CB   . ILE A 1 15 ? 7.399   -4.387  1.937   1.00 0.33 ? 15 ILE A CB   1 
ATOM 230  C CG1  . ILE A 1 15 ? 6.384   -4.504  0.780   1.00 0.44 ? 15 ILE A CG1  1 
ATOM 231  C CG2  . ILE A 1 15 ? 7.534   -5.743  2.641   1.00 0.43 ? 15 ILE A CG2  1 
ATOM 232  C CD1  . ILE A 1 15 ? 7.046   -5.138  -0.447  1.00 0.98 ? 15 ILE A CD1  1 
ATOM 233  H H    . ILE A 1 15 ? 6.956   -1.944  1.314   1.00 0.26 ? 15 ILE A H    1 
ATOM 234  H HA   . ILE A 1 15 ? 5.983   -3.691  3.385   1.00 0.31 ? 15 ILE A HA   1 
ATOM 235  H HB   . ILE A 1 15 ? 8.362   -4.085  1.553   1.00 0.35 ? 15 ILE A HB   1 
ATOM 236  H HG12 . ILE A 1 15 ? 5.551   -5.118  1.092   1.00 1.22 ? 15 ILE A HG12 1 
ATOM 237  H HG13 . ILE A 1 15 ? 6.020   -3.523  0.511   1.00 0.89 ? 15 ILE A HG13 1 
ATOM 238  H HG21 . ILE A 1 15 ? 6.574   -6.037  3.041   1.00 1.04 ? 15 ILE A HG21 1 
ATOM 239  H HG22 . ILE A 1 15 ? 7.871   -6.485  1.935   1.00 1.15 ? 15 ILE A HG22 1 
ATOM 240  H HG23 . ILE A 1 15 ? 8.249   -5.662  3.445   1.00 1.08 ? 15 ILE A HG23 1 
ATOM 241  H HD11 . ILE A 1 15 ? 7.987   -4.650  -0.643  1.00 1.58 ? 15 ILE A HD11 1 
ATOM 242  H HD12 . ILE A 1 15 ? 7.212   -6.189  -0.268  1.00 1.62 ? 15 ILE A HD12 1 
ATOM 243  H HD13 . ILE A 1 15 ? 6.398   -5.018  -1.302  1.00 1.56 ? 15 ILE A HD13 1 
ATOM 244  N N    . ALA A 1 16 ? 9.058   -2.522  3.780   1.00 0.25 ? 16 ALA A N    1 
ATOM 245  C CA   . ALA A 1 16 ? 10.079  -2.352  4.860   1.00 0.28 ? 16 ALA A CA   1 
ATOM 246  C C    . ALA A 1 16 ? 9.459   -1.574  6.020   1.00 0.28 ? 16 ALA A C    1 
ATOM 247  O O    . ALA A 1 16 ? 9.611   -1.934  7.170   1.00 0.37 ? 16 ALA A O    1 
ATOM 248  C CB   . ALA A 1 16 ? 11.307  -1.599  4.334   1.00 0.30 ? 16 ALA A CB   1 
ATOM 249  H H    . ALA A 1 16 ? 9.217   -2.168  2.885   1.00 0.25 ? 16 ALA A H    1 
ATOM 250  H HA   . ALA A 1 16 ? 10.384  -3.325  5.213   1.00 0.32 ? 16 ALA A HA   1 
ATOM 251  H HB1  . ALA A 1 16 ? 11.553  -1.957  3.345   1.00 1.07 ? 16 ALA A HB1  1 
ATOM 252  H HB2  . ALA A 1 16 ? 11.095  -0.541  4.294   1.00 1.02 ? 16 ALA A HB2  1 
ATOM 253  H HB3  . ALA A 1 16 ? 12.142  -1.771  4.995   1.00 1.07 ? 16 ALA A HB3  1 
ATOM 254  N N    . GLY A 1 17 ? 8.751   -0.519  5.729   1.00 0.23 ? 17 GLY A N    1 
ATOM 255  C CA   . GLY A 1 17 ? 8.116   0.276   6.818   1.00 0.25 ? 17 GLY A CA   1 
ATOM 256  C C    . GLY A 1 17 ? 7.057   -0.578  7.520   1.00 0.24 ? 17 GLY A C    1 
ATOM 257  O O    . GLY A 1 17 ? 7.042   -0.698  8.730   1.00 0.26 ? 17 GLY A O    1 
ATOM 258  H H    . GLY A 1 17 ? 8.633   -0.250  4.794   1.00 0.25 ? 17 GLY A H    1 
ATOM 259  H HA2  . GLY A 1 17 ? 8.871   0.580   7.531   1.00 0.29 ? 17 GLY A HA2  1 
ATOM 260  H HA3  . GLY A 1 17 ? 7.647   1.151   6.396   1.00 0.25 ? 17 GLY A HA3  1 
ATOM 261  N N    . LEU A 1 18 ? 6.171   -1.169  6.768   1.00 0.23 ? 18 LEU A N    1 
ATOM 262  C CA   . LEU A 1 18 ? 5.106   -2.018  7.379   1.00 0.24 ? 18 LEU A CA   1 
ATOM 263  C C    . LEU A 1 18 ? 5.753   -3.256  8.028   1.00 0.25 ? 18 LEU A C    1 
ATOM 264  O O    . LEU A 1 18 ? 5.594   -3.513  9.205   1.00 0.30 ? 18 LEU A O    1 
ATOM 265  C CB   . LEU A 1 18 ? 4.130   -2.457  6.272   1.00 0.25 ? 18 LEU A CB   1 
ATOM 266  C CG   . LEU A 1 18 ? 3.226   -1.283  5.848   1.00 0.26 ? 18 LEU A CG   1 
ATOM 267  C CD1  . LEU A 1 18 ? 2.642   -1.560  4.460   1.00 0.25 ? 18 LEU A CD1  1 
ATOM 268  C CD2  . LEU A 1 18 ? 2.055   -1.130  6.822   1.00 0.35 ? 18 LEU A CD2  1 
ATOM 269  H H    . LEU A 1 18 ? 6.204   -1.056  5.795   1.00 0.23 ? 18 LEU A H    1 
ATOM 270  H HA   . LEU A 1 18 ? 4.581   -1.452  8.130   1.00 0.26 ? 18 LEU A HA   1 
ATOM 271  H HB2  . LEU A 1 18 ? 4.699   -2.797  5.418   1.00 0.24 ? 18 LEU A HB2  1 
ATOM 272  H HB3  . LEU A 1 18 ? 3.517   -3.264  6.631   1.00 0.31 ? 18 LEU A HB3  1 
ATOM 273  H HG   . LEU A 1 18 ? 3.803   -0.371  5.827   1.00 0.26 ? 18 LEU A HG   1 
ATOM 274  H HD11 . LEU A 1 18 ? 2.086   -2.486  4.483   1.00 1.00 ? 18 LEU A HD11 1 
ATOM 275  H HD12 . LEU A 1 18 ? 1.984   -0.751  4.182   1.00 1.02 ? 18 LEU A HD12 1 
ATOM 276  H HD13 . LEU A 1 18 ? 3.435   -1.640  3.741   1.00 1.02 ? 18 LEU A HD13 1 
ATOM 277  H HD21 . LEU A 1 18 ? 1.535   -2.069  6.907   1.00 1.10 ? 18 LEU A HD21 1 
ATOM 278  H HD22 . LEU A 1 18 ? 2.420   -0.831  7.790   1.00 1.11 ? 18 LEU A HD22 1 
ATOM 279  H HD23 . LEU A 1 18 ? 1.375   -0.382  6.444   1.00 0.98 ? 18 LEU A HD23 1 
ATOM 280  N N    . LYS A 1 19 ? 6.482   -4.014  7.257   1.00 0.26 ? 19 LYS A N    1 
ATOM 281  C CA   . LYS A 1 19 ? 7.161   -5.248  7.776   1.00 0.27 ? 19 LYS A CA   1 
ATOM 282  C C    . LYS A 1 19 ? 8.029   -4.907  8.991   1.00 0.27 ? 19 LYS A C    1 
ATOM 283  O O    . LYS A 1 19 ? 8.457   -5.775  9.727   1.00 0.29 ? 19 LYS A O    1 
ATOM 284  C CB   . LYS A 1 19 ? 8.055   -5.796  6.655   1.00 0.31 ? 19 LYS A CB   1 
ATOM 285  C CG   . LYS A 1 19 ? 8.624   -7.179  7.014   1.00 0.67 ? 19 LYS A CG   1 
ATOM 286  C CD   . LYS A 1 19 ? 9.647   -7.628  5.920   1.00 0.60 ? 19 LYS A CD   1 
ATOM 287  C CE   . LYS A 1 19 ? 9.220   -8.949  5.243   1.00 1.36 ? 19 LYS A CE   1 
ATOM 288  N NZ   . LYS A 1 19 ? 9.727   -10.098 6.047   1.00 2.12 ? 19 LYS A NZ   1 
ATOM 289  H H    . LYS A 1 19 ? 6.582   -3.773  6.318   1.00 0.29 ? 19 LYS A H    1 
ATOM 290  H HA   . LYS A 1 19 ? 6.426   -5.987  8.051   1.00 0.29 ? 19 LYS A HA   1 
ATOM 291  H HB2  . LYS A 1 19 ? 7.479   -5.875  5.748   1.00 0.64 ? 19 LYS A HB2  1 
ATOM 292  H HB3  . LYS A 1 19 ? 8.877   -5.113  6.496   1.00 0.59 ? 19 LYS A HB3  1 
ATOM 293  H HG2  . LYS A 1 19 ? 9.124   -7.114  7.971   1.00 1.01 ? 19 LYS A HG2  1 
ATOM 294  H HG3  . LYS A 1 19 ? 7.815   -7.887  7.087   1.00 1.07 ? 19 LYS A HG3  1 
ATOM 295  H HD2  . LYS A 1 19 ? 9.734   -6.862  5.160   1.00 1.13 ? 19 LYS A HD2  1 
ATOM 296  H HD3  . LYS A 1 19 ? 10.616  -7.770  6.378   1.00 1.11 ? 19 LYS A HD3  1 
ATOM 297  H HE2  . LYS A 1 19 ? 8.144   -9.004  5.171   1.00 1.97 ? 19 LYS A HE2  1 
ATOM 298  H HE3  . LYS A 1 19 ? 9.644   -8.997  4.250   1.00 1.94 ? 19 LYS A HE3  1 
ATOM 299  H HZ1  . LYS A 1 19 ? 10.691  -9.890  6.378   1.00 2.49 ? 19 LYS A HZ1  1 
ATOM 300  H HZ2  . LYS A 1 19 ? 9.106   -10.249 6.866   1.00 2.47 ? 19 LYS A HZ2  1 
ATOM 301  H HZ3  . LYS A 1 19 ? 9.741   -10.956 5.456   1.00 2.73 ? 19 LYS A HZ3  1 
ATOM 302  N N    . LYS A 1 20 ? 8.296   -3.657  9.208   1.00 0.31 ? 20 LYS A N    1 
ATOM 303  C CA   . LYS A 1 20 ? 9.146   -3.270  10.369  1.00 0.34 ? 20 LYS A CA   1 
ATOM 304  C C    . LYS A 1 20 ? 8.517   -3.803  11.652  1.00 0.31 ? 20 LYS A C    1 
ATOM 305  O O    . LYS A 1 20 ? 9.193   -4.047  12.632  1.00 0.35 ? 20 LYS A O    1 
ATOM 306  C CB   . LYS A 1 20 ? 9.269   -1.736  10.419  1.00 0.43 ? 20 LYS A CB   1 
ATOM 307  C CG   . LYS A 1 20 ? 10.555  -1.311  11.146  1.00 1.04 ? 20 LYS A CG   1 
ATOM 308  C CD   . LYS A 1 20 ? 10.857  0.161   10.820  1.00 1.44 ? 20 LYS A CD   1 
ATOM 309  C CE   . LYS A 1 20 ? 12.098  0.655   11.598  1.00 1.96 ? 20 LYS A CE   1 
ATOM 310  N NZ   . LYS A 1 20 ? 11.667  1.646   12.626  1.00 2.72 ? 20 LYS A NZ   1 
ATOM 311  H H    . LYS A 1 20 ? 7.943   -2.975  8.608   1.00 0.34 ? 20 LYS A H    1 
ATOM 312  H HA   . LYS A 1 20 ? 10.114  -3.719  10.248  1.00 0.37 ? 20 LYS A HA   1 
ATOM 313  H HB2  . LYS A 1 20 ? 9.288   -1.351  9.411   1.00 0.78 ? 20 LYS A HB2  1 
ATOM 314  H HB3  . LYS A 1 20 ? 8.414   -1.323  10.938  1.00 0.93 ? 20 LYS A HB3  1 
ATOM 315  H HG2  . LYS A 1 20 ? 10.421  -1.423  12.212  1.00 1.78 ? 20 LYS A HG2  1 
ATOM 316  H HG3  . LYS A 1 20 ? 11.383  -1.921  10.820  1.00 1.54 ? 20 LYS A HG3  1 
ATOM 317  H HD2  . LYS A 1 20 ? 11.031  0.257   9.756   1.00 1.79 ? 20 LYS A HD2  1 
ATOM 318  H HD3  . LYS A 1 20 ? 10.005  0.766   11.093  1.00 2.03 ? 20 LYS A HD3  1 
ATOM 319  H HE2  . LYS A 1 20 ? 12.593  -0.175  12.085  1.00 2.35 ? 20 LYS A HE2  1 
ATOM 320  H HE3  . LYS A 1 20 ? 12.790  1.130   10.916  1.00 2.31 ? 20 LYS A HE3  1 
ATOM 321  H HZ1  . LYS A 1 20 ? 10.639  1.570   12.770  1.00 3.10 ? 20 LYS A HZ1  1 
ATOM 322  H HZ2  . LYS A 1 20 ? 12.158  1.454   13.522  1.00 3.12 ? 20 LYS A HZ2  1 
ATOM 323  H HZ3  . LYS A 1 20 ? 11.902  2.605   12.303  1.00 3.13 ? 20 LYS A HZ3  1 
ATOM 324  N N    . ARG A 1 21 ? 7.231   -4.002  11.643  1.00 0.29 ? 21 ARG A N    1 
ATOM 325  C CA   . ARG A 1 21 ? 6.533   -4.540  12.838  1.00 0.33 ? 21 ARG A CA   1 
ATOM 326  C C    . ARG A 1 21 ? 6.240   -6.013  12.571  1.00 0.31 ? 21 ARG A C    1 
ATOM 327  O O    . ARG A 1 21 ? 7.002   -6.883  12.939  1.00 0.33 ? 21 ARG A O    1 
ATOM 328  C CB   . ARG A 1 21 ? 5.230   -3.765  13.035  1.00 0.38 ? 21 ARG A CB   1 
ATOM 329  C CG   . ARG A 1 21 ? 5.543   -2.264  13.120  1.00 0.45 ? 21 ARG A CG   1 
ATOM 330  C CD   . ARG A 1 21 ? 4.243   -1.446  13.144  1.00 0.74 ? 21 ARG A CD   1 
ATOM 331  N NE   . ARG A 1 21 ? 3.761   -1.322  14.546  1.00 1.69 ? 21 ARG A NE   1 
ATOM 332  C CZ   . ARG A 1 21 ? 2.861   -0.426  14.844  1.00 2.24 ? 21 ARG A CZ   1 
ATOM 333  N NH1  . ARG A 1 21 ? 2.379   0.346   13.909  1.00 2.37 ? 21 ARG A NH1  1 
ATOM 334  N NH2  . ARG A 1 21 ? 2.444   -0.303  16.073  1.00 3.26 ? 21 ARG A NH2  1 
ATOM 335  H H    . ARG A 1 21 ? 6.716   -3.809  10.835  1.00 0.29 ? 21 ARG A H    1 
ATOM 336  H HA   . ARG A 1 21 ? 7.155   -4.443  13.720  1.00 0.36 ? 21 ARG A HA   1 
ATOM 337  H HB2  . ARG A 1 21 ? 4.573   -3.950  12.198  1.00 0.38 ? 21 ARG A HB2  1 
ATOM 338  H HB3  . ARG A 1 21 ? 4.756   -4.085  13.945  1.00 0.44 ? 21 ARG A HB3  1 
ATOM 339  H HG2  . ARG A 1 21 ? 6.104   -2.069  14.022  1.00 0.80 ? 21 ARG A HG2  1 
ATOM 340  H HG3  . ARG A 1 21 ? 6.131   -1.973  12.263  1.00 0.76 ? 21 ARG A HG3  1 
ATOM 341  H HD2  . ARG A 1 21 ? 4.434   -0.459  12.745  1.00 1.47 ? 21 ARG A HD2  1 
ATOM 342  H HD3  . ARG A 1 21 ? 3.486   -1.933  12.545  1.00 0.84 ? 21 ARG A HD3  1 
ATOM 343  H HE   . ARG A 1 21 ? 4.121   -1.908  15.244  1.00 2.38 ? 21 ARG A HE   1 
ATOM 344  H HH11 . ARG A 1 21 ? 2.699   0.249   12.967  1.00 2.09 ? 21 ARG A HH11 1 
ATOM 345  H HH12 . ARG A 1 21 ? 1.689   1.033   14.135  1.00 3.16 ? 21 ARG A HH12 1 
ATOM 346  H HH21 . ARG A 1 21 ? 2.814   -0.896  16.788  1.00 3.69 ? 21 ARG A HH21 1 
ATOM 347  H HH22 . ARG A 1 21 ? 1.754   0.384   16.301  1.00 3.80 ? 21 ARG A HH22 1 
ATOM 348  N N    . LYS A 1 22 ? 5.160   -6.299  11.901  1.00 0.30 ? 22 LYS A N    1 
ATOM 349  C CA   . LYS A 1 22 ? 4.844   -7.713  11.567  1.00 0.32 ? 22 LYS A CA   1 
ATOM 350  C C    . LYS A 1 22 ? 3.833   -7.725  10.422  1.00 0.29 ? 22 LYS A C    1 
ATOM 351  O O    . LYS A 1 22 ? 2.720   -8.181  10.590  1.00 0.34 ? 22 LYS A O    1 
ATOM 352  C CB   . LYS A 1 22 ? 4.210   -8.434  12.771  1.00 0.40 ? 22 LYS A CB   1 
ATOM 353  C CG   . LYS A 1 22 ? 5.270   -8.862  13.793  1.00 1.46 ? 22 LYS A CG   1 
ATOM 354  C CD   . LYS A 1 22 ? 4.673   -9.947  14.700  1.00 1.94 ? 22 LYS A CD   1 
ATOM 355  C CE   . LYS A 1 22 ? 5.651   -10.292 15.824  1.00 2.62 ? 22 LYS A CE   1 
ATOM 356  N NZ   . LYS A 1 22 ? 5.547   -9.267  16.900  1.00 3.25 ? 22 LYS A NZ   1 
ATOM 357  H H    . LYS A 1 22 ? 4.572   -5.583  11.589  1.00 0.30 ? 22 LYS A H    1 
ATOM 358  H HA   . LYS A 1 22 ? 5.756   -8.208  11.255  1.00 0.32 ? 22 LYS A HA   1 
ATOM 359  H HB2  . LYS A 1 22 ? 3.505   -7.771  13.248  1.00 0.87 ? 22 LYS A HB2  1 
ATOM 360  H HB3  . LYS A 1 22 ? 3.683   -9.314  12.419  1.00 0.93 ? 22 LYS A HB3  1 
ATOM 361  H HG2  . LYS A 1 22 ? 6.137   -9.254  13.281  1.00 1.92 ? 22 LYS A HG2  1 
ATOM 362  H HG3  . LYS A 1 22 ? 5.556   -8.013  14.394  1.00 1.97 ? 22 LYS A HG3  1 
ATOM 363  H HD2  . LYS A 1 22 ? 3.749   -9.586  15.127  1.00 2.20 ? 22 LYS A HD2  1 
ATOM 364  H HD3  . LYS A 1 22 ? 4.474   -10.833 14.115  1.00 2.32 ? 22 LYS A HD3  1 
ATOM 365  H HE2  . LYS A 1 22 ? 5.405   -11.263 16.229  1.00 3.10 ? 22 LYS A HE2  1 
ATOM 366  H HE3  . LYS A 1 22 ? 6.660   -10.310 15.438  1.00 2.90 ? 22 LYS A HE3  1 
ATOM 367  H HZ1  . LYS A 1 22 ? 4.857   -8.540  16.622  1.00 3.60 ? 22 LYS A HZ1  1 
ATOM 368  H HZ2  . LYS A 1 22 ? 5.234   -9.719  17.783  1.00 3.63 ? 22 LYS A HZ2  1 
ATOM 369  H HZ3  . LYS A 1 22 ? 6.477   -8.824  17.048  1.00 3.53 ? 22 LYS A HZ3  1 
ATOM 370  N N    . LEU A 1 23 ? 4.189   -7.223  9.272   1.00 0.27 ? 23 LEU A N    1 
ATOM 371  C CA   . LEU A 1 23 ? 3.213   -7.202  8.138   1.00 0.26 ? 23 LEU A CA   1 
ATOM 372  C C    . LEU A 1 23 ? 3.922   -7.528  6.823   1.00 0.28 ? 23 LEU A C    1 
ATOM 373  O O    . LEU A 1 23 ? 5.032   -7.109  6.569   1.00 0.33 ? 23 LEU A O    1 
ATOM 374  C CB   . LEU A 1 23 ? 2.599   -5.802  8.030   1.00 0.28 ? 23 LEU A CB   1 
ATOM 375  C CG   . LEU A 1 23 ? 1.824   -5.402  9.300   1.00 0.34 ? 23 LEU A CG   1 
ATOM 376  C CD1  . LEU A 1 23 ? 1.413   -3.939  9.164   1.00 0.41 ? 23 LEU A CD1  1 
ATOM 377  C CD2  . LEU A 1 23 ? 0.544   -6.236  9.475   1.00 0.43 ? 23 LEU A CD2  1 
ATOM 378  H H    . LEU A 1 23 ? 5.088   -6.848  9.155   1.00 0.30 ? 23 LEU A H    1 
ATOM 379  H HA   . LEU A 1 23 ? 2.437   -7.929  8.298   1.00 0.24 ? 23 LEU A HA   1 
ATOM 380  H HB2  . LEU A 1 23 ? 3.400   -5.101  7.888   1.00 0.38 ? 23 LEU A HB2  1 
ATOM 381  H HB3  . LEU A 1 23 ? 1.941   -5.760  7.180   1.00 0.30 ? 23 LEU A HB3  1 
ATOM 382  H HG   . LEU A 1 23 ? 2.459   -5.517  10.168  1.00 0.43 ? 23 LEU A HG   1 
ATOM 383  H HD11 . LEU A 1 23 ? 0.849   -3.815  8.248   1.00 1.05 ? 23 LEU A HD11 1 
ATOM 384  H HD12 . LEU A 1 23 ? 0.799   -3.655  10.006  1.00 1.06 ? 23 LEU A HD12 1 
ATOM 385  H HD13 . LEU A 1 23 ? 2.295   -3.316  9.132   1.00 1.13 ? 23 LEU A HD13 1 
ATOM 386  H HD21 . LEU A 1 23 ? -0.065  -6.148  8.591   1.00 1.13 ? 23 LEU A HD21 1 
ATOM 387  H HD22 . LEU A 1 23 ? 0.791   -7.268  9.647   1.00 1.09 ? 23 LEU A HD22 1 
ATOM 388  H HD23 . LEU A 1 23 ? -0.009  -5.859  10.324  1.00 1.01 ? 23 LEU A HD23 1 
ATOM 389  N N    . SER A 1 24 ? 3.265   -8.271  5.979   1.00 0.27 ? 24 SER A N    1 
ATOM 390  C CA   . SER A 1 24 ? 3.852   -8.634  4.659   1.00 0.32 ? 24 SER A CA   1 
ATOM 391  C C    . SER A 1 24 ? 2.709   -8.748  3.653   1.00 0.33 ? 24 SER A C    1 
ATOM 392  O O    . SER A 1 24 ? 1.751   -9.456  3.881   1.00 0.36 ? 24 SER A O    1 
ATOM 393  C CB   . SER A 1 24 ? 4.587   -9.973  4.770   1.00 0.35 ? 24 SER A CB   1 
ATOM 394  O OG   . SER A 1 24 ? 3.834   -10.855 5.591   1.00 0.40 ? 24 SER A OG   1 
ATOM 395  H H    . SER A 1 24 ? 2.366   -8.585  6.210   1.00 0.25 ? 24 SER A H    1 
ATOM 396  H HA   . SER A 1 24 ? 4.542   -7.865  4.338   1.00 0.35 ? 24 SER A HA   1 
ATOM 397  H HB2  . SER A 1 24 ? 4.700   -10.409 3.792   1.00 0.41 ? 24 SER A HB2  1 
ATOM 398  H HB3  . SER A 1 24 ? 5.566   -9.808  5.205   1.00 0.38 ? 24 SER A HB3  1 
ATOM 399  H HG   . SER A 1 24 ? 3.586   -11.615 5.060   1.00 0.99 ? 24 SER A HG   1 
ATOM 400  N N    . LEU A 1 25 ? 2.785   -8.037  2.563   1.00 0.34 ? 25 LEU A N    1 
ATOM 401  C CA   . LEU A 1 25 ? 1.686   -8.082  1.547   1.00 0.36 ? 25 LEU A CA   1 
ATOM 402  C C    . LEU A 1 25 ? 1.163   -9.517  1.378   1.00 0.39 ? 25 LEU A C    1 
ATOM 403  O O    . LEU A 1 25 ? 0.034   -9.731  0.982   1.00 0.49 ? 25 LEU A O    1 
ATOM 404  C CB   . LEU A 1 25 ? 2.218   -7.575  0.204   1.00 0.38 ? 25 LEU A CB   1 
ATOM 405  C CG   . LEU A 1 25 ? 2.748   -6.135  0.355   1.00 0.39 ? 25 LEU A CG   1 
ATOM 406  C CD1  . LEU A 1 25 ? 3.727   -5.826  -0.782  1.00 0.81 ? 25 LEU A CD1  1 
ATOM 407  C CD2  . LEU A 1 25 ? 1.586   -5.133  0.300   1.00 0.71 ? 25 LEU A CD2  1 
ATOM 408  H H    . LEU A 1 25 ? 3.558   -7.453  2.417   1.00 0.36 ? 25 LEU A H    1 
ATOM 409  H HA   . LEU A 1 25 ? 0.876   -7.450  1.873   1.00 0.38 ? 25 LEU A HA   1 
ATOM 410  H HB2  . LEU A 1 25 ? 3.020   -8.223  -0.125  1.00 0.41 ? 25 LEU A HB2  1 
ATOM 411  H HB3  . LEU A 1 25 ? 1.423   -7.592  -0.528  1.00 0.39 ? 25 LEU A HB3  1 
ATOM 412  H HG   . LEU A 1 25 ? 3.263   -6.039  1.301   1.00 0.63 ? 25 LEU A HG   1 
ATOM 413  H HD11 . LEU A 1 25 ? 3.267   -6.067  -1.729  1.00 1.49 ? 25 LEU A HD11 1 
ATOM 414  H HD12 . LEU A 1 25 ? 3.984   -4.778  -0.762  1.00 1.38 ? 25 LEU A HD12 1 
ATOM 415  H HD13 . LEU A 1 25 ? 4.622   -6.418  -0.657  1.00 1.25 ? 25 LEU A HD13 1 
ATOM 416  H HD21 . LEU A 1 25 ? 0.991   -5.314  -0.582  1.00 1.24 ? 25 LEU A HD21 1 
ATOM 417  H HD22 . LEU A 1 25 ? 0.970   -5.243  1.179   1.00 1.38 ? 25 LEU A HD22 1 
ATOM 418  H HD23 . LEU A 1 25 ? 1.980   -4.129  0.265   1.00 1.31 ? 25 LEU A HD23 1 
ATOM 419  N N    . SER A 1 26 ? 1.969   -10.499 1.680   1.00 0.40 ? 26 SER A N    1 
ATOM 420  C CA   . SER A 1 26 ? 1.508   -11.910 1.534   1.00 0.45 ? 26 SER A CA   1 
ATOM 421  C C    . SER A 1 26 ? 0.595   -12.283 2.709   1.00 0.44 ? 26 SER A C    1 
ATOM 422  O O    . SER A 1 26 ? -0.368  -13.007 2.553   1.00 0.47 ? 26 SER A O    1 
ATOM 423  C CB   . SER A 1 26 ? 2.732   -12.842 1.502   1.00 0.52 ? 26 SER A CB   1 
ATOM 424  O OG   . SER A 1 26 ? 2.838   -13.543 2.738   1.00 1.54 ? 26 SER A OG   1 
ATOM 425  H H    . SER A 1 26 ? 2.875   -10.308 2.001   1.00 0.44 ? 26 SER A H    1 
ATOM 426  H HA   . SER A 1 26 ? 0.954   -12.006 0.611   1.00 0.49 ? 26 SER A HA   1 
ATOM 427  H HB2  . SER A 1 26 ? 2.632   -13.557 0.701   1.00 1.09 ? 26 SER A HB2  1 
ATOM 428  H HB3  . SER A 1 26 ? 3.625   -12.251 1.339   1.00 1.13 ? 26 SER A HB3  1 
ATOM 429  H HG   . SER A 1 26 ? 3.602   -14.123 2.687   1.00 2.00 ? 26 SER A HG   1 
ATOM 430  N N    . ALA A 1 27 ? 0.898   -11.809 3.885   1.00 0.43 ? 27 ALA A N    1 
ATOM 431  C CA   . ALA A 1 27 ? 0.056   -12.148 5.069   1.00 0.46 ? 27 ALA A CA   1 
ATOM 432  C C    . ALA A 1 27 ? -1.273  -11.383 5.008   1.00 0.40 ? 27 ALA A C    1 
ATOM 433  O O    . ALA A 1 27 ? -2.328  -11.941 5.233   1.00 0.39 ? 27 ALA A O    1 
ATOM 434  C CB   . ALA A 1 27 ? 0.812   -11.770 6.350   1.00 0.57 ? 27 ALA A CB   1 
ATOM 435  H H    . ALA A 1 27 ? 1.686   -11.238 3.993   1.00 0.42 ? 27 ALA A H    1 
ATOM 436  H HA   . ALA A 1 27 ? -0.143  -13.209 5.071   1.00 0.51 ? 27 ALA A HA   1 
ATOM 437  H HB1  . ALA A 1 27 ? 1.343   -10.843 6.195   1.00 1.12 ? 27 ALA A HB1  1 
ATOM 438  H HB2  . ALA A 1 27 ? 0.113   -11.652 7.167   1.00 1.12 ? 27 ALA A HB2  1 
ATOM 439  H HB3  . ALA A 1 27 ? 1.517   -12.551 6.594   1.00 1.16 ? 27 ALA A HB3  1 
ATOM 440  N N    . LEU A 1 28 ? -1.233  -10.116 4.707   1.00 0.41 ? 28 LEU A N    1 
ATOM 441  C CA   . LEU A 1 28 ? -2.494  -9.328  4.644   1.00 0.42 ? 28 LEU A CA   1 
ATOM 442  C C    . LEU A 1 28 ? -3.390  -9.886  3.544   1.00 0.36 ? 28 LEU A C    1 
ATOM 443  O O    . LEU A 1 28 ? -4.595  -9.766  3.592   1.00 0.38 ? 28 LEU A O    1 
ATOM 444  C CB   . LEU A 1 28 ? -2.174  -7.861  4.339   1.00 0.50 ? 28 LEU A CB   1 
ATOM 445  C CG   . LEU A 1 28 ? -1.596  -7.193  5.589   1.00 0.76 ? 28 LEU A CG   1 
ATOM 446  C CD1  . LEU A 1 28 ? -0.292  -7.890  5.998   1.00 1.80 ? 28 LEU A CD1  1 
ATOM 447  C CD2  . LEU A 1 28 ? -1.321  -5.712  5.298   1.00 0.76 ? 28 LEU A CD2  1 
ATOM 448  H H    . LEU A 1 28 ? -0.377  -9.684  4.524   1.00 0.44 ? 28 LEU A H    1 
ATOM 449  H HA   . LEU A 1 28 ? -3.004  -9.393  5.590   1.00 0.46 ? 28 LEU A HA   1 
ATOM 450  H HB2  . LEU A 1 28 ? -1.458  -7.803  3.529   1.00 0.81 ? 28 LEU A HB2  1 
ATOM 451  H HB3  . LEU A 1 28 ? -3.080  -7.352  4.053   1.00 0.68 ? 28 LEU A HB3  1 
ATOM 452  H HG   . LEU A 1 28 ? -2.310  -7.276  6.394   1.00 1.59 ? 28 LEU A HG   1 
ATOM 453  H HD11 . LEU A 1 28 ? 0.274   -8.146  5.118   1.00 2.39 ? 28 LEU A HD11 1 
ATOM 454  H HD12 . LEU A 1 28 ? 0.293   -7.232  6.612   1.00 2.25 ? 28 LEU A HD12 1 
ATOM 455  H HD13 . LEU A 1 28 ? -0.519  -8.786  6.555   1.00 2.35 ? 28 LEU A HD13 1 
ATOM 456  H HD21 . LEU A 1 28 ? -2.154  -5.290  4.754   1.00 1.42 ? 28 LEU A HD21 1 
ATOM 457  H HD22 . LEU A 1 28 ? -1.192  -5.180  6.229   1.00 1.40 ? 28 LEU A HD22 1 
ATOM 458  H HD23 . LEU A 1 28 ? -0.422  -5.623  4.706   1.00 1.37 ? 28 LEU A HD23 1 
ATOM 459  N N    . SER A 1 29 ? -2.812  -10.494 2.552   1.00 0.36 ? 29 SER A N    1 
ATOM 460  C CA   . SER A 1 29 ? -3.637  -11.045 1.441   1.00 0.39 ? 29 SER A CA   1 
ATOM 461  C C    . SER A 1 29 ? -4.462  -12.240 1.929   1.00 0.39 ? 29 SER A C    1 
ATOM 462  O O    . SER A 1 29 ? -5.672  -12.256 1.817   1.00 0.43 ? 29 SER A O    1 
ATOM 463  C CB   . SER A 1 29 ? -2.721  -11.497 0.306   1.00 0.45 ? 29 SER A CB   1 
ATOM 464  O OG   . SER A 1 29 ? -2.195  -12.782 0.610   1.00 1.39 ? 29 SER A OG   1 
ATOM 465  H H    . SER A 1 29 ? -1.835  -10.577 2.531   1.00 0.38 ? 29 SER A H    1 
ATOM 466  H HA   . SER A 1 29 ? -4.302  -10.274 1.074   1.00 0.42 ? 29 SER A HA   1 
ATOM 467  H HB2  . SER A 1 29 ? -3.284  -11.551 -0.609  1.00 1.08 ? 29 SER A HB2  1 
ATOM 468  H HB3  . SER A 1 29 ? -1.916  -10.784 0.188   1.00 0.85 ? 29 SER A HB3  1 
ATOM 469  H HG   . SER A 1 29 ? -1.461  -12.951 0.013   1.00 1.81 ? 29 SER A HG   1 
ATOM 470  N N    . ARG A 1 30 ? -3.818  -13.253 2.439   1.00 0.42 ? 30 ARG A N    1 
ATOM 471  C CA   . ARG A 1 30 ? -4.571  -14.449 2.909   1.00 0.49 ? 30 ARG A CA   1 
ATOM 472  C C    . ARG A 1 30 ? -5.366  -14.123 4.177   1.00 0.44 ? 30 ARG A C    1 
ATOM 473  O O    . ARG A 1 30 ? -6.318  -14.800 4.506   1.00 0.47 ? 30 ARG A O    1 
ATOM 474  C CB   . ARG A 1 30 ? -3.599  -15.595 3.185   1.00 0.61 ? 30 ARG A CB   1 
ATOM 475  C CG   . ARG A 1 30 ? -2.584  -15.170 4.253   1.00 0.97 ? 30 ARG A CG   1 
ATOM 476  C CD   . ARG A 1 30 ? -1.466  -16.228 4.384   1.00 1.25 ? 30 ARG A CD   1 
ATOM 477  N NE   . ARG A 1 30 ? -1.210  -16.495 5.824   1.00 1.80 ? 30 ARG A NE   1 
ATOM 478  C CZ   . ARG A 1 30 ? -0.539  -17.556 6.179   1.00 2.32 ? 30 ARG A CZ   1 
ATOM 479  N NH1  . ARG A 1 30 ? -0.089  -18.377 5.270   1.00 2.52 ? 30 ARG A NH1  1 
ATOM 480  N NH2  . ARG A 1 30 ? -0.320  -17.798 7.443   1.00 3.20 ? 30 ARG A NH2  1 
ATOM 481  H H    . ARG A 1 30 ? -2.840  -13.233 2.500   1.00 0.45 ? 30 ARG A H    1 
ATOM 482  H HA   . ARG A 1 30 ? -5.260  -14.748 2.139   1.00 0.54 ? 30 ARG A HA   1 
ATOM 483  H HB2  . ARG A 1 30 ? -4.150  -16.457 3.535   1.00 1.16 ? 30 ARG A HB2  1 
ATOM 484  H HB3  . ARG A 1 30 ? -3.076  -15.850 2.276   1.00 1.16 ? 30 ARG A HB3  1 
ATOM 485  H HG2  . ARG A 1 30 ? -2.154  -14.217 3.975   1.00 1.50 ? 30 ARG A HG2  1 
ATOM 486  H HG3  . ARG A 1 30 ? -3.088  -15.068 5.201   1.00 1.48 ? 30 ARG A HG3  1 
ATOM 487  H HD2  . ARG A 1 30 ? -1.764  -17.150 3.901   1.00 1.66 ? 30 ARG A HD2  1 
ATOM 488  H HD3  . ARG A 1 30 ? -0.558  -15.861 3.924   1.00 1.82 ? 30 ARG A HD3  1 
ATOM 489  H HE   . ARG A 1 30 ? -1.548  -15.878 6.507   1.00 2.31 ? 30 ARG A HE   1 
ATOM 490  H HH11 . ARG A 1 30 ? -0.259  -18.193 4.302   1.00 2.43 ? 30 ARG A HH11 1 
ATOM 491  H HH12 . ARG A 1 30 ? 0.423   -19.192 5.541   1.00 3.15 ? 30 ARG A HH12 1 
ATOM 492  H HH21 . ARG A 1 30 ? -0.667  -17.170 8.140   1.00 3.63 ? 30 ARG A HH21 1 
ATOM 493  H HH22 . ARG A 1 30 ? 0.192   -18.613 7.715   1.00 3.68 ? 30 ARG A HH22 1 
ATOM 494  N N    . GLN A 1 31 ? -4.997  -13.096 4.895   1.00 0.40 ? 31 GLN A N    1 
ATOM 495  C CA   . GLN A 1 31 ? -5.758  -12.758 6.130   1.00 0.42 ? 31 GLN A CA   1 
ATOM 496  C C    . GLN A 1 31 ? -7.183  -12.361 5.735   1.00 0.41 ? 31 GLN A C    1 
ATOM 497  O O    . GLN A 1 31 ? -8.122  -12.568 6.478   1.00 0.46 ? 31 GLN A O    1 
ATOM 498  C CB   . GLN A 1 31 ? -5.068  -11.593 6.857   1.00 0.46 ? 31 GLN A CB   1 
ATOM 499  C CG   . GLN A 1 31 ? -3.957  -12.128 7.772   1.00 0.52 ? 31 GLN A CG   1 
ATOM 500  C CD   . GLN A 1 31 ? -3.165  -10.953 8.351   1.00 0.74 ? 31 GLN A CD   1 
ATOM 501  O OE1  . GLN A 1 31 ? -1.955  -10.917 8.260   1.00 1.41 ? 31 GLN A OE1  1 
ATOM 502  N NE2  . GLN A 1 31 ? -3.803  -9.985  8.951   1.00 1.32 ? 31 GLN A NE2  1 
ATOM 503  H H    . GLN A 1 31 ? -4.229  -12.550 4.623   1.00 0.40 ? 31 GLN A H    1 
ATOM 504  H HA   . GLN A 1 31 ? -5.796  -13.623 6.776   1.00 0.48 ? 31 GLN A HA   1 
ATOM 505  H HB2  . GLN A 1 31 ? -4.642  -10.926 6.128   1.00 0.45 ? 31 GLN A HB2  1 
ATOM 506  H HB3  . GLN A 1 31 ? -5.789  -11.057 7.454   1.00 0.53 ? 31 GLN A HB3  1 
ATOM 507  H HG2  . GLN A 1 31 ? -4.399  -12.697 8.578   1.00 0.70 ? 31 GLN A HG2  1 
ATOM 508  H HG3  . GLN A 1 31 ? -3.294  -12.763 7.203   1.00 0.53 ? 31 GLN A HG3  1 
ATOM 509  H HE21 . GLN A 1 31 ? -4.779  -10.014 9.027   1.00 1.98 ? 31 GLN A HE21 1 
ATOM 510  H HE22 . GLN A 1 31 ? -3.305  -9.229  9.326   1.00 1.46 ? 31 GLN A HE22 1 
ATOM 511  N N    . PHE A 1 32 ? -7.349  -11.803 4.560   1.00 0.37 ? 32 PHE A N    1 
ATOM 512  C CA   . PHE A 1 32 ? -8.711  -11.396 4.089   1.00 0.40 ? 32 PHE A CA   1 
ATOM 513  C C    . PHE A 1 32 ? -9.193  -12.402 3.038   1.00 0.42 ? 32 PHE A C    1 
ATOM 514  O O    . PHE A 1 32 ? -10.378 -12.613 2.873   1.00 0.50 ? 32 PHE A O    1 
ATOM 515  C CB   . PHE A 1 32 ? -8.647  -9.988  3.479   1.00 0.42 ? 32 PHE A CB   1 
ATOM 516  C CG   . PHE A 1 32 ? -8.596  -8.964  4.592   1.00 0.44 ? 32 PHE A CG   1 
ATOM 517  C CD1  . PHE A 1 32 ? -7.361  -8.602  5.164   1.00 0.43 ? 32 PHE A CD1  1 
ATOM 518  C CD2  . PHE A 1 32 ? -9.788  -8.384  5.069   1.00 0.52 ? 32 PHE A CD2  1 
ATOM 519  C CE1  . PHE A 1 32 ? -7.317  -7.663  6.211   1.00 0.50 ? 32 PHE A CE1  1 
ATOM 520  C CE2  . PHE A 1 32 ? -9.744  -7.443  6.115   1.00 0.58 ? 32 PHE A CE2  1 
ATOM 521  C CZ   . PHE A 1 32 ? -8.508  -7.083  6.686   1.00 0.57 ? 32 PHE A CZ   1 
ATOM 522  H H    . PHE A 1 32 ? -6.573  -11.659 3.978   1.00 0.35 ? 32 PHE A H    1 
ATOM 523  H HA   . PHE A 1 32 ? -9.409  -11.395 4.923   1.00 0.45 ? 32 PHE A HA   1 
ATOM 524  H HB2  . PHE A 1 32 ? -7.763  -9.899  2.865   1.00 0.41 ? 32 PHE A HB2  1 
ATOM 525  H HB3  . PHE A 1 32 ? -9.525  -9.816  2.877   1.00 0.47 ? 32 PHE A HB3  1 
ATOM 526  H HD1  . PHE A 1 32 ? -6.449  -9.046  4.799   1.00 0.42 ? 32 PHE A HD1  1 
ATOM 527  H HD2  . PHE A 1 32 ? -10.735 -8.660  4.630   1.00 0.56 ? 32 PHE A HD2  1 
ATOM 528  H HE1  . PHE A 1 32 ? -6.369  -7.387  6.649   1.00 0.53 ? 32 PHE A HE1  1 
ATOM 529  H HE2  . PHE A 1 32 ? -10.657 -6.997  6.479   1.00 0.66 ? 32 PHE A HE2  1 
ATOM 530  H HZ   . PHE A 1 32 ? -8.474  -6.361  7.490   1.00 0.64 ? 32 PHE A HZ   1 
ATOM 531  N N    . GLY A 1 33 ? -8.278  -13.040 2.338   1.00 0.39 ? 33 GLY A N    1 
ATOM 532  C CA   . GLY A 1 33 ? -8.669  -14.058 1.308   1.00 0.46 ? 33 GLY A CA   1 
ATOM 533  C C    . GLY A 1 33 ? -8.080  -13.704 -0.061  1.00 0.39 ? 33 GLY A C    1 
ATOM 534  O O    . GLY A 1 33 ? -7.548  -14.551 -0.750  1.00 0.70 ? 33 GLY A O    1 
ATOM 535  H H    . GLY A 1 33 ? -7.332  -12.861 2.503   1.00 0.36 ? 33 GLY A H    1 
ATOM 536  H HA2  . GLY A 1 33 ? -8.293  -15.026 1.609   1.00 0.58 ? 33 GLY A HA2  1 
ATOM 537  H HA3  . GLY A 1 33 ? -9.743  -14.108 1.225   1.00 0.61 ? 33 GLY A HA3  1 
ATOM 538  N N    . TYR A 1 34 ? -8.183  -12.468 -0.472  1.00 0.36 ? 34 TYR A N    1 
ATOM 539  C CA   . TYR A 1 34 ? -7.647  -12.083 -1.813  1.00 0.36 ? 34 TYR A CA   1 
ATOM 540  C C    . TYR A 1 34 ? -6.251  -12.683 -2.024  1.00 0.53 ? 34 TYR A C    1 
ATOM 541  O O    . TYR A 1 34 ? -5.343  -12.472 -1.246  1.00 1.27 ? 34 TYR A O    1 
ATOM 542  C CB   . TYR A 1 34 ? -7.579  -10.557 -1.927  1.00 0.32 ? 34 TYR A CB   1 
ATOM 543  C CG   . TYR A 1 34 ? -8.875  -9.957  -1.420  1.00 0.34 ? 34 TYR A CG   1 
ATOM 544  C CD1  . TYR A 1 34 ? -10.110 -10.365 -1.968  1.00 0.39 ? 34 TYR A CD1  1 
ATOM 545  C CD2  . TYR A 1 34 ? -8.848  -8.992  -0.395  1.00 0.39 ? 34 TYR A CD2  1 
ATOM 546  C CE1  . TYR A 1 34 ? -11.311 -9.811  -1.488  1.00 0.46 ? 34 TYR A CE1  1 
ATOM 547  C CE2  . TYR A 1 34 ? -10.049 -8.441  0.084   1.00 0.47 ? 34 TYR A CE2  1 
ATOM 548  C CZ   . TYR A 1 34 ? -11.281 -8.849  -0.461  1.00 0.49 ? 34 TYR A CZ   1 
ATOM 549  O OH   . TYR A 1 34 ? -12.459 -8.307  0.010   1.00 0.59 ? 34 TYR A OH   1 
ATOM 550  H H    . TYR A 1 34 ? -8.626  -11.800 0.091   1.00 0.61 ? 34 TYR A H    1 
ATOM 551  H HA   . TYR A 1 34 ? -8.309  -12.464 -2.574  1.00 0.44 ? 34 TYR A HA   1 
ATOM 552  H HB2  . TYR A 1 34 ? -6.751  -10.189 -1.338  1.00 0.32 ? 34 TYR A HB2  1 
ATOM 553  H HB3  . TYR A 1 34 ? -7.438  -10.282 -2.960  1.00 0.32 ? 34 TYR A HB3  1 
ATOM 554  H HD1  . TYR A 1 34 ? -10.138 -11.099 -2.757  1.00 0.40 ? 34 TYR A HD1  1 
ATOM 555  H HD2  . TYR A 1 34 ? -7.906  -8.675  0.026   1.00 0.41 ? 34 TYR A HD2  1 
ATOM 556  H HE1  . TYR A 1 34 ? -12.256 -10.124 -1.906  1.00 0.52 ? 34 TYR A HE1  1 
ATOM 557  H HE2  . TYR A 1 34 ? -10.027 -7.705  0.869   1.00 0.53 ? 34 TYR A HE2  1 
ATOM 558  H HH   . TYR A 1 34 ? -12.885 -7.845  -0.715  1.00 1.05 ? 34 TYR A HH   1 
ATOM 559  N N    . ALA A 1 35 ? -6.089  -13.442 -3.075  1.00 0.36 ? 35 ALA A N    1 
ATOM 560  C CA   . ALA A 1 35 ? -4.767  -14.076 -3.363  1.00 0.32 ? 35 ALA A CA   1 
ATOM 561  C C    . ALA A 1 35 ? -3.647  -13.025 -3.197  1.00 0.26 ? 35 ALA A C    1 
ATOM 562  O O    . ALA A 1 35 ? -3.910  -11.844 -3.286  1.00 0.27 ? 35 ALA A O    1 
ATOM 563  C CB   . ALA A 1 35 ? -4.787  -14.611 -4.810  1.00 0.48 ? 35 ALA A CB   1 
ATOM 564  H H    . ALA A 1 35 ? -6.844  -13.601 -3.677  1.00 0.89 ? 35 ALA A H    1 
ATOM 565  H HA   . ALA A 1 35 ? -4.619  -14.888 -2.676  1.00 0.38 ? 35 ALA A HA   1 
ATOM 566  H HB1  . ALA A 1 35 ? -5.522  -14.060 -5.381  1.00 1.14 ? 35 ALA A HB1  1 
ATOM 567  H HB2  . ALA A 1 35 ? -3.815  -14.490 -5.269  1.00 1.13 ? 35 ALA A HB2  1 
ATOM 568  H HB3  . ALA A 1 35 ? -5.053  -15.658 -4.807  1.00 1.12 ? 35 ALA A HB3  1 
ATOM 569  N N    . PRO A 1 36 ? -2.421  -13.476 -2.974  1.00 0.31 ? 36 PRO A N    1 
ATOM 570  C CA   . PRO A 1 36 ? -1.278  -12.551 -2.819  1.00 0.33 ? 36 PRO A CA   1 
ATOM 571  C C    . PRO A 1 36 ? -1.136  -11.663 -4.067  1.00 0.31 ? 36 PRO A C    1 
ATOM 572  O O    . PRO A 1 36 ? -0.631  -10.560 -3.997  1.00 0.36 ? 36 PRO A O    1 
ATOM 573  C CB   . PRO A 1 36 ? -0.042  -13.468 -2.638  1.00 0.44 ? 36 PRO A CB   1 
ATOM 574  C CG   . PRO A 1 36 ? -0.531  -14.940 -2.760  1.00 0.52 ? 36 PRO A CG   1 
ATOM 575  C CD   . PRO A 1 36 ? -2.072  -14.913 -2.857  1.00 0.44 ? 36 PRO A CD   1 
ATOM 576  H HA   . PRO A 1 36 ? -1.414  -11.937 -1.943  1.00 0.34 ? 36 PRO A HA   1 
ATOM 577  H HB2  . PRO A 1 36 ? 0.701   -13.257 -3.400  1.00 0.44 ? 36 PRO A HB2  1 
ATOM 578  H HB3  . PRO A 1 36 ? 0.393   -13.312 -1.659  1.00 0.50 ? 36 PRO A HB3  1 
ATOM 579  H HG2  . PRO A 1 36 ? -0.110  -15.394 -3.651  1.00 0.58 ? 36 PRO A HG2  1 
ATOM 580  H HG3  . PRO A 1 36 ? -0.228  -15.507 -1.890  1.00 0.62 ? 36 PRO A HG3  1 
ATOM 581  H HD2  . PRO A 1 36 ? -2.407  -15.463 -3.726  1.00 0.48 ? 36 PRO A HD2  1 
ATOM 582  H HD3  . PRO A 1 36 ? -2.508  -15.327 -1.960  1.00 0.47 ? 36 PRO A HD3  1 
ATOM 583  N N    . THR A 1 37 ? -1.565  -12.139 -5.203  1.00 0.32 ? 37 THR A N    1 
ATOM 584  C CA   . THR A 1 37 ? -1.443  -11.323 -6.447  1.00 0.34 ? 37 THR A CA   1 
ATOM 585  C C    . THR A 1 37 ? -2.284  -10.050 -6.317  1.00 0.31 ? 37 THR A C    1 
ATOM 586  O O    . THR A 1 37 ? -1.842  -8.966  -6.638  1.00 0.30 ? 37 THR A O    1 
ATOM 587  C CB   . THR A 1 37 ? -1.940  -12.137 -7.644  1.00 0.41 ? 37 THR A CB   1 
ATOM 588  O OG1  . THR A 1 37 ? -3.327  -12.400 -7.489  1.00 0.46 ? 37 THR A OG1  1 
ATOM 589  C CG2  . THR A 1 37 ? -1.173  -13.458 -7.725  1.00 0.51 ? 37 THR A CG2  1 
ATOM 590  H H    . THR A 1 37 ? -1.961  -13.033 -5.242  1.00 0.35 ? 37 THR A H    1 
ATOM 591  H HA   . THR A 1 37 ? -0.410  -11.053 -6.599  1.00 0.38 ? 37 THR A HA   1 
ATOM 592  H HB   . THR A 1 37 ? -1.779  -11.576 -8.551  1.00 0.46 ? 37 THR A HB   1 
ATOM 593  H HG1  . THR A 1 37 ? -3.461  -13.348 -7.572  1.00 1.03 ? 37 THR A HG1  1 
ATOM 594  H HG21 . THR A 1 37 ? -0.122  -13.276 -7.557  1.00 1.09 ? 37 THR A HG21 1 
ATOM 595  H HG22 . THR A 1 37 ? -1.547  -14.136 -6.973  1.00 1.09 ? 37 THR A HG22 1 
ATOM 596  H HG23 . THR A 1 37 ? -1.311  -13.894 -8.703  1.00 1.25 ? 37 THR A HG23 1 
ATOM 597  N N    . THR A 1 38 ? -3.495  -10.176 -5.852  1.00 0.31 ? 38 THR A N    1 
ATOM 598  C CA   . THR A 1 38 ? -4.373  -8.980  -5.709  1.00 0.31 ? 38 THR A CA   1 
ATOM 599  C C    . THR A 1 38 ? -3.669  -7.911  -4.874  1.00 0.26 ? 38 THR A C    1 
ATOM 600  O O    . THR A 1 38 ? -3.457  -6.799  -5.317  1.00 0.26 ? 38 THR A O    1 
ATOM 601  C CB   . THR A 1 38 ? -5.672  -9.401  -4.999  1.00 0.35 ? 38 THR A CB   1 
ATOM 602  O OG1  . THR A 1 38 ? -6.400  -10.273 -5.849  1.00 0.43 ? 38 THR A OG1  1 
ATOM 603  C CG2  . THR A 1 38 ? -6.551  -8.175  -4.656  1.00 0.33 ? 38 THR A CG2  1 
ATOM 604  H H    . THR A 1 38 ? -3.831  -11.063 -5.602  1.00 0.35 ? 38 THR A H    1 
ATOM 605  H HA   . THR A 1 38 ? -4.608  -8.584  -6.684  1.00 0.34 ? 38 THR A HA   1 
ATOM 606  H HB   . THR A 1 38 ? -5.420  -9.926  -4.088  1.00 0.36 ? 38 THR A HB   1 
ATOM 607  H HG1  . THR A 1 38 ? -5.773  -10.718 -6.425  1.00 0.95 ? 38 THR A HG1  1 
ATOM 608  H HG21 . THR A 1 38 ? -6.142  -7.277  -5.099  1.00 1.06 ? 38 THR A HG21 1 
ATOM 609  H HG22 . THR A 1 38 ? -7.547  -8.339  -5.043  1.00 1.07 ? 38 THR A HG22 1 
ATOM 610  H HG23 . THR A 1 38 ? -6.605  -8.049  -3.580  1.00 1.08 ? 38 THR A HG23 1 
ATOM 611  N N    . LEU A 1 39 ? -3.341  -8.227  -3.659  1.00 0.29 ? 39 LEU A N    1 
ATOM 612  C CA   . LEU A 1 39 ? -2.686  -7.227  -2.776  1.00 0.30 ? 39 LEU A CA   1 
ATOM 613  C C    . LEU A 1 39 ? -1.488  -6.594  -3.505  1.00 0.29 ? 39 LEU A C    1 
ATOM 614  O O    . LEU A 1 39 ? -1.319  -5.391  -3.521  1.00 0.32 ? 39 LEU A O    1 
ATOM 615  C CB   . LEU A 1 39 ? -2.223  -7.952  -1.493  1.00 0.38 ? 39 LEU A CB   1 
ATOM 616  C CG   . LEU A 1 39 ? -2.082  -7.030  -0.220  1.00 0.36 ? 39 LEU A CG   1 
ATOM 617  C CD1  . LEU A 1 39 ? -2.526  -5.575  -0.433  1.00 0.65 ? 39 LEU A CD1  1 
ATOM 618  C CD2  . LEU A 1 39 ? -2.912  -7.613  0.931   1.00 1.26 ? 39 LEU A CD2  1 
ATOM 619  H H    . LEU A 1 39 ? -3.547  -9.122  -3.315  1.00 0.34 ? 39 LEU A H    1 
ATOM 620  H HA   . LEU A 1 39 ? -3.413  -6.477  -2.549  1.00 0.31 ? 39 LEU A HA   1 
ATOM 621  H HB2  . LEU A 1 39 ? -2.934  -8.740  -1.285  1.00 0.67 ? 39 LEU A HB2  1 
ATOM 622  H HB3  . LEU A 1 39 ? -1.265  -8.418  -1.695  1.00 0.68 ? 39 LEU A HB3  1 
ATOM 623  H HG   . LEU A 1 39 ? -1.045  -7.021  0.088   1.00 1.04 ? 39 LEU A HG   1 
ATOM 624  H HD11 . LEU A 1 39 ? -2.053  -5.165  -1.311  1.00 1.31 ? 39 LEU A HD11 1 
ATOM 625  H HD12 . LEU A 1 39 ? -3.603  -5.526  -0.534  1.00 1.25 ? 39 LEU A HD12 1 
ATOM 626  H HD13 . LEU A 1 39 ? -2.230  -4.998  0.429   1.00 1.37 ? 39 LEU A HD13 1 
ATOM 627  H HD21 . LEU A 1 39 ? -3.927  -7.781  0.597   1.00 1.70 ? 39 LEU A HD21 1 
ATOM 628  H HD22 . LEU A 1 39 ? -2.477  -8.547  1.243   1.00 1.94 ? 39 LEU A HD22 1 
ATOM 629  H HD23 . LEU A 1 39 ? -2.916  -6.922  1.761   1.00 1.82 ? 39 LEU A HD23 1 
ATOM 630  N N    . ALA A 1 40 ? -0.650  -7.401  -4.098  1.00 0.34 ? 40 ALA A N    1 
ATOM 631  C CA   . ALA A 1 40 ? 0.541   -6.857  -4.818  1.00 0.40 ? 40 ALA A CA   1 
ATOM 632  C C    . ALA A 1 40 ? 0.082   -5.938  -5.960  1.00 0.36 ? 40 ALA A C    1 
ATOM 633  O O    . ALA A 1 40 ? 0.445   -4.781  -6.025  1.00 0.39 ? 40 ALA A O    1 
ATOM 634  C CB   . ALA A 1 40 ? 1.363   -8.026  -5.386  1.00 0.50 ? 40 ALA A CB   1 
ATOM 635  H H    . ALA A 1 40 ? -0.798  -8.369  -4.065  1.00 0.38 ? 40 ALA A H    1 
ATOM 636  H HA   . ALA A 1 40 ? 1.150   -6.291  -4.128  1.00 0.48 ? 40 ALA A HA   1 
ATOM 637  H HB1  . ALA A 1 40 ? 0.698   -8.829  -5.667  1.00 0.97 ? 40 ALA A HB1  1 
ATOM 638  H HB2  . ALA A 1 40 ? 1.920   -7.700  -6.253  1.00 1.18 ? 40 ALA A HB2  1 
ATOM 639  H HB3  . ALA A 1 40 ? 2.052   -8.381  -4.632  1.00 1.19 ? 40 ALA A HB3  1 
ATOM 640  N N    . ASN A 1 41 ? -0.709  -6.455  -6.860  1.00 0.37 ? 41 ASN A N    1 
ATOM 641  C CA   . ASN A 1 41 ? -1.194  -5.638  -8.012  1.00 0.43 ? 41 ASN A CA   1 
ATOM 642  C C    . ASN A 1 41 ? -1.903  -4.377  -7.494  1.00 0.37 ? 41 ASN A C    1 
ATOM 643  O O    . ASN A 1 41 ? -2.192  -3.469  -8.247  1.00 0.43 ? 41 ASN A O    1 
ATOM 644  C CB   . ASN A 1 41 ? -2.179  -6.497  -8.851  1.00 0.56 ? 41 ASN A CB   1 
ATOM 645  C CG   . ASN A 1 41 ? -1.559  -6.918  -10.195 1.00 1.18 ? 41 ASN A CG   1 
ATOM 646  O OD1  . ASN A 1 41 ? -0.372  -6.772  -10.414 1.00 1.83 ? 41 ASN A OD1  1 
ATOM 647  N ND2  . ASN A 1 41 ? -2.326  -7.443  -11.110 1.00 2.09 ? 41 ASN A ND2  1 
ATOM 648  H H    . ASN A 1 41 ? -0.980  -7.393  -6.783  1.00 0.41 ? 41 ASN A H    1 
ATOM 649  H HA   . ASN A 1 41 ? -0.349  -5.341  -8.618  1.00 0.51 ? 41 ASN A HA   1 
ATOM 650  H HB2  . ASN A 1 41 ? -2.430  -7.388  -8.293  1.00 1.20 ? 41 ASN A HB2  1 
ATOM 651  H HB3  . ASN A 1 41 ? -3.088  -5.940  -9.046  1.00 1.05 ? 41 ASN A HB3  1 
ATOM 652  H HD21 . ASN A 1 41 ? -3.283  -7.566  -10.935 1.00 2.46 ? 41 ASN A HD21 1 
ATOM 653  H HD22 . ASN A 1 41 ? -1.948  -7.715  -11.972 1.00 2.75 ? 41 ASN A HD22 1 
ATOM 654  N N    . ALA A 1 42 ? -2.199  -4.316  -6.226  1.00 0.32 ? 42 ALA A N    1 
ATOM 655  C CA   . ALA A 1 42 ? -2.904  -3.117  -5.688  1.00 0.35 ? 42 ALA A CA   1 
ATOM 656  C C    . ALA A 1 42 ? -1.949  -1.914  -5.652  1.00 0.41 ? 42 ALA A C    1 
ATOM 657  O O    . ALA A 1 42 ? -2.297  -0.854  -5.170  1.00 0.59 ? 42 ALA A O    1 
ATOM 658  C CB   . ALA A 1 42 ? -3.425  -3.429  -4.270  1.00 0.43 ? 42 ALA A CB   1 
ATOM 659  H H    . ALA A 1 42 ? -1.970  -5.061  -5.632  1.00 0.33 ? 42 ALA A H    1 
ATOM 660  H HA   . ALA A 1 42 ? -3.734  -2.884  -6.333  1.00 0.38 ? 42 ALA A HA   1 
ATOM 661  H HB1  . ALA A 1 42 ? -3.517  -4.500  -4.152  1.00 1.13 ? 42 ALA A HB1  1 
ATOM 662  H HB2  . ALA A 1 42 ? -2.737  -3.048  -3.527  1.00 1.10 ? 42 ALA A HB2  1 
ATOM 663  H HB3  . ALA A 1 42 ? -4.394  -2.970  -4.128  1.00 1.07 ? 42 ALA A HB3  1 
ATOM 664  N N    . LEU A 1 43 ? -0.749  -2.072  -6.141  1.00 0.35 ? 43 LEU A N    1 
ATOM 665  C CA   . LEU A 1 43 ? 0.222   -0.936  -6.121  1.00 0.46 ? 43 LEU A CA   1 
ATOM 666  C C    . LEU A 1 43 ? 0.052   -0.068  -7.374  1.00 0.64 ? 43 LEU A C    1 
ATOM 667  O O    . LEU A 1 43 ? 0.275   1.127   -7.337  1.00 0.92 ? 43 LEU A O    1 
ATOM 668  C CB   . LEU A 1 43 ? 1.647   -1.492  -6.076  1.00 0.42 ? 43 LEU A CB   1 
ATOM 669  C CG   . LEU A 1 43 ? 1.872   -2.224  -4.742  1.00 0.42 ? 43 LEU A CG   1 
ATOM 670  C CD1  . LEU A 1 43 ? 3.131   -3.093  -4.857  1.00 0.49 ? 43 LEU A CD1  1 
ATOM 671  C CD2  . LEU A 1 43 ? 2.021   -1.206  -3.569  1.00 0.59 ? 43 LEU A CD2  1 
ATOM 672  H H    . LEU A 1 43 ? -0.483  -2.938  -6.516  1.00 0.33 ? 43 LEU A H    1 
ATOM 673  H HA   . LEU A 1 43 ? 0.048   -0.331  -5.245  1.00 0.57 ? 43 LEU A HA   1 
ATOM 674  H HB2  . LEU A 1 43 ? 1.784   -2.186  -6.895  1.00 0.44 ? 43 LEU A HB2  1 
ATOM 675  H HB3  . LEU A 1 43 ? 2.356   -0.682  -6.168  1.00 0.49 ? 43 LEU A HB3  1 
ATOM 676  H HG   . LEU A 1 43 ? 1.023   -2.871  -4.556  1.00 0.45 ? 43 LEU A HG   1 
ATOM 677  H HD11 . LEU A 1 43 ? 3.974   -2.472  -5.122  1.00 1.11 ? 43 LEU A HD11 1 
ATOM 678  H HD12 . LEU A 1 43 ? 3.323   -3.576  -3.910  1.00 1.10 ? 43 LEU A HD12 1 
ATOM 679  H HD13 . LEU A 1 43 ? 2.982   -3.844  -5.619  1.00 1.18 ? 43 LEU A HD13 1 
ATOM 680  H HD21 . LEU A 1 43 ? 1.975   -0.191  -3.939  1.00 1.22 ? 43 LEU A HD21 1 
ATOM 681  H HD22 . LEU A 1 43 ? 1.220   -1.355  -2.856  1.00 1.15 ? 43 LEU A HD22 1 
ATOM 682  H HD23 . LEU A 1 43 ? 2.967   -1.351  -3.065  1.00 1.17 ? 43 LEU A HD23 1 
ATOM 683  N N    . GLU A 1 44 ? -0.330  -0.658  -8.483  1.00 0.59 ? 44 GLU A N    1 
ATOM 684  C CA   . GLU A 1 44 ? -0.504  0.130   -9.752  1.00 0.84 ? 44 GLU A CA   1 
ATOM 685  C C    . GLU A 1 44 ? -1.891  -0.151  -10.355 1.00 0.62 ? 44 GLU A C    1 
ATOM 686  O O    . GLU A 1 44 ? -2.299  0.493   -11.302 1.00 0.57 ? 44 GLU A O    1 
ATOM 687  C CB   . GLU A 1 44 ? 0.608   -0.259  -10.773 1.00 1.16 ? 44 GLU A CB   1 
ATOM 688  C CG   . GLU A 1 44 ? 1.348   -1.522  -10.309 1.00 1.30 ? 44 GLU A CG   1 
ATOM 689  C CD   . GLU A 1 44 ? 2.163   -2.099  -11.471 1.00 1.91 ? 44 GLU A CD   1 
ATOM 690  O OE1  . GLU A 1 44 ? 2.326   -1.401  -12.457 1.00 2.40 ? 44 GLU A OE1  1 
ATOM 691  O OE2  . GLU A 1 44 ? 2.608   -3.228  -11.353 1.00 2.56 ? 44 GLU A OE2  1 
ATOM 692  H H    . GLU A 1 44 ? -0.494  -1.624  -8.487  1.00 0.50 ? 44 GLU A H    1 
ATOM 693  H HA   . GLU A 1 44 ? -0.432  1.188   -9.536  1.00 1.10 ? 44 GLU A HA   1 
ATOM 694  H HB2  . GLU A 1 44 ? 0.172   -0.443  -11.747 1.00 1.70 ? 44 GLU A HB2  1 
ATOM 695  H HB3  . GLU A 1 44 ? 1.320   0.552   -10.859 1.00 1.67 ? 44 GLU A HB3  1 
ATOM 696  H HG2  . GLU A 1 44 ? 2.014   -1.269  -9.496  1.00 1.69 ? 44 GLU A HG2  1 
ATOM 697  H HG3  . GLU A 1 44 ? 0.634   -2.259  -9.976  1.00 1.71 ? 44 GLU A HG3  1 
ATOM 698  N N    . ARG A 1 45 ? -2.609  -1.114  -9.841  1.00 0.63 ? 45 ARG A N    1 
ATOM 699  C CA   . ARG A 1 45 ? -3.952  -1.422  -10.422 1.00 0.55 ? 45 ARG A CA   1 
ATOM 700  C C    . ARG A 1 45 ? -5.022  -0.449  -9.907  1.00 0.46 ? 45 ARG A C    1 
ATOM 701  O O    . ARG A 1 45 ? -4.908  0.123   -8.840  1.00 0.54 ? 45 ARG A O    1 
ATOM 702  C CB   . ARG A 1 45 ? -4.360  -2.861  -10.071 1.00 0.73 ? 45 ARG A CB   1 
ATOM 703  C CG   . ARG A 1 45 ? -5.789  -3.138  -10.602 1.00 1.11 ? 45 ARG A CG   1 
ATOM 704  C CD   . ARG A 1 45 ? -5.992  -4.626  -10.987 1.00 1.54 ? 45 ARG A CD   1 
ATOM 705  N NE   . ARG A 1 45 ? -6.284  -4.686  -12.451 1.00 2.36 ? 45 ARG A NE   1 
ATOM 706  C CZ   . ARG A 1 45 ? -6.328  -5.829  -13.075 1.00 3.01 ? 45 ARG A CZ   1 
ATOM 707  N NH1  . ARG A 1 45 ? -6.151  -6.942  -12.417 1.00 3.13 ? 45 ARG A NH1  1 
ATOM 708  N NH2  . ARG A 1 45 ? -6.557  -5.857  -14.359 1.00 4.00 ? 45 ARG A NH2  1 
ATOM 709  H H    . ARG A 1 45 ? -2.264  -1.638  -9.088  1.00 0.78 ? 45 ARG A H    1 
ATOM 710  H HA   . ARG A 1 45 ? -3.895  -1.332  -11.496 1.00 0.60 ? 45 ARG A HA   1 
ATOM 711  H HB2  . ARG A 1 45 ? -3.654  -3.542  -10.523 1.00 1.20 ? 45 ARG A HB2  1 
ATOM 712  H HB3  . ARG A 1 45 ? -4.347  -2.985  -8.997  1.00 1.30 ? 45 ARG A HB3  1 
ATOM 713  H HG2  . ARG A 1 45 ? -6.506  -2.865  -9.841  1.00 1.76 ? 45 ARG A HG2  1 
ATOM 714  H HG3  . ARG A 1 45 ? -5.968  -2.531  -11.479 1.00 1.70 ? 45 ARG A HG3  1 
ATOM 715  H HD2  . ARG A 1 45 ? -5.111  -5.208  -10.777 1.00 1.96 ? 45 ARG A HD2  1 
ATOM 716  H HD3  . ARG A 1 45 ? -6.826  -5.037  -10.431 1.00 1.95 ? 45 ARG A HD3  1 
ATOM 717  H HE   . ARG A 1 45 ? -6.432  -3.856  -12.951 1.00 2.83 ? 45 ARG A HE   1 
ATOM 718  H HH11 . ARG A 1 45 ? -5.983  -6.919  -11.433 1.00 2.82 ? 45 ARG A HH11 1 
ATOM 719  H HH12 . ARG A 1 45 ? -6.186  -7.817  -12.900 1.00 3.87 ? 45 ARG A HH12 1 
ATOM 720  H HH21 . ARG A 1 45 ? -6.698  -5.003  -14.861 1.00 4.36 ? 45 ARG A HH21 1 
ATOM 721  H HH22 . ARG A 1 45 ? -6.592  -6.732  -14.843 1.00 4.58 ? 45 ARG A HH22 1 
ATOM 722  N N    . HIS A 1 46 ? -6.072  -0.285  -10.672 1.00 0.48 ? 46 HIS A N    1 
ATOM 723  C CA   . HIS A 1 46 ? -7.195  0.620   -10.281 1.00 0.56 ? 46 HIS A CA   1 
ATOM 724  C C    . HIS A 1 46 ? -7.996  -0.045  -9.143  1.00 0.47 ? 46 HIS A C    1 
ATOM 725  O O    . HIS A 1 46 ? -8.948  -0.761  -9.379  1.00 0.49 ? 46 HIS A O    1 
ATOM 726  C CB   . HIS A 1 46 ? -8.097  0.824   -11.535 1.00 0.77 ? 46 HIS A CB   1 
ATOM 727  C CG   . HIS A 1 46 ? -8.299  2.286   -11.837 1.00 1.54 ? 46 HIS A CG   1 
ATOM 728  N ND1  . HIS A 1 46 ? -7.248  3.188   -11.880 1.00 2.49 ? 46 HIS A ND1  1 
ATOM 729  C CD2  . HIS A 1 46 ? -9.427  3.010   -12.133 1.00 2.49 ? 46 HIS A CD2  1 
ATOM 730  C CE1  . HIS A 1 46 ? -7.761  4.392   -12.193 1.00 3.46 ? 46 HIS A CE1  1 
ATOM 731  N NE2  . HIS A 1 46 ? -9.086  4.339   -12.357 1.00 3.50 ? 46 HIS A NE2  1 
ATOM 732  H H    . HIS A 1 46 ? -6.128  -0.775  -11.516 1.00 0.57 ? 46 HIS A H    1 
ATOM 733  H HA   . HIS A 1 46 ? -6.800  1.570   -9.942  1.00 0.62 ? 46 HIS A HA   1 
ATOM 734  H HB2  . HIS A 1 46 ? -7.622  0.360   -12.388 1.00 1.49 ? 46 HIS A HB2  1 
ATOM 735  H HB3  . HIS A 1 46 ? -9.064  0.360   -11.385 1.00 1.17 ? 46 HIS A HB3  1 
ATOM 736  H HD1  . HIS A 1 46 ? -6.304  2.986   -11.713 1.00 2.81 ? 46 HIS A HD1  1 
ATOM 737  H HD2  . HIS A 1 46 ? -10.428 2.606   -12.188 1.00 2.86 ? 46 HIS A HD2  1 
ATOM 738  H HE1  . HIS A 1 46 ? -7.173  5.291   -12.303 1.00 4.40 ? 46 HIS A HE1  1 
ATOM 739  N N    . TRP A 1 47 ? -7.624  0.178   -7.913  1.00 0.41 ? 47 TRP A N    1 
ATOM 740  C CA   . TRP A 1 47 ? -8.385  -0.454  -6.798  1.00 0.34 ? 47 TRP A CA   1 
ATOM 741  C C    . TRP A 1 47 ? -7.981  0.201   -5.466  1.00 0.30 ? 47 TRP A C    1 
ATOM 742  O O    . TRP A 1 47 ? -7.265  -0.390  -4.684  1.00 0.28 ? 47 TRP A O    1 
ATOM 743  C CB   . TRP A 1 47 ? -8.074  -1.958  -6.768  1.00 0.34 ? 47 TRP A CB   1 
ATOM 744  C CG   . TRP A 1 47 ? -8.957  -2.660  -5.778  1.00 0.30 ? 47 TRP A CG   1 
ATOM 745  C CD1  . TRP A 1 47 ? -10.300 -2.497  -5.657  1.00 0.32 ? 47 TRP A CD1  1 
ATOM 746  C CD2  . TRP A 1 47 ? -8.579  -3.650  -4.778  1.00 0.29 ? 47 TRP A CD2  1 
ATOM 747  N NE1  . TRP A 1 47 ? -10.760 -3.302  -4.633  1.00 0.32 ? 47 TRP A NE1  1 
ATOM 748  C CE2  . TRP A 1 47 ? -9.744  -4.034  -4.061  1.00 0.31 ? 47 TRP A CE2  1 
ATOM 749  C CE3  . TRP A 1 47 ? -7.347  -4.243  -4.417  1.00 0.29 ? 47 TRP A CE3  1 
ATOM 750  C CZ2  . TRP A 1 47 ? -9.690  -4.973  -3.023  1.00 0.34 ? 47 TRP A CZ2  1 
ATOM 751  C CZ3  . TRP A 1 47 ? -7.290  -5.192  -3.374  1.00 0.32 ? 47 TRP A CZ3  1 
ATOM 752  C CH2  . TRP A 1 47 ? -8.460  -5.554  -2.678  1.00 0.35 ? 47 TRP A CH2  1 
ATOM 753  H H    . TRP A 1 47 ? -6.854  0.755   -7.725  1.00 0.42 ? 47 TRP A H    1 
ATOM 754  H HA   . TRP A 1 47 ? -9.437  -0.311  -6.969  1.00 0.34 ? 47 TRP A HA   1 
ATOM 755  H HB2  . TRP A 1 47 ? -8.238  -2.375  -7.749  1.00 0.39 ? 47 TRP A HB2  1 
ATOM 756  H HB3  . TRP A 1 47 ? -7.039  -2.102  -6.488  1.00 0.35 ? 47 TRP A HB3  1 
ATOM 757  H HD1  . TRP A 1 47 ? -10.915 -1.840  -6.252  1.00 0.34 ? 47 TRP A HD1  1 
ATOM 758  H HE1  . TRP A 1 47 ? -11.691 -3.362  -4.338  1.00 0.35 ? 47 TRP A HE1  1 
ATOM 759  H HE3  . TRP A 1 47 ? -6.446  -3.970  -4.945  1.00 0.30 ? 47 TRP A HE3  1 
ATOM 760  H HZ2  . TRP A 1 47 ? -10.590 -5.249  -2.492  1.00 0.38 ? 47 TRP A HZ2  1 
ATOM 761  H HZ3  . TRP A 1 47 ? -6.345  -5.640  -3.107  1.00 0.34 ? 47 TRP A HZ3  1 
ATOM 762  H HH2  . TRP A 1 47 ? -8.413  -6.284  -1.883  1.00 0.39 ? 47 TRP A HH2  1 
ATOM 763  N N    . PRO A 1 48 ? -8.432  1.424   -5.255  1.00 0.31 ? 48 PRO A N    1 
ATOM 764  C CA   . PRO A 1 48 ? -8.107  2.177   -4.023  1.00 0.31 ? 48 PRO A CA   1 
ATOM 765  C C    . PRO A 1 48 ? -8.531  1.397   -2.760  1.00 0.27 ? 48 PRO A C    1 
ATOM 766  O O    . PRO A 1 48 ? -8.059  1.663   -1.669  1.00 0.29 ? 48 PRO A O    1 
ATOM 767  C CB   . PRO A 1 48 ? -8.884  3.509   -4.161  1.00 0.36 ? 48 PRO A CB   1 
ATOM 768  C CG   . PRO A 1 48 ? -9.430  3.574   -5.615  1.00 0.38 ? 48 PRO A CG   1 
ATOM 769  C CD   . PRO A 1 48 ? -9.279  2.165   -6.223  1.00 0.35 ? 48 PRO A CD   1 
ATOM 770  H HA   . PRO A 1 48 ? -7.051  2.378   -3.993  1.00 0.34 ? 48 PRO A HA   1 
ATOM 771  H HB2  . PRO A 1 48 ? -9.707  3.538   -3.456  1.00 0.37 ? 48 PRO A HB2  1 
ATOM 772  H HB3  . PRO A 1 48 ? -8.223  4.348   -3.983  1.00 0.42 ? 48 PRO A HB3  1 
ATOM 773  H HG2  . PRO A 1 48 ? -10.473 3.871   -5.607  1.00 0.39 ? 48 PRO A HG2  1 
ATOM 774  H HG3  . PRO A 1 48 ? -8.852  4.283   -6.197  1.00 0.42 ? 48 PRO A HG3  1 
ATOM 775  H HD2  . PRO A 1 48 ? -10.252 1.696   -6.313  1.00 0.34 ? 48 PRO A HD2  1 
ATOM 776  H HD3  . PRO A 1 48 ? -8.788  2.212   -7.191  1.00 0.38 ? 48 PRO A HD3  1 
ATOM 777  N N    . LYS A 1 49 ? -9.410  0.441   -2.891  1.00 0.25 ? 49 LYS A N    1 
ATOM 778  C CA   . LYS A 1 49 ? -9.849  -0.330  -1.689  1.00 0.25 ? 49 LYS A CA   1 
ATOM 779  C C    . LYS A 1 49 ? -8.722  -1.265  -1.225  1.00 0.23 ? 49 LYS A C    1 
ATOM 780  O O    . LYS A 1 49 ? -8.668  -1.660  -0.075  1.00 0.24 ? 49 LYS A O    1 
ATOM 781  C CB   . LYS A 1 49 ? -11.100 -1.150  -2.034  1.00 0.28 ? 49 LYS A CB   1 
ATOM 782  C CG   . LYS A 1 49 ? -11.774 -1.667  -0.746  1.00 0.43 ? 49 LYS A CG   1 
ATOM 783  C CD   . LYS A 1 49 ? -12.770 -0.629  -0.215  1.00 1.09 ? 49 LYS A CD   1 
ATOM 784  C CE   . LYS A 1 49 ? -13.367 -1.121  1.106   1.00 1.33 ? 49 LYS A CE   1 
ATOM 785  N NZ   . LYS A 1 49 ? -13.680 -2.576  1.001   1.00 2.24 ? 49 LYS A NZ   1 
ATOM 786  H H    . LYS A 1 49 ? -9.785  0.233   -3.773  1.00 0.26 ? 49 LYS A H    1 
ATOM 787  H HA   . LYS A 1 49 ? -10.085 0.361   -0.895  1.00 0.27 ? 49 LYS A HA   1 
ATOM 788  H HB2  . LYS A 1 49 ? -11.794 -0.528  -2.584  1.00 0.39 ? 49 LYS A HB2  1 
ATOM 789  H HB3  . LYS A 1 49 ? -10.815 -1.989  -2.646  1.00 0.33 ? 49 LYS A HB3  1 
ATOM 790  H HG2  . LYS A 1 49 ? -12.301 -2.586  -0.964  1.00 0.82 ? 49 LYS A HG2  1 
ATOM 791  H HG3  . LYS A 1 49 ? -11.023 -1.860  0.007   1.00 0.93 ? 49 LYS A HG3  1 
ATOM 792  H HD2  . LYS A 1 49 ? -12.262 0.310   -0.052  1.00 1.79 ? 49 LYS A HD2  1 
ATOM 793  H HD3  . LYS A 1 49 ? -13.563 -0.489  -0.935  1.00 1.69 ? 49 LYS A HD3  1 
ATOM 794  H HE2  . LYS A 1 49 ? -12.657 -0.963  1.903   1.00 1.52 ? 49 LYS A HE2  1 
ATOM 795  H HE3  . LYS A 1 49 ? -14.274 -0.573  1.317   1.00 1.72 ? 49 LYS A HE3  1 
ATOM 796  H HZ1  . LYS A 1 49 ? -13.967 -2.800  0.027   1.00 2.72 ? 49 LYS A HZ1  1 
ATOM 797  H HZ2  . LYS A 1 49 ? -12.837 -3.131  1.246   1.00 2.60 ? 49 LYS A HZ2  1 
ATOM 798  H HZ3  . LYS A 1 49 ? -14.454 -2.812  1.654   1.00 2.72 ? 49 LYS A HZ3  1 
ATOM 799  N N    . GLY A 1 50 ? -7.813  -1.611  -2.097  1.00 0.22 ? 50 GLY A N    1 
ATOM 800  C CA   . GLY A 1 50 ? -6.691  -2.509  -1.686  1.00 0.23 ? 50 GLY A CA   1 
ATOM 801  C C    . GLY A 1 50 ? -5.730  -1.737  -0.781  1.00 0.21 ? 50 GLY A C    1 
ATOM 802  O O    . GLY A 1 50 ? -5.130  -2.291  0.122   1.00 0.21 ? 50 GLY A O    1 
ATOM 803  H H    . GLY A 1 50 ? -7.862  -1.276  -3.016  1.00 0.24 ? 50 GLY A H    1 
ATOM 804  H HA2  . GLY A 1 50 ? -7.085  -3.362  -1.149  1.00 0.24 ? 50 GLY A HA2  1 
ATOM 805  H HA3  . GLY A 1 50 ? -6.158  -2.849  -2.562  1.00 0.25 ? 50 GLY A HA3  1 
ATOM 806  N N    . GLU A 1 51 ? -5.576  -0.462  -1.009  1.00 0.21 ? 51 GLU A N    1 
ATOM 807  C CA   . GLU A 1 51 ? -4.657  0.330   -0.152  1.00 0.22 ? 51 GLU A CA   1 
ATOM 808  C C    . GLU A 1 51 ? -5.293  0.477   1.229   1.00 0.19 ? 51 GLU A C    1 
ATOM 809  O O    . GLU A 1 51 ? -4.613  0.555   2.233   1.00 0.19 ? 51 GLU A O    1 
ATOM 810  C CB   . GLU A 1 51 ? -4.419  1.707   -0.788  1.00 0.25 ? 51 GLU A CB   1 
ATOM 811  C CG   . GLU A 1 51 ? -4.262  1.557   -2.322  1.00 0.29 ? 51 GLU A CG   1 
ATOM 812  C CD   . GLU A 1 51 ? -3.181  2.507   -2.849  1.00 1.11 ? 51 GLU A CD   1 
ATOM 813  O OE1  . GLU A 1 51 ? -2.936  3.512   -2.203  1.00 2.05 ? 51 GLU A OE1  1 
ATOM 814  O OE2  . GLU A 1 51 ? -2.615  2.207   -3.889  1.00 1.66 ? 51 GLU A OE2  1 
ATOM 815  H H    . GLU A 1 51 ? -6.065  -0.026  -1.739  1.00 0.22 ? 51 GLU A H    1 
ATOM 816  H HA   . GLU A 1 51 ? -3.714  -0.191  -0.060  1.00 0.24 ? 51 GLU A HA   1 
ATOM 817  H HB2  . GLU A 1 51 ? -5.260  2.353   -0.568  1.00 0.33 ? 51 GLU A HB2  1 
ATOM 818  H HB3  . GLU A 1 51 ? -3.523  2.135   -0.369  1.00 0.32 ? 51 GLU A HB3  1 
ATOM 819  H HG2  . GLU A 1 51 ? -3.987  0.541   -2.571  1.00 0.98 ? 51 GLU A HG2  1 
ATOM 820  H HG3  . GLU A 1 51 ? -5.198  1.792   -2.799  1.00 1.05 ? 51 GLU A HG3  1 
ATOM 821  N N    . GLN A 1 52 ? -6.599  0.485   1.292   1.00 0.21 ? 52 GLN A N    1 
ATOM 822  C CA   . GLN A 1 52 ? -7.270  0.594   2.616   1.00 0.22 ? 52 GLN A CA   1 
ATOM 823  C C    . GLN A 1 52 ? -6.825  -0.593  3.470   1.00 0.21 ? 52 GLN A C    1 
ATOM 824  O O    . GLN A 1 52 ? -6.473  -0.445  4.619   1.00 0.21 ? 52 GLN A O    1 
ATOM 825  C CB   . GLN A 1 52 ? -8.794  0.544   2.435   1.00 0.28 ? 52 GLN A CB   1 
ATOM 826  C CG   . GLN A 1 52 ? -9.313  1.865   1.808   1.00 0.61 ? 52 GLN A CG   1 
ATOM 827  C CD   . GLN A 1 52 ? -9.963  2.752   2.878   1.00 1.34 ? 52 GLN A CD   1 
ATOM 828  O OE1  . GLN A 1 52 ? -9.471  2.856   3.984   1.00 2.02 ? 52 GLN A OE1  1 
ATOM 829  N NE2  . GLN A 1 52 ? -11.059 3.399   2.587   1.00 2.14 ? 52 GLN A NE2  1 
ATOM 830  H H    . GLN A 1 52 ? -7.135  0.404   0.471   1.00 0.23 ? 52 GLN A H    1 
ATOM 831  H HA   . GLN A 1 52 ? -6.987  1.520   3.097   1.00 0.22 ? 52 GLN A HA   1 
ATOM 832  H HB2  . GLN A 1 52 ? -9.040  -0.285  1.786   1.00 0.68 ? 52 GLN A HB2  1 
ATOM 833  H HB3  . GLN A 1 52 ? -9.259  0.387   3.397   1.00 0.62 ? 52 GLN A HB3  1 
ATOM 834  H HG2  . GLN A 1 52 ? -8.495  2.405   1.350   1.00 1.19 ? 52 GLN A HG2  1 
ATOM 835  H HG3  . GLN A 1 52 ? -10.049 1.637   1.052   1.00 1.20 ? 52 GLN A HG3  1 
ATOM 836  H HE21 . GLN A 1 52 ? -11.455 3.313   1.695   1.00 2.46 ? 52 GLN A HE21 1 
ATOM 837  H HE22 . GLN A 1 52 ? -11.486 3.968   3.261   1.00 2.79 ? 52 GLN A HE22 1 
ATOM 838  N N    . ILE A 1 53 ? -6.819  -1.770  2.902   1.00 0.21 ? 53 ILE A N    1 
ATOM 839  C CA   . ILE A 1 53 ? -6.383  -2.970  3.672   1.00 0.23 ? 53 ILE A CA   1 
ATOM 840  C C    . ILE A 1 53 ? -5.008  -2.697  4.289   1.00 0.21 ? 53 ILE A C    1 
ATOM 841  O O    . ILE A 1 53 ? -4.778  -2.930  5.462   1.00 0.23 ? 53 ILE A O    1 
ATOM 842  C CB   . ILE A 1 53 ? -6.282  -4.168  2.715   1.00 0.26 ? 53 ILE A CB   1 
ATOM 843  C CG1  . ILE A 1 53 ? -7.674  -4.482  2.140   1.00 0.30 ? 53 ILE A CG1  1 
ATOM 844  C CG2  . ILE A 1 53 ? -5.747  -5.392  3.464   1.00 0.30 ? 53 ILE A CG2  1 
ATOM 845  C CD1  . ILE A 1 53 ? -7.578  -5.554  1.029   1.00 0.31 ? 53 ILE A CD1  1 
ATOM 846  H H    . ILE A 1 53 ? -7.095  -1.862  1.964   1.00 0.22 ? 53 ILE A H    1 
ATOM 847  H HA   . ILE A 1 53 ? -7.101  -3.188  4.449   1.00 0.26 ? 53 ILE A HA   1 
ATOM 848  H HB   . ILE A 1 53 ? -5.606  -3.920  1.910   1.00 0.30 ? 53 ILE A HB   1 
ATOM 849  H HG12 . ILE A 1 53 ? -8.311  -4.844  2.937   1.00 0.33 ? 53 ILE A HG12 1 
ATOM 850  H HG13 . ILE A 1 53 ? -8.098  -3.576  1.730   1.00 0.39 ? 53 ILE A HG13 1 
ATOM 851  H HG21 . ILE A 1 53 ? -6.271  -5.496  4.402   1.00 1.07 ? 53 ILE A HG21 1 
ATOM 852  H HG22 . ILE A 1 53 ? -5.901  -6.277  2.864   1.00 1.03 ? 53 ILE A HG22 1 
ATOM 853  H HG23 . ILE A 1 53 ? -4.692  -5.264  3.653   1.00 1.07 ? 53 ILE A HG23 1 
ATOM 854  H HD11 . ILE A 1 53 ? -6.587  -5.558  0.597   1.00 1.05 ? 53 ILE A HD11 1 
ATOM 855  H HD12 . ILE A 1 53 ? -7.788  -6.530  1.445   1.00 1.10 ? 53 ILE A HD12 1 
ATOM 856  H HD13 . ILE A 1 53 ? -8.301  -5.338  0.255   1.00 1.04 ? 53 ILE A HD13 1 
ATOM 857  N N    . ILE A 1 54 ? -4.090  -2.206  3.503   1.00 0.18 ? 54 ILE A N    1 
ATOM 858  C CA   . ILE A 1 54 ? -2.720  -1.925  4.025   1.00 0.18 ? 54 ILE A CA   1 
ATOM 859  C C    . ILE A 1 54 ? -2.745  -0.786  5.050   1.00 0.18 ? 54 ILE A C    1 
ATOM 860  O O    . ILE A 1 54 ? -2.277  -0.931  6.161   1.00 0.20 ? 54 ILE A O    1 
ATOM 861  C CB   . ILE A 1 54 ? -1.819  -1.532  2.854   1.00 0.21 ? 54 ILE A CB   1 
ATOM 862  C CG1  . ILE A 1 54 ? -1.673  -2.742  1.929   1.00 0.24 ? 54 ILE A CG1  1 
ATOM 863  C CG2  . ILE A 1 54 ? -0.446  -1.113  3.381   1.00 0.26 ? 54 ILE A CG2  1 
ATOM 864  C CD1  . ILE A 1 54 ? -0.907  -2.359  0.645   1.00 0.31 ? 54 ILE A CD1  1 
ATOM 865  H H    . ILE A 1 54 ? -4.300  -2.031  2.559   1.00 0.18 ? 54 ILE A H    1 
ATOM 866  H HA   . ILE A 1 54 ? -2.323  -2.818  4.490   1.00 0.21 ? 54 ILE A HA   1 
ATOM 867  H HB   . ILE A 1 54 ? -2.267  -0.711  2.314   1.00 0.21 ? 54 ILE A HB   1 
ATOM 868  H HG12 . ILE A 1 54 ? -1.135  -3.524  2.456   1.00 0.27 ? 54 ILE A HG12 1 
ATOM 869  H HG13 . ILE A 1 54 ? -2.659  -3.099  1.668   1.00 0.25 ? 54 ILE A HG13 1 
ATOM 870  H HG21 . ILE A 1 54 ? -0.103  -1.841  4.099   1.00 0.98 ? 54 ILE A HG21 1 
ATOM 871  H HG22 . ILE A 1 54 ? 0.257   -1.056  2.562   1.00 1.04 ? 54 ILE A HG22 1 
ATOM 872  H HG23 . ILE A 1 54 ? -0.521  -0.147  3.856   1.00 1.04 ? 54 ILE A HG23 1 
ATOM 873  H HD11 . ILE A 1 54 ? -1.054  -1.310  0.425   1.00 1.08 ? 54 ILE A HD11 1 
ATOM 874  H HD12 . ILE A 1 54 ? 0.148   -2.554  0.780   1.00 0.99 ? 54 ILE A HD12 1 
ATOM 875  H HD13 . ILE A 1 54 ? -1.274  -2.950  -0.183  1.00 1.13 ? 54 ILE A HD13 1 
ATOM 876  N N    . ALA A 1 55 ? -3.265  0.351   4.683   1.00 0.18 ? 55 ALA A N    1 
ATOM 877  C CA   . ALA A 1 55 ? -3.290  1.496   5.636   1.00 0.21 ? 55 ALA A CA   1 
ATOM 878  C C    . ALA A 1 55 ? -4.050  1.091   6.904   1.00 0.22 ? 55 ALA A C    1 
ATOM 879  O O    . ALA A 1 55 ? -3.734  1.529   7.992   1.00 0.25 ? 55 ALA A O    1 
ATOM 880  C CB   . ALA A 1 55 ? -3.976  2.696   4.960   1.00 0.26 ? 55 ALA A CB   1 
ATOM 881  H H    . ALA A 1 55 ? -3.623  0.458   3.777   1.00 0.20 ? 55 ALA A H    1 
ATOM 882  H HA   . ALA A 1 55 ? -2.274  1.763   5.900   1.00 0.24 ? 55 ALA A HA   1 
ATOM 883  H HB1  . ALA A 1 55 ? -4.640  2.337   4.187   1.00 1.12 ? 55 ALA A HB1  1 
ATOM 884  H HB2  . ALA A 1 55 ? -4.544  3.261   5.687   1.00 1.02 ? 55 ALA A HB2  1 
ATOM 885  H HB3  . ALA A 1 55 ? -3.228  3.337   4.518   1.00 1.02 ? 55 ALA A HB3  1 
ATOM 886  N N    . ASN A 1 56 ? -5.042  0.258   6.775   1.00 0.25 ? 56 ASN A N    1 
ATOM 887  C CA   . ASN A 1 56 ? -5.810  -0.170  7.977   1.00 0.31 ? 56 ASN A CA   1 
ATOM 888  C C    . ASN A 1 56 ? -4.852  -0.799  8.988   1.00 0.29 ? 56 ASN A C    1 
ATOM 889  O O    . ASN A 1 56 ? -4.992  -0.630  10.182  1.00 0.32 ? 56 ASN A O    1 
ATOM 890  C CB   . ASN A 1 56 ? -6.880  -1.190  7.581   1.00 0.36 ? 56 ASN A CB   1 
ATOM 891  C CG   . ASN A 1 56 ? -7.872  -1.361  8.733   1.00 1.10 ? 56 ASN A CG   1 
ATOM 892  O OD1  . ASN A 1 56 ? -7.758  -0.707  9.750   1.00 1.92 ? 56 ASN A OD1  1 
ATOM 893  N ND2  . ASN A 1 56 ? -8.848  -2.218  8.614   1.00 1.73 ? 56 ASN A ND2  1 
ATOM 894  H H    . ASN A 1 56 ? -5.274  -0.089  5.889   1.00 0.25 ? 56 ASN A H    1 
ATOM 895  H HA   . ASN A 1 56 ? -6.285  0.693   8.423   1.00 0.35 ? 56 ASN A HA   1 
ATOM 896  H HB2  . ASN A 1 56 ? -7.406  -0.838  6.707   1.00 0.77 ? 56 ASN A HB2  1 
ATOM 897  H HB3  . ASN A 1 56 ? -6.414  -2.139  7.365   1.00 0.84 ? 56 ASN A HB3  1 
ATOM 898  H HD21 . ASN A 1 56 ? -8.940  -2.744  7.793   1.00 2.09 ? 56 ASN A HD21 1 
ATOM 899  H HD22 . ASN A 1 56 ? -9.489  -2.334  9.345   1.00 2.26 ? 56 ASN A HD22 1 
ATOM 900  N N    . ALA A 1 57 ? -3.882  -1.536  8.517   1.00 0.31 ? 57 ALA A N    1 
ATOM 901  C CA   . ALA A 1 57 ? -2.919  -2.184  9.452   1.00 0.35 ? 57 ALA A CA   1 
ATOM 902  C C    . ALA A 1 57 ? -2.183  -1.113  10.264  1.00 0.28 ? 57 ALA A C    1 
ATOM 903  O O    . ALA A 1 57 ? -1.880  -1.302  11.425  1.00 0.28 ? 57 ALA A O    1 
ATOM 904  C CB   . ALA A 1 57 ? -1.912  -3.020  8.652   1.00 0.46 ? 57 ALA A CB   1 
ATOM 905  H H    . ALA A 1 57 ? -3.792  -1.669  7.547   1.00 0.34 ? 57 ALA A H    1 
ATOM 906  H HA   . ALA A 1 57 ? -3.461  -2.827  10.126  1.00 0.40 ? 57 ALA A HA   1 
ATOM 907  H HB1  . ALA A 1 57 ? -2.417  -3.492  7.822   1.00 1.05 ? 57 ALA A HB1  1 
ATOM 908  H HB2  . ALA A 1 57 ? -1.124  -2.383  8.277   1.00 1.14 ? 57 ALA A HB2  1 
ATOM 909  H HB3  . ALA A 1 57 ? -1.487  -3.779  9.292   1.00 1.14 ? 57 ALA A HB3  1 
ATOM 910  N N    . LEU A 1 58 ? -1.898  0.013   9.666   1.00 0.28 ? 58 LEU A N    1 
ATOM 911  C CA   . LEU A 1 58 ? -1.188  1.097   10.404  1.00 0.27 ? 58 LEU A CA   1 
ATOM 912  C C    . LEU A 1 58 ? -2.223  1.997   11.081  1.00 0.23 ? 58 LEU A C    1 
ATOM 913  O O    . LEU A 1 58 ? -1.901  3.044   11.604  1.00 0.27 ? 58 LEU A O    1 
ATOM 914  C CB   . LEU A 1 58 ? -0.384  1.939   9.411   1.00 0.34 ? 58 LEU A CB   1 
ATOM 915  C CG   . LEU A 1 58 ? 0.817   1.146   8.881   1.00 0.30 ? 58 LEU A CG   1 
ATOM 916  C CD1  . LEU A 1 58 ? 1.443   1.932   7.718   1.00 0.41 ? 58 LEU A CD1  1 
ATOM 917  C CD2  . LEU A 1 58 ? 1.866   0.914   10.009  1.00 0.41 ? 58 LEU A CD2  1 
ATOM 918  H H    . LEU A 1 58 ? -2.155  0.150   8.731   1.00 0.33 ? 58 LEU A H    1 
ATOM 919  H HA   . LEU A 1 58 ? -0.525  0.673   11.145  1.00 0.30 ? 58 LEU A HA   1 
ATOM 920  H HB2  . LEU A 1 58 ? -1.020  2.211   8.582   1.00 0.40 ? 58 LEU A HB2  1 
ATOM 921  H HB3  . LEU A 1 58 ? -0.037  2.834   9.898   1.00 0.40 ? 58 LEU A HB3  1 
ATOM 922  H HG   . LEU A 1 58 ? 0.464   0.193   8.511   1.00 0.32 ? 58 LEU A HG   1 
ATOM 923  H HD11 . LEU A 1 58 ? 1.625   2.950   8.028   1.00 1.07 ? 58 LEU A HD11 1 
ATOM 924  H HD12 . LEU A 1 58 ? 2.376   1.476   7.424   1.00 1.09 ? 58 LEU A HD12 1 
ATOM 925  H HD13 . LEU A 1 58 ? 0.763   1.929   6.878   1.00 1.16 ? 58 LEU A HD13 1 
ATOM 926  H HD21 . LEU A 1 58 ? 1.668   1.573   10.845  1.00 1.07 ? 58 LEU A HD21 1 
ATOM 927  H HD22 . LEU A 1 58 ? 1.809   -0.111  10.348  1.00 1.13 ? 58 LEU A HD22 1 
ATOM 928  H HD23 . LEU A 1 58 ? 2.864   1.106   9.640   1.00 1.13 ? 58 LEU A HD23 1 
ATOM 929  N N    . GLU A 1 59 ? -3.468  1.603   11.058  1.00 0.23 ? 59 GLU A N    1 
ATOM 930  C CA   . GLU A 1 59 ? -4.532  2.442   11.682  1.00 0.28 ? 59 GLU A CA   1 
ATOM 931  C C    . GLU A 1 59 ? -4.451  3.857   11.103  1.00 0.27 ? 59 GLU A C    1 
ATOM 932  O O    . GLU A 1 59 ? -4.950  4.800   11.684  1.00 0.31 ? 59 GLU A O    1 
ATOM 933  C CB   . GLU A 1 59 ? -4.338  2.497   13.211  1.00 0.34 ? 59 GLU A CB   1 
ATOM 934  C CG   . GLU A 1 59 ? -4.986  1.278   13.888  1.00 1.07 ? 59 GLU A CG   1 
ATOM 935  C CD   . GLU A 1 59 ? -5.131  1.544   15.389  1.00 1.58 ? 59 GLU A CD   1 
ATOM 936  O OE1  . GLU A 1 59 ? -4.140  1.429   16.092  1.00 2.31 ? 59 GLU A OE1  1 
ATOM 937  O OE2  . GLU A 1 59 ? -6.232  1.862   15.810  1.00 2.10 ? 59 GLU A OE2  1 
ATOM 938  H H    . GLU A 1 59 ? -3.706  0.760   10.619  1.00 0.26 ? 59 GLU A H    1 
ATOM 939  H HA   . GLU A 1 59 ? -5.500  2.024   11.449  1.00 0.33 ? 59 GLU A HA   1 
ATOM 940  H HB2  . GLU A 1 59 ? -3.281  2.505   13.434  1.00 0.75 ? 59 GLU A HB2  1 
ATOM 941  H HB3  . GLU A 1 59 ? -4.789  3.399   13.601  1.00 0.83 ? 59 GLU A HB3  1 
ATOM 942  H HG2  . GLU A 1 59 ? -5.963  1.098   13.464  1.00 1.71 ? 59 GLU A HG2  1 
ATOM 943  H HG3  . GLU A 1 59 ? -4.362  0.408   13.739  1.00 1.70 ? 59 GLU A HG3  1 
ATOM 944  N N    . THR A 1 60 ? -3.829  4.010   9.956   1.00 0.25 ? 60 THR A N    1 
ATOM 945  C CA   . THR A 1 60 ? -3.713  5.366   9.326   1.00 0.27 ? 60 THR A CA   1 
ATOM 946  C C    . THR A 1 60 ? -4.576  5.420   8.061   1.00 0.26 ? 60 THR A C    1 
ATOM 947  O O    . THR A 1 60 ? -5.365  4.534   7.797   1.00 0.28 ? 60 THR A O    1 
ATOM 948  C CB   . THR A 1 60 ? -2.241  5.649   8.976   1.00 0.28 ? 60 THR A CB   1 
ATOM 949  O OG1  . THR A 1 60 ? -2.072  7.045   8.771   1.00 0.33 ? 60 THR A OG1  1 
ATOM 950  C CG2  . THR A 1 60 ? -1.828  4.897   7.703   1.00 0.28 ? 60 THR A CG2  1 
ATOM 951  H H    . THR A 1 60 ? -3.440  3.228   9.507   1.00 0.24 ? 60 THR A H    1 
ATOM 952  H HA   . THR A 1 60 ? -4.062  6.121   10.015  1.00 0.30 ? 60 THR A HA   1 
ATOM 953  H HB   . THR A 1 60 ? -1.613  5.332   9.795   1.00 0.30 ? 60 THR A HB   1 
ATOM 954  H HG1  . THR A 1 60 ? -1.841  7.443   9.613   1.00 0.95 ? 60 THR A HG1  1 
ATOM 955  H HG21 . THR A 1 60 ? -2.307  3.930   7.681   1.00 1.06 ? 60 THR A HG21 1 
ATOM 956  H HG22 . THR A 1 60 ? -2.129  5.467   6.837   1.00 1.07 ? 60 THR A HG22 1 
ATOM 957  H HG23 . THR A 1 60 ? -0.754  4.769   7.692   1.00 1.04 ? 60 THR A HG23 1 
ATOM 958  N N    . LYS A 1 61 ? -4.427  6.461   7.283   1.00 0.26 ? 61 LYS A N    1 
ATOM 959  C CA   . LYS A 1 61 ? -5.229  6.602   6.027   1.00 0.26 ? 61 LYS A CA   1 
ATOM 960  C C    . LYS A 1 61 ? -4.299  6.348   4.820   1.00 0.23 ? 61 LYS A C    1 
ATOM 961  O O    . LYS A 1 61 ? -3.127  6.656   4.900   1.00 0.22 ? 61 LYS A O    1 
ATOM 962  C CB   . LYS A 1 61 ? -5.772  8.038   5.948   1.00 0.31 ? 61 LYS A CB   1 
ATOM 963  C CG   . LYS A 1 61 ? -6.558  8.407   7.234   1.00 0.36 ? 61 LYS A CG   1 
ATOM 964  C CD   . LYS A 1 61 ? -6.441  9.932   7.527   1.00 0.97 ? 61 LYS A CD   1 
ATOM 965  C CE   . LYS A 1 61 ? -5.285  10.253  8.516   1.00 0.96 ? 61 LYS A CE   1 
ATOM 966  N NZ   . LYS A 1 61 ? -5.830  11.057  9.649   1.00 1.83 ? 61 LYS A NZ   1 
ATOM 967  H H    . LYS A 1 61 ? -3.785  7.159   7.526   1.00 0.27 ? 61 LYS A H    1 
ATOM 968  H HA   . LYS A 1 61 ? -6.046  5.904   6.038   1.00 0.29 ? 61 LYS A HA   1 
ATOM 969  H HB2  . LYS A 1 61 ? -4.941  8.719   5.821   1.00 0.36 ? 61 LYS A HB2  1 
ATOM 970  H HB3  . LYS A 1 61 ? -6.431  8.118   5.097   1.00 0.41 ? 61 LYS A HB3  1 
ATOM 971  H HG2  . LYS A 1 61 ? -7.601  8.153   7.088   1.00 0.59 ? 61 LYS A HG2  1 
ATOM 972  H HG3  . LYS A 1 61 ? -6.183  7.844   8.070   1.00 0.69 ? 61 LYS A HG3  1 
ATOM 973  H HD2  . LYS A 1 61 ? -6.275  10.466  6.600   1.00 1.84 ? 61 LYS A HD2  1 
ATOM 974  H HD3  . LYS A 1 61 ? -7.371  10.277  7.960   1.00 1.62 ? 61 LYS A HD3  1 
ATOM 975  H HE2  . LYS A 1 61 ? -4.844  9.348   8.905   1.00 1.46 ? 61 LYS A HE2  1 
ATOM 976  H HE3  . LYS A 1 61 ? -4.520  10.830  8.012   1.00 1.54 ? 61 LYS A HE3  1 
ATOM 977  H HZ1  . LYS A 1 61 ? -6.601  10.530  10.108  1.00 2.34 ? 61 LYS A HZ1  1 
ATOM 978  H HZ2  . LYS A 1 61 ? -5.077  11.240  10.342  1.00 2.33 ? 61 LYS A HZ2  1 
ATOM 979  H HZ3  . LYS A 1 61 ? -6.197  11.962  9.287   1.00 2.30 ? 61 LYS A HZ3  1 
ATOM 980  N N    . PRO A 1 62 ? -4.818  5.813   3.725   1.00 0.23 ? 62 PRO A N    1 
ATOM 981  C CA   . PRO A 1 62 ? -3.979  5.562   2.532   1.00 0.23 ? 62 PRO A CA   1 
ATOM 982  C C    . PRO A 1 62 ? -3.376  6.886   2.031   1.00 0.22 ? 62 PRO A C    1 
ATOM 983  O O    . PRO A 1 62 ? -2.335  6.910   1.406   1.00 0.22 ? 62 PRO A O    1 
ATOM 984  C CB   . PRO A 1 62 ? -4.942  4.940   1.488   1.00 0.27 ? 62 PRO A CB   1 
ATOM 985  C CG   . PRO A 1 62 ? -6.372  4.965   2.103   1.00 0.29 ? 62 PRO A CG   1 
ATOM 986  C CD   . PRO A 1 62 ? -6.238  5.417   3.574   1.00 0.27 ? 62 PRO A CD   1 
ATOM 987  H HA   . PRO A 1 62 ? -3.191  4.864   2.771   1.00 0.24 ? 62 PRO A HA   1 
ATOM 988  H HB2  . PRO A 1 62 ? -4.922  5.509   0.564   1.00 0.27 ? 62 PRO A HB2  1 
ATOM 989  H HB3  . PRO A 1 62 ? -4.654  3.916   1.286   1.00 0.31 ? 62 PRO A HB3  1 
ATOM 990  H HG2  . PRO A 1 62 ? -6.995  5.661   1.554   1.00 0.30 ? 62 PRO A HG2  1 
ATOM 991  H HG3  . PRO A 1 62 ? -6.811  3.976   2.062   1.00 0.33 ? 62 PRO A HG3  1 
ATOM 992  H HD2  . PRO A 1 62 ? -6.891  6.256   3.775   1.00 0.29 ? 62 PRO A HD2  1 
ATOM 993  H HD3  . PRO A 1 62 ? -6.466  4.595   4.237   1.00 0.29 ? 62 PRO A HD3  1 
ATOM 994  N N    . GLU A 1 63 ? -4.029  7.984   2.302   1.00 0.27 ? 63 GLU A N    1 
ATOM 995  C CA   . GLU A 1 63 ? -3.504  9.308   1.843   1.00 0.29 ? 63 GLU A CA   1 
ATOM 996  C C    . GLU A 1 63 ? -2.120  9.568   2.459   1.00 0.27 ? 63 GLU A C    1 
ATOM 997  O O    . GLU A 1 63 ? -1.438  10.502  2.092   1.00 0.29 ? 63 GLU A O    1 
ATOM 998  C CB   . GLU A 1 63 ? -4.470  10.435  2.264   1.00 0.37 ? 63 GLU A CB   1 
ATOM 999  C CG   . GLU A 1 63 ? -5.905  9.908   2.315   1.00 1.08 ? 63 GLU A CG   1 
ATOM 1000 C CD   . GLU A 1 63 ? -6.862  11.075  2.567   1.00 1.69 ? 63 GLU A CD   1 
ATOM 1001 O OE1  . GLU A 1 63 ? -6.932  11.521  3.700   1.00 2.30 ? 63 GLU A OE1  1 
ATOM 1002 O OE2  . GLU A 1 63 ? -7.507  11.500  1.625   1.00 2.29 ? 63 GLU A OE2  1 
ATOM 1003 H H    . GLU A 1 63 ? -4.865  7.938   2.805   1.00 0.31 ? 63 GLU A H    1 
ATOM 1004 H HA   . GLU A 1 63 ? -3.417  9.297   0.763   1.00 0.30 ? 63 GLU A HA   1 
ATOM 1005 H HB2  . GLU A 1 63 ? -4.196  10.810  3.241   1.00 0.99 ? 63 GLU A HB2  1 
ATOM 1006 H HB3  . GLU A 1 63 ? -4.416  11.241  1.545   1.00 0.90 ? 63 GLU A HB3  1 
ATOM 1007 H HG2  . GLU A 1 63 ? -6.152  9.431   1.379   1.00 1.54 ? 63 GLU A HG2  1 
ATOM 1008 H HG3  . GLU A 1 63 ? -5.998  9.199   3.117   1.00 1.76 ? 63 GLU A HG3  1 
ATOM 1009 N N    . VAL A 1 64 ? -1.711  8.767   3.408   1.00 0.27 ? 64 VAL A N    1 
ATOM 1010 C CA   . VAL A 1 64 ? -0.385  8.993   4.064   1.00 0.27 ? 64 VAL A CA   1 
ATOM 1011 C C    . VAL A 1 64 ? 0.707   8.221   3.322   1.00 0.26 ? 64 VAL A C    1 
ATOM 1012 O O    . VAL A 1 64 ? 1.849   8.633   3.277   1.00 0.29 ? 64 VAL A O    1 
ATOM 1013 C CB   . VAL A 1 64 ? -0.452  8.499   5.512   1.00 0.28 ? 64 VAL A CB   1 
ATOM 1014 C CG1  . VAL A 1 64 ? 0.892   8.748   6.206   1.00 0.34 ? 64 VAL A CG1  1 
ATOM 1015 C CG2  . VAL A 1 64 ? -1.560  9.251   6.256   1.00 0.28 ? 64 VAL A CG2  1 
ATOM 1016 H H    . VAL A 1 64 ? -2.284  8.028   3.704   1.00 0.27 ? 64 VAL A H    1 
ATOM 1017 H HA   . VAL A 1 64 ? -0.148  10.049  4.059   1.00 0.29 ? 64 VAL A HA   1 
ATOM 1018 H HB   . VAL A 1 64 ? -0.667  7.440   5.519   1.00 0.29 ? 64 VAL A HB   1 
ATOM 1019 H HG11 . VAL A 1 64 ? 1.260   9.728   5.940   1.00 1.07 ? 64 VAL A HG11 1 
ATOM 1020 H HG12 . VAL A 1 64 ? 0.762   8.691   7.277   1.00 1.10 ? 64 VAL A HG12 1 
ATOM 1021 H HG13 . VAL A 1 64 ? 1.603   7.999   5.891   1.00 1.06 ? 64 VAL A HG13 1 
ATOM 1022 H HG21 . VAL A 1 64 ? -2.471  9.213   5.677   1.00 1.02 ? 64 VAL A HG21 1 
ATOM 1023 H HG22 . VAL A 1 64 ? -1.725  8.790   7.218   1.00 1.09 ? 64 VAL A HG22 1 
ATOM 1024 H HG23 . VAL A 1 64 ? -1.265  10.281  6.395   1.00 1.04 ? 64 VAL A HG23 1 
ATOM 1025 N N    . ILE A 1 65 ? 0.369   7.106   2.739   1.00 0.23 ? 65 ILE A N    1 
ATOM 1026 C CA   . ILE A 1 65 ? 1.386   6.299   2.003   1.00 0.25 ? 65 ILE A CA   1 
ATOM 1027 C C    . ILE A 1 65 ? 1.434   6.751   0.533   1.00 0.27 ? 65 ILE A C    1 
ATOM 1028 O O    . ILE A 1 65 ? 2.441   6.609   -0.131  1.00 0.32 ? 65 ILE A O    1 
ATOM 1029 C CB   . ILE A 1 65 ? 0.996   4.818   2.115   1.00 0.25 ? 65 ILE A CB   1 
ATOM 1030 C CG1  . ILE A 1 65 ? 1.019   4.382   3.610   1.00 0.28 ? 65 ILE A CG1  1 
ATOM 1031 C CG2  . ILE A 1 65 ? 1.970   3.959   1.301   1.00 0.30 ? 65 ILE A CG2  1 
ATOM 1032 C CD1  . ILE A 1 65 ? -0.164  3.446   3.908   1.00 0.76 ? 65 ILE A CD1  1 
ATOM 1033 H H    . ILE A 1 65 ? -0.558  6.792   2.789   1.00 0.23 ? 65 ILE A H    1 
ATOM 1034 H HA   . ILE A 1 65 ? 2.361   6.444   2.453   1.00 0.26 ? 65 ILE A HA   1 
ATOM 1035 H HB   . ILE A 1 65 ? 0.007   4.693   1.720   1.00 0.25 ? 65 ILE A HB   1 
ATOM 1036 H HG12 . ILE A 1 65 ? 1.944   3.865   3.830   1.00 0.57 ? 65 ILE A HG12 1 
ATOM 1037 H HG13 . ILE A 1 65 ? 0.943   5.253   4.250   1.00 0.54 ? 65 ILE A HG13 1 
ATOM 1038 H HG21 . ILE A 1 65 ? 2.975   4.139   1.646   1.00 0.99 ? 65 ILE A HG21 1 
ATOM 1039 H HG22 . ILE A 1 65 ? 1.724   2.916   1.434   1.00 1.07 ? 65 ILE A HG22 1 
ATOM 1040 H HG23 . ILE A 1 65 ? 1.893   4.215   0.253   1.00 1.10 ? 65 ILE A HG23 1 
ATOM 1041 H HD11 . ILE A 1 65 ? -1.089  3.944   3.652   1.00 1.35 ? 65 ILE A HD11 1 
ATOM 1042 H HD12 . ILE A 1 65 ? -0.069  2.544   3.322   1.00 1.28 ? 65 ILE A HD12 1 
ATOM 1043 H HD13 . ILE A 1 65 ? -0.170  3.195   4.958   1.00 1.45 ? 65 ILE A HD13 1 
ATOM 1044 N N    . TRP A 1 66 ? 0.364   7.333   0.032   1.00 0.28 ? 66 TRP A N    1 
ATOM 1045 C CA   . TRP A 1 66 ? 0.346   7.835   -1.392  1.00 0.33 ? 66 TRP A CA   1 
ATOM 1046 C C    . TRP A 1 66 ? -0.232  9.269   -1.420  1.00 0.37 ? 66 TRP A C    1 
ATOM 1047 O O    . TRP A 1 66 ? -1.331  9.466   -1.890  1.00 0.42 ? 66 TRP A O    1 
ATOM 1048 C CB   . TRP A 1 66 ? -0.545  6.917   -2.247  1.00 0.36 ? 66 TRP A CB   1 
ATOM 1049 C CG   . TRP A 1 66 ? 0.087   5.566   -2.361  1.00 0.37 ? 66 TRP A CG   1 
ATOM 1050 C CD1  . TRP A 1 66 ? 1.025   5.222   -3.272  1.00 0.43 ? 66 TRP A CD1  1 
ATOM 1051 C CD2  . TRP A 1 66 ? -0.158  4.377   -1.557  1.00 0.35 ? 66 TRP A CD2  1 
ATOM 1052 N NE1  . TRP A 1 66 ? 1.395   3.905   -3.063  1.00 0.45 ? 66 TRP A NE1  1 
ATOM 1053 C CE2  . TRP A 1 66 ? 0.696   3.338   -2.019  1.00 0.40 ? 66 TRP A CE2  1 
ATOM 1054 C CE3  . TRP A 1 66 ? -1.022  4.102   -0.474  1.00 0.32 ? 66 TRP A CE3  1 
ATOM 1055 C CZ2  . TRP A 1 66 ? 0.694   2.068   -1.424  1.00 0.42 ? 66 TRP A CZ2  1 
ATOM 1056 C CZ3  . TRP A 1 66 ? -1.028  2.824   0.129   1.00 0.35 ? 66 TRP A CZ3  1 
ATOM 1057 C CH2  . TRP A 1 66 ? -0.170  1.810   -0.345  1.00 0.39 ? 66 TRP A CH2  1 
ATOM 1058 H H    . TRP A 1 66 ? -0.425  7.461   0.598   1.00 0.29 ? 66 TRP A H    1 
ATOM 1059 H HA   . TRP A 1 66 ? 1.348   7.841   -1.798  1.00 0.36 ? 66 TRP A HA   1 
ATOM 1060 H HB2  . TRP A 1 66 ? -1.517  6.822   -1.783  1.00 0.35 ? 66 TRP A HB2  1 
ATOM 1061 H HB3  . TRP A 1 66 ? -0.657  7.341   -3.231  1.00 0.40 ? 66 TRP A HB3  1 
ATOM 1062 H HD1  . TRP A 1 66 ? 1.425   5.869   -4.034  1.00 0.47 ? 66 TRP A HD1  1 
ATOM 1063 H HE1  . TRP A 1 66 ? 2.068   3.417   -3.584  1.00 0.50 ? 66 TRP A HE1  1 
ATOM 1064 H HE3  . TRP A 1 66 ? -1.683  4.873   -0.105  1.00 0.31 ? 66 TRP A HE3  1 
ATOM 1065 H HZ2  . TRP A 1 66 ? 1.353   1.294   -1.789  1.00 0.47 ? 66 TRP A HZ2  1 
ATOM 1066 H HZ3  . TRP A 1 66 ? -1.686  2.624   0.960   1.00 0.35 ? 66 TRP A HZ3  1 
ATOM 1067 H HH2  . TRP A 1 66 ? -0.177  0.836   0.121   1.00 0.42 ? 66 TRP A HH2  1 
ATOM 1068 N N    . PRO A 1 67 ? 0.512   10.229  -0.900  1.00 0.41 ? 67 PRO A N    1 
ATOM 1069 C CA   . PRO A 1 67 ? 0.050   11.638  -0.842  1.00 0.49 ? 67 PRO A CA   1 
ATOM 1070 C C    . PRO A 1 67 ? 0.034   12.314  -2.230  1.00 0.59 ? 67 PRO A C    1 
ATOM 1071 O O    . PRO A 1 67 ? -0.836  13.114  -2.518  1.00 0.68 ? 67 PRO A O    1 
ATOM 1072 C CB   . PRO A 1 67 ? 1.073   12.339  0.086   1.00 0.52 ? 67 PRO A CB   1 
ATOM 1073 C CG   . PRO A 1 67 ? 2.270   11.364  0.272   1.00 0.49 ? 67 PRO A CG   1 
ATOM 1074 C CD   . PRO A 1 67 ? 1.855   10.000  -0.325  1.00 0.42 ? 67 PRO A CD   1 
ATOM 1075 H HA   . PRO A 1 67 ? -0.933  11.686  -0.397  1.00 0.51 ? 67 PRO A HA   1 
ATOM 1076 H HB2  . PRO A 1 67 ? 1.416   13.270  -0.358  1.00 0.59 ? 67 PRO A HB2  1 
ATOM 1077 H HB3  . PRO A 1 67 ? 0.621   12.541  1.049   1.00 0.54 ? 67 PRO A HB3  1 
ATOM 1078 H HG2  . PRO A 1 67 ? 3.141   11.748  -0.248  1.00 0.54 ? 67 PRO A HG2  1 
ATOM 1079 H HG3  . PRO A 1 67 ? 2.497   11.251  1.325   1.00 0.51 ? 67 PRO A HG3  1 
ATOM 1080 H HD2  . PRO A 1 67 ? 2.551   9.696   -1.096  1.00 0.46 ? 67 PRO A HD2  1 
ATOM 1081 H HD3  . PRO A 1 67 ? 1.802   9.257   0.450   1.00 0.39 ? 67 PRO A HD3  1 
ATOM 1082 N N    . SER A 1 68 ? 1.000   12.052  -3.071  1.00 0.77 ? 68 SER A N    1 
ATOM 1083 C CA   . SER A 1 68 ? 1.024   12.747  -4.398  1.00 0.92 ? 68 SER A CA   1 
ATOM 1084 C C    . SER A 1 68 ? -0.068  12.215  -5.318  1.00 0.78 ? 68 SER A C    1 
ATOM 1085 O O    . SER A 1 68 ? -0.293  12.748  -6.386  1.00 1.03 ? 68 SER A O    1 
ATOM 1086 C CB   . SER A 1 68 ? 2.371   12.539  -5.066  1.00 1.42 ? 68 SER A CB   1 
ATOM 1087 O OG   . SER A 1 68 ? 2.295   12.974  -6.418  1.00 2.03 ? 68 SER A OG   1 
ATOM 1088 H H    . SER A 1 68 ? 1.720   11.437  -2.821  1.00 0.90 ? 68 SER A H    1 
ATOM 1089 H HA   . SER A 1 68 ? 0.869   13.805  -4.244  1.00 1.11 ? 68 SER A HA   1 
ATOM 1090 H HB2  . SER A 1 68 ? 3.118   13.117  -4.551  1.00 1.88 ? 68 SER A HB2  1 
ATOM 1091 H HB3  . SER A 1 68 ? 2.626   11.489  -5.029  1.00 1.87 ? 68 SER A HB3  1 
ATOM 1092 H HG   . SER A 1 68 ? 2.733   12.318  -6.967  1.00 2.37 ? 68 SER A HG   1 
ATOM 1093 N N    . ARG A 1 69 ? -0.772  11.195  -4.913  1.00 0.83 ? 69 ARG A N    1 
ATOM 1094 C CA   . ARG A 1 69 ? -1.874  10.664  -5.768  1.00 1.12 ? 69 ARG A CA   1 
ATOM 1095 C C    . ARG A 1 69 ? -3.174  11.270  -5.253  1.00 1.05 ? 69 ARG A C    1 
ATOM 1096 O O    . ARG A 1 69 ? -4.139  11.420  -5.973  1.00 1.32 ? 69 ARG A O    1 
ATOM 1097 C CB   . ARG A 1 69 ? -1.922  9.135   -5.673  1.00 1.55 ? 69 ARG A CB   1 
ATOM 1098 C CG   . ARG A 1 69 ? -0.882  8.529   -6.636  1.00 1.92 ? 69 ARG A CG   1 
ATOM 1099 C CD   . ARG A 1 69 ? -1.373  8.649   -8.098  1.00 2.45 ? 69 ARG A CD   1 
ATOM 1100 N NE   . ARG A 1 69 ? -1.554  7.264   -8.651  1.00 2.62 ? 69 ARG A NE   1 
ATOM 1101 C CZ   . ARG A 1 69 ? -0.556  6.563   -9.096  1.00 2.97 ? 69 ARG A CZ   1 
ATOM 1102 N NH1  . ARG A 1 69 ? 0.621   7.112   -9.229  1.00 3.28 ? 69 ARG A NH1  1 
ATOM 1103 N NH2  . ARG A 1 69 ? -0.740  5.322   -9.452  1.00 3.61 ? 69 ARG A NH2  1 
ATOM 1104 H H    . ARG A 1 69 ? -0.592  10.793  -4.037  1.00 0.96 ? 69 ARG A H    1 
ATOM 1105 H HA   . ARG A 1 69 ? -1.716  10.963  -6.800  1.00 1.34 ? 69 ARG A HA   1 
ATOM 1106 H HB2  . ARG A 1 69 ? -1.691  8.837   -4.661  1.00 1.51 ? 69 ARG A HB2  1 
ATOM 1107 H HB3  . ARG A 1 69 ? -2.909  8.780   -5.936  1.00 1.81 ? 69 ARG A HB3  1 
ATOM 1108 H HG2  . ARG A 1 69 ? 0.057   9.052   -6.519  1.00 2.24 ? 69 ARG A HG2  1 
ATOM 1109 H HG3  . ARG A 1 69 ? -0.741  7.486   -6.393  1.00 1.94 ? 69 ARG A HG3  1 
ATOM 1110 H HD2  . ARG A 1 69 ? -2.331  9.115   -8.144  1.00 2.90 ? 69 ARG A HD2  1 
ATOM 1111 H HD3  . ARG A 1 69 ? -0.665  9.264   -8.670  1.00 2.95 ? 69 ARG A HD3  1 
ATOM 1112 H HE   . ARG A 1 69 ? -2.446  6.859   -8.631  1.00 3.00 ? 69 ARG A HE   1 
ATOM 1113 H HH11 . ARG A 1 69 ? 0.756   8.073   -8.987  1.00 3.24 ? 69 ARG A HH11 1 
ATOM 1114 H HH12 . ARG A 1 69 ? 1.387   6.572   -9.581  1.00 3.93 ? 69 ARG A HH12 1 
ATOM 1115 H HH21 . ARG A 1 69 ? -1.650  4.910   -9.380  1.00 3.88 ? 69 ARG A HH21 1 
ATOM 1116 H HH22 . ARG A 1 69 ? 0.026   4.781   -9.801  1.00 4.13 ? 69 ARG A HH22 1 
ATOM 1117 N N    . TYR A 1 70 ? -3.169  11.666  -4.006  1.00 0.87 ? 70 TYR A N    1 
ATOM 1118 C CA   . TYR A 1 70 ? -4.361  12.326  -3.394  1.00 1.05 ? 70 TYR A CA   1 
ATOM 1119 C C    . TYR A 1 70 ? -3.987  13.795  -3.185  1.00 1.29 ? 70 TYR A C    1 
ATOM 1120 O O    . TYR A 1 70 ? -3.013  14.102  -2.526  1.00 1.55 ? 70 TYR A O    1 
ATOM 1121 C CB   . TYR A 1 70 ? -4.671  11.672  -2.040  1.00 0.98 ? 70 TYR A CB   1 
ATOM 1122 C CG   . TYR A 1 70 ? -5.318  10.327  -2.270  1.00 0.99 ? 70 TYR A CG   1 
ATOM 1123 C CD1  . TYR A 1 70 ? -6.629  10.249  -2.784  1.00 1.69 ? 70 TYR A CD1  1 
ATOM 1124 C CD2  . TYR A 1 70 ? -4.608  9.153   -1.983  1.00 0.80 ? 70 TYR A CD2  1 
ATOM 1125 C CE1  . TYR A 1 70 ? -7.223  8.990   -3.006  1.00 1.85 ? 70 TYR A CE1  1 
ATOM 1126 C CE2  . TYR A 1 70 ? -5.197  7.893   -2.206  1.00 0.86 ? 70 TYR A CE2  1 
ATOM 1127 C CZ   . TYR A 1 70 ? -6.507  7.813   -2.718  1.00 1.29 ? 70 TYR A CZ   1 
ATOM 1128 O OH   . TYR A 1 70 ? -7.087  6.579   -2.938  1.00 1.53 ? 70 TYR A OH   1 
ATOM 1129 H H    . TYR A 1 70 ? -2.354  11.559  -3.473  1.00 0.78 ? 70 TYR A H    1 
ATOM 1130 H HA   . TYR A 1 70 ? -5.225  12.246  -4.051  1.00 1.24 ? 70 TYR A HA   1 
ATOM 1131 H HB2  . TYR A 1 70 ? -3.751  11.545  -1.486  1.00 0.89 ? 70 TYR A HB2  1 
ATOM 1132 H HB3  . TYR A 1 70 ? -5.344  12.299  -1.480  1.00 1.19 ? 70 TYR A HB3  1 
ATOM 1133 H HD1  . TYR A 1 70 ? -7.177  11.153  -3.006  1.00 2.22 ? 70 TYR A HD1  1 
ATOM 1134 H HD2  . TYR A 1 70 ? -3.611  9.218   -1.587  1.00 1.15 ? 70 TYR A HD2  1 
ATOM 1135 H HE1  . TYR A 1 70 ? -8.227  8.930   -3.399  1.00 2.51 ? 70 TYR A HE1  1 
ATOM 1136 H HE2  . TYR A 1 70 ? -4.648  6.991   -1.983  1.00 1.09 ? 70 TYR A HE2  1 
ATOM 1137 H HH   . TYR A 1 70 ? -6.642  6.171   -3.685  1.00 1.83 ? 70 TYR A HH   1 
ATOM 1138 N N    . GLN A 1 71 ? -4.715  14.707  -3.768  1.00 1.64 ? 71 GLN A N    1 
ATOM 1139 C CA   . GLN A 1 71 ? -4.354  16.152  -3.626  1.00 1.94 ? 71 GLN A CA   1 
ATOM 1140 C C    . GLN A 1 71 ? -5.618  17.016  -3.738  1.00 2.63 ? 71 GLN A C    1 
ATOM 1141 O O    . GLN A 1 71 ? -5.560  18.228  -3.681  1.00 3.27 ? 71 GLN A O    1 
ATOM 1142 C CB   . GLN A 1 71 ? -3.355  16.500  -4.749  1.00 2.09 ? 71 GLN A CB   1 
ATOM 1143 C CG   . GLN A 1 71 ? -3.276  18.014  -4.980  1.00 2.49 ? 71 GLN A CG   1 
ATOM 1144 C CD   . GLN A 1 71 ? -2.048  18.334  -5.838  1.00 2.85 ? 71 GLN A CD   1 
ATOM 1145 O OE1  . GLN A 1 71 ? -1.005  17.730  -5.680  1.00 3.10 ? 71 GLN A OE1  1 
ATOM 1146 N NE2  . GLN A 1 71 ? -2.131  19.263  -6.751  1.00 3.50 ? 71 GLN A NE2  1 
ATOM 1147 H H    . GLN A 1 71 ? -5.476  14.442  -4.325  1.00 1.92 ? 71 GLN A H    1 
ATOM 1148 H HA   . GLN A 1 71 ? -3.887  16.322  -2.665  1.00 1.97 ? 71 GLN A HA   1 
ATOM 1149 H HB2  . GLN A 1 71 ? -2.376  16.134  -4.476  1.00 2.12 ? 71 GLN A HB2  1 
ATOM 1150 H HB3  . GLN A 1 71 ? -3.670  16.019  -5.663  1.00 2.61 ? 71 GLN A HB3  1 
ATOM 1151 H HG2  . GLN A 1 71 ? -4.163  18.346  -5.498  1.00 3.00 ? 71 GLN A HG2  1 
ATOM 1152 H HG3  . GLN A 1 71 ? -3.196  18.523  -4.032  1.00 2.72 ? 71 GLN A HG3  1 
ATOM 1153 H HE21 . GLN A 1 71 ? -2.974  19.747  -6.881  1.00 3.82 ? 71 GLN A HE21 1 
ATOM 1154 H HE22 . GLN A 1 71 ? -1.353  19.475  -7.309  1.00 3.96 ? 71 GLN A HE22 1 
ATOM 1155 N N    . ALA A 1 72 ? -6.761  16.405  -3.882  1.00 2.93 ? 72 ALA A N    1 
ATOM 1156 C CA   . ALA A 1 72 ? -8.014  17.198  -3.990  1.00 3.75 ? 72 ALA A CA   1 
ATOM 1157 C C    . ALA A 1 72 ? -8.303  17.917  -2.665  1.00 4.06 ? 72 ALA A C    1 
ATOM 1158 O O    . ALA A 1 72 ? -9.392  18.414  -2.453  1.00 4.72 ? 72 ALA A O    1 
ATOM 1159 C CB   . ALA A 1 72 ? -9.176  16.267  -4.337  1.00 4.29 ? 72 ALA A CB   1 
ATOM 1160 H H    . ALA A 1 72 ? -6.796  15.429  -3.915  1.00 2.89 ? 72 ALA A H    1 
ATOM 1161 H HA   . ALA A 1 72 ? -7.900  17.932  -4.772  1.00 4.19 ? 72 ALA A HA   1 
ATOM 1162 H HB1  . ALA A 1 72 ? -9.147  15.398  -3.695  1.00 4.39 ? 72 ALA A HB1  1 
ATOM 1163 H HB2  . ALA A 1 72 ? -10.111 16.788  -4.195  1.00 4.68 ? 72 ALA A HB2  1 
ATOM 1164 H HB3  . ALA A 1 72 ? -9.091  15.953  -5.368  1.00 4.67 ? 72 ALA A HB3  1 
ATOM 1165 N N    . GLY A 1 73 ? -7.336  17.991  -1.777  1.00 4.02 ? 73 GLY A N    1 
ATOM 1166 C CA   . GLY A 1 73 ? -7.548  18.699  -0.470  1.00 4.78 ? 73 GLY A CA   1 
ATOM 1167 C C    . GLY A 1 73 ? -7.618  17.695  0.682   1.00 5.02 ? 73 GLY A C    1 
ATOM 1168 O O    . GLY A 1 73 ? -6.659  17.018  0.992   1.00 5.22 ? 73 GLY A O    1 
ATOM 1169 H H    . GLY A 1 73 ? -6.465  17.593  -1.974  1.00 3.81 ? 73 GLY A H    1 
ATOM 1170 H HA2  . GLY A 1 73 ? -6.721  19.371  -0.298  1.00 5.12 ? 73 GLY A HA2  1 
ATOM 1171 H HA3  . GLY A 1 73 ? -8.465  19.268  -0.500  1.00 5.22 ? 73 GLY A HA3  1 
ATOM 1172 N N    . GLU A 1 74 ? -8.746  17.617  1.335   1.00 5.45 ? 74 GLU A N    1 
ATOM 1173 C CA   . GLU A 1 74 ? -8.893  16.683  2.490   1.00 6.08 ? 74 GLU A CA   1 
ATOM 1174 C C    . GLU A 1 74 ? -9.373  15.315  1.992   1.00 6.79 ? 74 GLU A C    1 
ATOM 1175 O O    . GLU A 1 74 ? -10.202 15.289  1.097   1.00 7.18 ? 74 GLU A O    1 
ATOM 1176 C CB   . GLU A 1 74 ? -9.932  17.263  3.463   1.00 6.51 ? 74 GLU A CB   1 
ATOM 1177 C CG   . GLU A 1 74 ? -11.306 17.416  2.752   1.00 6.66 ? 74 GLU A CG   1 
ATOM 1178 C CD   . GLU A 1 74 ? -11.950 18.763  3.109   1.00 7.34 ? 74 GLU A CD   1 
ATOM 1179 O OE1  . GLU A 1 74 ? -11.807 19.183  4.245   1.00 7.78 ? 74 GLU A OE1  1 
ATOM 1180 O OE2  . GLU A 1 74 ? -12.575 19.350  2.239   1.00 7.67 ? 74 GLU A OE2  1 
ATOM 1181 O OXT  . GLU A 1 74 ? -8.903  14.316  2.514   1.00 7.18 ? 74 GLU A OXT  1 
ATOM 1182 H H    . GLU A 1 74 ? -9.499  18.191  1.077   1.00 5.60 ? 74 GLU A H    1 
ATOM 1183 H HA   . GLU A 1 74 ? -7.944  16.577  2.996   1.00 6.14 ? 74 GLU A HA   1 
ATOM 1184 H HB2  . GLU A 1 74 ? -10.033 16.597  4.310   1.00 6.73 ? 74 GLU A HB2  1 
ATOM 1185 H HB3  . GLU A 1 74 ? -9.591  18.229  3.811   1.00 6.85 ? 74 GLU A HB3  1 
ATOM 1186 H HG2  . GLU A 1 74 ? -11.176 17.363  1.677   1.00 6.62 ? 74 GLU A HG2  1 
ATOM 1187 H HG3  . GLU A 1 74 ? -11.965 16.617  3.065   1.00 6.71 ? 74 GLU A HG3  1 
# 
